data_5D0A
#
_entry.id   5D0A
#
_cell.length_a   90.587
_cell.length_b   111.118
_cell.length_c   96.008
_cell.angle_alpha   90.00
_cell.angle_beta   104.90
_cell.angle_gamma   90.00
#
_symmetry.space_group_name_H-M   'P 1 21 1'
#
loop_
_entity.id
_entity.type
_entity.pdbx_description
1 polymer 'Epoxyqueuosine reductase'
2 polymer "RNA (5'-R(*G*CP*AP*GP*AP*CP*UP*GP*UP*AP*AP*AP*UP*CP*UP*GP*C)-3')"
3 non-polymer 'IRON/SULFUR CLUSTER'
4 non-polymer COBALAMIN
5 non-polymer GLYCEROL
6 non-polymer 'PHOSPHATE ION'
7 water water
#
loop_
_entity_poly.entity_id
_entity_poly.type
_entity_poly.pdbx_seq_one_letter_code
_entity_poly.pdbx_strand_id
1 'polypeptide(L)'
;MASRGSHHHHHHGAGDRGPEFELGTRGSMNVYQLKEELIEYAKSIGVDKIGFTTADTFDSLKDRLILQESLGYLSGFEEP
DIEKRVTPKLLLPKAKSIVAIALAYPSRMKDAPRSTRTERRGIFCRASWGKDYHDVLREKLDLLEDFLKSKHEDIRTKSM
VDTGELSDRAVAERAGIGFSAKNCMITTPEYGSYVYLAEMITNIPFEPDVPIEDMCGSCTKCLDACPTGALVNPGQLNAQ
RCISFLTQTKGFLPDEFRTKIGNRLYGCDTCQTVCPLNKGKDFHLHPEMEPDPEIAKPLLKPLLAISNREFKEKFGHVSG
SWRGKKPIQRNAILALAHFKDASALPELTELMHKDPRPVIRGTAAWAIGKIGDPAYAEELEKALEKEKDEEAKLEIEKGI
ELLKASGMTKQGLSGSLEVDLQGDHGLSAWSHPQFEK
;
A,B,C,D
2 'polyribonucleotide' GCAGACUGUAAAUCUGC E,F
#
loop_
_chem_comp.id
_chem_comp.type
_chem_comp.name
_chem_comp.formula
A RNA linking ADENOSINE-5'-MONOPHOSPHATE 'C10 H14 N5 O7 P'
B12 non-polymer COBALAMIN 'C62 H89 Co N13 O14 P 2'
C RNA linking CYTIDINE-5'-MONOPHOSPHATE 'C9 H14 N3 O8 P'
G RNA linking GUANOSINE-5'-MONOPHOSPHATE 'C10 H14 N5 O8 P'
GOL non-polymer GLYCEROL 'C3 H8 O3'
PO4 non-polymer 'PHOSPHATE ION' 'O4 P -3'
SF4 non-polymer 'IRON/SULFUR CLUSTER' 'Fe4 S4'
U RNA linking URIDINE-5'-MONOPHOSPHATE 'C9 H13 N2 O9 P'
#
# COMPACT_ATOMS: atom_id res chain seq x y z
N ASN A 30 15.50 55.19 -10.29
CA ASN A 30 16.56 55.28 -9.28
C ASN A 30 16.76 53.95 -8.58
N VAL A 31 15.80 53.58 -7.73
CA VAL A 31 15.75 52.22 -7.20
C VAL A 31 15.49 51.29 -8.37
N TYR A 32 14.65 51.74 -9.31
CA TYR A 32 14.38 50.95 -10.51
C TYR A 32 15.67 50.78 -11.30
N GLN A 33 16.48 51.83 -11.29
CA GLN A 33 17.73 51.86 -12.03
C GLN A 33 18.75 50.93 -11.38
N LEU A 34 18.80 50.97 -10.05
CA LEU A 34 19.76 50.17 -9.32
C LEU A 34 19.42 48.69 -9.51
N LYS A 35 18.12 48.41 -9.60
CA LYS A 35 17.63 47.06 -9.78
C LYS A 35 18.09 46.52 -11.11
N GLU A 36 17.95 47.36 -12.13
CA GLU A 36 18.37 47.03 -13.48
C GLU A 36 19.86 46.70 -13.54
N GLU A 37 20.66 47.48 -12.83
CA GLU A 37 22.10 47.30 -12.83
C GLU A 37 22.48 46.04 -12.06
N LEU A 38 21.83 45.84 -10.92
CA LEU A 38 22.07 44.66 -10.10
C LEU A 38 21.85 43.40 -10.93
N ILE A 39 20.70 43.36 -11.60
CA ILE A 39 20.37 42.25 -12.47
C ILE A 39 21.46 42.01 -13.51
N GLU A 40 21.84 43.07 -14.21
CA GLU A 40 22.88 43.02 -15.21
C GLU A 40 24.19 42.45 -14.64
N TYR A 41 24.62 43.02 -13.53
CA TYR A 41 25.86 42.59 -12.89
C TYR A 41 25.79 41.14 -12.42
N ALA A 42 24.66 40.78 -11.78
CA ALA A 42 24.47 39.41 -11.29
C ALA A 42 24.68 38.39 -12.42
N LYS A 43 24.08 38.65 -13.57
CA LYS A 43 24.24 37.80 -14.73
C LYS A 43 25.70 37.73 -15.16
N SER A 44 26.41 38.86 -15.07
CA SER A 44 27.78 38.91 -15.59
C SER A 44 28.74 38.05 -14.75
N ILE A 45 28.41 37.87 -13.47
CA ILE A 45 29.27 37.10 -12.59
C ILE A 45 28.77 35.66 -12.50
N GLY A 46 27.79 35.32 -13.34
CA GLY A 46 27.33 33.96 -13.54
C GLY A 46 26.12 33.54 -12.72
N VAL A 47 25.39 34.49 -12.16
CA VAL A 47 24.14 34.12 -11.50
C VAL A 47 23.14 33.79 -12.60
N ASP A 48 22.44 32.66 -12.44
CA ASP A 48 21.66 32.12 -13.55
C ASP A 48 20.23 32.63 -13.51
N LYS A 49 19.75 32.98 -12.32
CA LYS A 49 18.45 33.59 -12.19
C LYS A 49 18.42 34.43 -10.92
N ILE A 50 17.80 35.59 -11.01
CA ILE A 50 17.73 36.51 -9.90
C ILE A 50 16.30 37.02 -9.74
N GLY A 51 15.85 37.15 -8.51
CA GLY A 51 14.50 37.59 -8.24
C GLY A 51 14.44 38.57 -7.10
N PHE A 52 13.29 39.23 -6.95
CA PHE A 52 13.12 40.21 -5.90
C PHE A 52 11.82 39.97 -5.15
N THR A 53 11.87 40.18 -3.84
CA THR A 53 10.66 40.13 -3.06
C THR A 53 10.82 41.15 -1.94
N THR A 54 9.73 41.40 -1.21
CA THR A 54 9.74 42.27 -0.05
C THR A 54 10.41 41.62 1.16
N ALA A 55 10.55 42.40 2.24
CA ALA A 55 11.04 41.85 3.50
C ALA A 55 9.87 41.57 4.45
N ASP A 56 8.68 41.39 3.89
CA ASP A 56 7.49 41.07 4.66
C ASP A 56 7.55 39.64 5.23
N THR A 57 6.93 39.46 6.39
CA THR A 57 6.94 38.16 7.07
C THR A 57 6.35 37.08 6.17
N PHE A 58 6.87 35.86 6.31
CA PHE A 58 6.37 34.70 5.58
C PHE A 58 5.29 34.01 6.40
N ASP A 59 4.07 34.52 6.32
CA ASP A 59 3.00 34.07 7.19
C ASP A 59 2.66 32.61 6.92
N SER A 60 2.37 32.30 5.65
CA SER A 60 2.10 30.93 5.22
C SER A 60 3.18 29.94 5.70
N LEU A 61 4.43 30.32 5.55
CA LEU A 61 5.54 29.45 5.97
C LEU A 61 5.49 29.15 7.46
N LYS A 62 5.22 30.18 8.27
CA LYS A 62 5.13 30.05 9.71
C LYS A 62 4.15 28.93 10.09
N ASP A 63 2.96 28.99 9.51
CA ASP A 63 1.95 27.98 9.77
C ASP A 63 2.45 26.62 9.31
N ARG A 64 3.13 26.61 8.16
CA ARG A 64 3.62 25.36 7.61
C ARG A 64 4.67 24.71 8.52
N LEU A 65 5.64 25.50 8.97
CA LEU A 65 6.68 25.02 9.86
C LEU A 65 6.11 24.41 11.15
N ILE A 66 5.07 25.05 11.69
CA ILE A 66 4.44 24.58 12.91
C ILE A 66 3.75 23.25 12.63
N LEU A 67 2.98 23.20 11.55
CA LEU A 67 2.32 21.96 11.18
C LEU A 67 3.35 20.83 11.00
N GLN A 68 4.38 21.06 10.19
CA GLN A 68 5.41 20.05 9.94
C GLN A 68 6.05 19.60 11.25
N GLU A 69 6.36 20.55 12.11
CA GLU A 69 6.95 20.23 13.38
C GLU A 69 6.02 19.35 14.25
N SER A 70 4.73 19.71 14.34
CA SER A 70 3.83 18.94 15.18
C SER A 70 3.63 17.54 14.61
N LEU A 71 3.81 17.38 13.31
CA LEU A 71 3.69 16.06 12.66
C LEU A 71 4.96 15.22 12.77
N GLY A 72 6.04 15.77 13.32
CA GLY A 72 7.31 15.06 13.37
C GLY A 72 7.95 14.92 11.98
N TYR A 73 7.66 15.84 11.07
CA TYR A 73 8.14 15.74 9.68
C TYR A 73 9.38 16.58 9.38
N LEU A 74 9.84 17.35 10.34
CA LEU A 74 11.05 18.13 10.09
C LEU A 74 12.28 17.24 10.21
N SER A 75 13.39 17.74 9.70
CA SER A 75 14.65 16.99 9.67
C SER A 75 15.48 17.26 10.92
N GLY A 76 15.38 18.48 11.44
CA GLY A 76 16.30 18.93 12.47
C GLY A 76 17.49 19.73 11.93
N PHE A 77 17.62 19.86 10.61
CA PHE A 77 18.67 20.72 10.02
C PHE A 77 18.18 22.16 9.83
N GLU A 78 16.89 22.38 10.10
CA GLU A 78 16.29 23.71 9.97
C GLU A 78 16.72 24.61 11.14
N GLU A 79 16.86 25.92 10.89
CA GLU A 79 17.01 26.87 12.00
C GLU A 79 15.86 26.63 13.00
N PRO A 80 16.16 26.52 14.31
CA PRO A 80 15.05 26.15 15.23
C PRO A 80 14.11 27.30 15.61
N ASP A 81 14.57 28.54 15.47
CA ASP A 81 13.75 29.69 15.88
C ASP A 81 12.84 30.14 14.74
N ILE A 82 11.56 29.77 14.83
CA ILE A 82 10.59 30.02 13.77
C ILE A 82 10.35 31.52 13.55
N GLU A 83 10.43 32.31 14.61
CA GLU A 83 10.29 33.75 14.47
C GLU A 83 11.34 34.31 13.52
N LYS A 84 12.59 33.88 13.68
CA LYS A 84 13.67 34.32 12.82
C LYS A 84 13.54 33.83 11.37
N ARG A 85 13.06 32.61 11.19
CA ARG A 85 12.90 32.00 9.87
C ARG A 85 11.90 32.73 8.98
N VAL A 86 10.93 33.41 9.59
CA VAL A 86 9.83 33.98 8.83
C VAL A 86 9.78 35.49 8.88
N THR A 87 10.74 36.08 9.59
CA THR A 87 10.74 37.52 9.79
C THR A 87 12.06 38.13 9.36
N PRO A 88 12.17 38.49 8.07
CA PRO A 88 13.37 39.16 7.53
C PRO A 88 13.81 40.40 8.33
N LYS A 89 12.84 41.16 8.85
CA LYS A 89 13.17 42.40 9.55
C LYS A 89 13.78 42.18 10.93
N LEU A 90 13.60 40.98 11.49
CA LEU A 90 14.31 40.58 12.70
C LEU A 90 15.77 40.26 12.38
N LEU A 91 16.01 39.74 11.19
CA LEU A 91 17.36 39.34 10.78
C LEU A 91 18.15 40.56 10.33
N LEU A 92 17.50 41.46 9.62
CA LEU A 92 18.15 42.70 9.20
C LEU A 92 17.25 43.86 9.58
N PRO A 93 17.67 44.64 10.58
CA PRO A 93 16.91 45.82 11.03
C PRO A 93 16.54 46.74 9.86
N LYS A 94 15.25 47.05 9.76
CA LYS A 94 14.73 48.03 8.81
C LYS A 94 14.88 47.53 7.37
N ALA A 95 14.90 46.21 7.24
CA ALA A 95 14.94 45.54 5.95
C ALA A 95 13.75 45.91 5.08
N LYS A 96 13.98 46.01 3.77
CA LYS A 96 12.93 46.40 2.82
C LYS A 96 12.73 45.40 1.70
N SER A 97 13.76 44.58 1.42
CA SER A 97 13.67 43.63 0.32
C SER A 97 14.60 42.43 0.50
N ILE A 98 14.35 41.41 -0.31
CA ILE A 98 15.24 40.27 -0.34
C ILE A 98 15.59 39.96 -1.79
N VAL A 99 16.87 39.80 -2.08
CA VAL A 99 17.27 39.44 -3.44
C VAL A 99 17.59 37.95 -3.47
N ALA A 100 16.89 37.20 -4.31
CA ALA A 100 17.09 35.76 -4.44
C ALA A 100 17.95 35.44 -5.66
N ILE A 101 18.94 34.55 -5.49
CA ILE A 101 19.72 34.15 -6.65
C ILE A 101 19.69 32.63 -6.79
N ALA A 102 19.88 32.16 -8.01
CA ALA A 102 19.93 30.73 -8.29
C ALA A 102 21.05 30.45 -9.27
N LEU A 103 21.73 29.33 -9.07
CA LEU A 103 22.73 28.88 -10.05
C LEU A 103 22.39 27.46 -10.46
N ALA A 104 22.33 27.24 -11.77
CA ALA A 104 22.09 25.91 -12.30
C ALA A 104 23.35 25.04 -12.17
N TYR A 105 23.17 23.80 -11.72
CA TYR A 105 24.29 22.88 -11.62
C TYR A 105 24.14 21.66 -12.52
N PRO A 106 25.25 21.03 -12.90
CA PRO A 106 25.16 19.88 -13.83
C PRO A 106 24.39 18.68 -13.28
N SER A 107 23.68 18.00 -14.17
CA SER A 107 22.88 16.84 -13.81
C SER A 107 23.42 15.55 -14.43
N ARG A 108 24.39 15.67 -15.35
CA ARG A 108 25.03 14.49 -15.94
C ARG A 108 26.53 14.59 -15.82
N MET A 109 27.12 13.47 -15.42
CA MET A 109 28.55 13.34 -15.19
C MET A 109 29.24 12.85 -16.47
N LYS A 110 30.12 13.67 -17.04
CA LYS A 110 30.91 13.28 -18.20
C LYS A 110 31.89 12.18 -17.82
N ASP A 111 31.86 11.07 -18.55
CA ASP A 111 32.78 9.95 -18.33
C ASP A 111 32.66 9.38 -16.93
N ALA A 112 31.44 9.09 -16.51
CA ALA A 112 31.24 8.37 -15.27
C ALA A 112 31.89 6.99 -15.38
N PRO A 113 32.69 6.60 -14.37
CA PRO A 113 33.30 5.27 -14.32
C PRO A 113 32.24 4.18 -14.13
N ARG A 114 32.55 2.95 -14.51
CA ARG A 114 31.58 1.86 -14.38
C ARG A 114 31.79 1.06 -13.08
N SER A 115 30.69 0.82 -12.37
CA SER A 115 30.69 0.09 -11.10
C SER A 115 30.65 -1.42 -11.38
N THR A 116 31.78 -2.10 -11.25
CA THR A 116 31.89 -3.52 -11.62
C THR A 116 31.76 -4.49 -10.44
N ARG A 117 31.53 -5.77 -10.74
CA ARG A 117 31.32 -6.81 -9.75
C ARG A 117 32.39 -6.79 -8.65
N THR A 118 33.64 -6.57 -9.04
CA THR A 118 34.76 -6.52 -8.10
C THR A 118 35.08 -5.08 -7.62
N GLU A 119 34.81 -4.11 -8.49
CA GLU A 119 35.08 -2.71 -8.19
C GLU A 119 33.78 -1.92 -8.05
N ARG A 120 33.06 -2.13 -6.95
CA ARG A 120 31.77 -1.47 -6.75
C ARG A 120 31.98 0.00 -6.37
N ARG A 121 31.07 0.85 -6.84
CA ARG A 121 31.11 2.28 -6.50
C ARG A 121 29.85 2.76 -5.74
N GLY A 122 30.01 3.83 -4.96
CA GLY A 122 28.85 4.55 -4.43
C GLY A 122 28.62 5.86 -5.18
N ILE A 123 27.59 6.60 -4.81
CA ILE A 123 27.24 7.81 -5.55
C ILE A 123 26.83 8.96 -4.62
N PHE A 124 27.41 10.13 -4.87
CA PHE A 124 26.98 11.37 -4.22
C PHE A 124 25.93 12.04 -5.09
N CYS A 125 24.91 12.63 -4.45
CA CYS A 125 23.88 13.39 -5.16
C CYS A 125 24.47 14.55 -5.97
N ARG A 126 23.73 14.98 -6.98
CA ARG A 126 24.17 16.07 -7.86
C ARG A 126 24.51 17.35 -7.08
N ALA A 127 23.85 17.57 -5.95
CA ALA A 127 24.07 18.80 -5.16
C ALA A 127 25.38 18.73 -4.38
N SER A 128 26.11 17.63 -4.53
CA SER A 128 27.42 17.47 -3.92
C SER A 128 28.50 17.15 -4.95
N TRP A 129 28.27 17.57 -6.19
CA TRP A 129 29.28 17.48 -7.25
C TRP A 129 30.09 18.79 -7.33
N GLY A 130 31.41 18.69 -7.39
CA GLY A 130 32.23 19.89 -7.50
C GLY A 130 32.38 20.67 -6.20
N LYS A 131 32.82 21.93 -6.31
CA LYS A 131 33.08 22.79 -5.15
C LYS A 131 31.77 23.10 -4.42
N ASP A 132 31.77 22.79 -3.13
CA ASP A 132 30.67 23.11 -2.21
C ASP A 132 29.88 24.37 -2.59
N TYR A 133 28.59 24.21 -2.88
CA TYR A 133 27.77 25.33 -3.30
C TYR A 133 27.70 26.45 -2.26
N HIS A 134 27.89 26.12 -0.97
CA HIS A 134 27.90 27.15 0.07
C HIS A 134 28.98 28.19 -0.25
N ASP A 135 30.16 27.71 -0.64
CA ASP A 135 31.28 28.59 -1.00
C ASP A 135 31.02 29.33 -2.30
N VAL A 136 30.51 28.61 -3.31
CA VAL A 136 30.29 29.23 -4.60
C VAL A 136 29.25 30.33 -4.46
N LEU A 137 28.09 30.03 -3.85
CA LEU A 137 27.03 31.02 -3.86
C LEU A 137 27.33 32.18 -2.89
N ARG A 138 28.09 31.92 -1.83
CA ARG A 138 28.48 32.99 -0.91
C ARG A 138 29.41 33.97 -1.60
N GLU A 139 30.27 33.44 -2.46
CA GLU A 139 31.23 34.26 -3.21
C GLU A 139 30.50 35.26 -4.10
N LYS A 140 29.43 34.79 -4.73
CA LYS A 140 28.62 35.60 -5.62
C LYS A 140 27.82 36.64 -4.84
N LEU A 141 27.27 36.23 -3.70
CA LEU A 141 26.58 37.17 -2.83
C LEU A 141 27.55 38.21 -2.31
N ASP A 142 28.78 37.82 -1.94
CA ASP A 142 29.74 38.82 -1.49
C ASP A 142 29.99 39.89 -2.56
N LEU A 143 29.97 39.47 -3.82
CA LEU A 143 30.17 40.40 -4.93
C LEU A 143 28.96 41.31 -5.09
N LEU A 144 27.77 40.75 -4.93
CA LEU A 144 26.53 41.53 -5.08
C LEU A 144 26.45 42.57 -3.97
N GLU A 145 26.85 42.16 -2.77
CA GLU A 145 26.91 43.06 -1.63
C GLU A 145 27.89 44.22 -1.86
N ASP A 146 29.09 43.91 -2.35
CA ASP A 146 30.10 44.95 -2.55
C ASP A 146 29.70 45.90 -3.67
N PHE A 147 29.00 45.37 -4.67
CA PHE A 147 28.36 46.18 -5.69
C PHE A 147 27.45 47.27 -5.11
N LEU A 148 26.56 46.87 -4.19
CA LEU A 148 25.63 47.81 -3.55
C LEU A 148 26.33 48.77 -2.58
N LYS A 149 27.27 48.25 -1.79
CA LYS A 149 28.00 49.05 -0.81
C LYS A 149 28.76 50.17 -1.52
N SER A 150 29.24 49.87 -2.73
CA SER A 150 30.09 50.78 -3.49
C SER A 150 29.30 51.96 -4.03
N LYS A 151 27.97 51.82 -4.09
CA LYS A 151 27.08 52.92 -4.46
C LYS A 151 26.90 53.90 -3.31
N HIS A 152 25.93 53.60 -2.45
CA HIS A 152 25.59 54.48 -1.34
C HIS A 152 26.13 53.92 -0.02
N ASP A 154 23.92 54.28 1.81
CA ASP A 154 23.79 53.76 3.17
C ASP A 154 23.15 52.36 3.13
N ILE A 155 23.46 51.59 2.09
CA ILE A 155 22.82 50.29 1.90
C ILE A 155 23.31 49.28 2.93
N ARG A 156 22.38 48.48 3.46
CA ARG A 156 22.78 47.45 4.40
C ARG A 156 22.27 46.10 3.90
N THR A 157 23.02 45.05 4.21
CA THR A 157 22.74 43.71 3.67
C THR A 157 22.97 42.62 4.71
N LYS A 158 22.29 41.51 4.52
CA LYS A 158 22.56 40.28 5.27
C LYS A 158 22.33 39.10 4.32
N SER A 159 23.36 38.30 4.10
CA SER A 159 23.29 37.25 3.08
C SER A 159 23.32 35.88 3.71
N MET A 160 22.73 34.91 3.00
CA MET A 160 22.80 33.54 3.49
C MET A 160 22.61 32.54 2.35
N VAL A 161 23.19 31.35 2.53
CA VAL A 161 22.97 30.27 1.60
C VAL A 161 22.83 28.98 2.44
N ASP A 162 21.63 28.43 2.47
CA ASP A 162 21.34 27.15 3.15
C ASP A 162 21.48 27.16 4.70
N THR A 163 22.51 27.80 5.24
CA THR A 163 22.80 27.73 6.67
C THR A 163 22.27 28.94 7.46
N GLY A 164 21.53 29.81 6.79
CA GLY A 164 20.91 30.95 7.44
C GLY A 164 19.52 30.60 7.96
N GLU A 165 18.86 31.59 8.57
CA GLU A 165 17.56 31.40 9.23
C GLU A 165 16.36 31.26 8.28
N LEU A 166 16.42 31.95 7.15
CA LEU A 166 15.34 31.90 6.16
C LEU A 166 15.15 30.52 5.54
N SER A 167 13.94 30.27 5.05
CA SER A 167 13.71 29.18 4.12
C SER A 167 14.12 29.69 2.75
N ASP A 168 15.18 29.11 2.20
CA ASP A 168 15.65 29.54 0.87
C ASP A 168 14.57 29.33 -0.19
N ARG A 169 13.83 28.24 -0.07
CA ARG A 169 12.78 27.94 -1.03
C ARG A 169 11.62 28.94 -0.96
N ALA A 170 11.24 29.34 0.27
CA ALA A 170 10.14 30.28 0.45
C ALA A 170 10.53 31.65 -0.15
N VAL A 171 11.76 32.08 0.09
CA VAL A 171 12.28 33.30 -0.50
C VAL A 171 12.24 33.23 -2.03
N ALA A 172 12.77 32.15 -2.59
CA ALA A 172 12.82 31.97 -4.04
C ALA A 172 11.43 31.85 -4.68
N GLU A 173 10.47 31.22 -3.99
CA GLU A 173 9.10 31.17 -4.53
C GLU A 173 8.51 32.57 -4.62
N ARG A 174 8.65 33.33 -3.55
CA ARG A 174 8.00 34.61 -3.48
C ARG A 174 8.72 35.64 -4.36
N ALA A 175 9.91 35.30 -4.85
CA ALA A 175 10.68 36.21 -5.69
C ALA A 175 10.62 35.84 -7.16
N GLY A 176 9.85 34.82 -7.50
CA GLY A 176 9.65 34.43 -8.89
C GLY A 176 10.75 33.58 -9.51
N ILE A 177 11.64 32.99 -8.68
CA ILE A 177 12.72 32.18 -9.21
C ILE A 177 12.17 30.91 -9.85
N GLY A 178 11.27 30.26 -9.14
CA GLY A 178 10.62 29.04 -9.62
C GLY A 178 9.38 28.79 -8.79
N PHE A 179 8.61 27.77 -9.12
CA PHE A 179 7.47 27.44 -8.26
C PHE A 179 7.81 26.24 -7.36
N SER A 180 6.93 26.01 -6.38
CA SER A 180 7.05 24.86 -5.46
C SER A 180 6.37 23.62 -6.04
N ALA A 181 7.16 22.71 -6.58
CA ALA A 181 6.63 21.50 -7.18
C ALA A 181 6.21 20.48 -6.12
N LYS A 182 5.54 19.43 -6.57
CA LYS A 182 5.01 18.42 -5.68
C LYS A 182 6.10 17.61 -4.96
N ASN A 183 7.33 17.66 -5.48
CA ASN A 183 8.46 16.94 -4.85
C ASN A 183 9.20 17.83 -3.87
N CYS A 184 8.62 19.01 -3.64
CA CYS A 184 9.06 20.06 -2.71
C CYS A 184 10.14 20.98 -3.32
N MET A 185 10.63 20.63 -4.49
CA MET A 185 11.70 21.42 -5.12
C MET A 185 11.18 22.74 -5.70
N ILE A 186 11.94 23.82 -5.52
CA ILE A 186 11.75 25.02 -6.36
C ILE A 186 12.20 24.66 -7.77
N THR A 187 11.29 24.77 -8.71
CA THR A 187 11.52 24.31 -10.08
C THR A 187 11.37 25.47 -11.05
N THR A 188 12.44 25.72 -11.82
CA THR A 188 12.51 26.83 -12.77
C THR A 188 12.20 26.38 -14.19
N PRO A 189 11.60 27.26 -15.01
CA PRO A 189 11.31 26.83 -16.38
C PRO A 189 12.58 26.53 -17.20
N GLU A 190 13.62 27.33 -17.05
CA GLU A 190 14.83 27.14 -17.85
C GLU A 190 15.68 25.97 -17.34
N TYR A 191 15.93 25.95 -16.04
CA TYR A 191 16.94 25.09 -15.46
C TYR A 191 16.37 23.88 -14.68
N GLY A 192 15.04 23.79 -14.60
CA GLY A 192 14.40 22.72 -13.85
C GLY A 192 14.59 22.91 -12.36
N SER A 193 14.65 21.79 -11.61
CA SER A 193 14.87 21.82 -10.15
C SER A 193 16.36 21.81 -9.79
N TYR A 194 17.21 21.69 -10.80
CA TYR A 194 18.64 21.53 -10.58
C TYR A 194 19.31 22.89 -10.36
N VAL A 195 18.91 23.59 -9.31
CA VAL A 195 19.50 24.88 -8.99
C VAL A 195 19.82 24.95 -7.51
N TYR A 196 20.94 25.60 -7.19
CA TYR A 196 21.30 26.03 -5.85
C TYR A 196 20.64 27.41 -5.57
N LEU A 197 20.06 27.60 -4.37
CA LEU A 197 19.43 28.86 -4.00
C LEU A 197 20.24 29.62 -2.95
N ALA A 198 20.20 30.95 -3.02
CA ALA A 198 20.77 31.80 -1.98
C ALA A 198 20.02 33.13 -1.99
N GLU A 199 20.23 33.98 -1.01
CA GLU A 199 19.52 35.24 -1.00
C GLU A 199 20.19 36.28 -0.13
N MET A 200 19.79 37.53 -0.34
CA MET A 200 20.38 38.68 0.32
C MET A 200 19.28 39.64 0.75
N ILE A 201 19.13 39.79 2.07
CA ILE A 201 18.21 40.78 2.61
C ILE A 201 18.87 42.17 2.53
N THR A 202 18.10 43.16 2.10
CA THR A 202 18.61 44.53 2.02
C THR A 202 17.64 45.55 2.62
N ASN A 203 18.12 46.76 2.85
CA ASN A 203 17.25 47.89 3.21
C ASN A 203 16.88 48.74 2.01
N ILE A 204 16.83 48.11 0.84
CA ILE A 204 16.49 48.82 -0.40
C ILE A 204 15.09 48.47 -0.86
N PRO A 205 14.23 49.47 -1.07
CA PRO A 205 12.84 49.11 -1.34
C PRO A 205 12.64 48.67 -2.78
N PHE A 206 13.39 47.67 -3.26
CA PHE A 206 13.18 47.15 -4.61
C PHE A 206 11.73 46.75 -4.88
N GLU A 207 11.27 46.97 -6.10
CA GLU A 207 9.97 46.47 -6.54
C GLU A 207 9.99 44.95 -6.60
N PRO A 208 9.04 44.29 -5.92
CA PRO A 208 9.04 42.83 -5.95
C PRO A 208 8.62 42.27 -7.32
N ASP A 209 8.99 41.02 -7.55
CA ASP A 209 8.57 40.30 -8.75
C ASP A 209 7.30 39.51 -8.45
N VAL A 210 6.74 38.83 -9.46
CA VAL A 210 5.52 38.06 -9.27
C VAL A 210 5.80 36.54 -9.22
N PRO A 211 5.17 35.82 -8.27
CA PRO A 211 5.36 34.36 -8.27
C PRO A 211 4.99 33.74 -9.61
N ILE A 212 5.61 32.62 -9.99
CA ILE A 212 5.32 32.03 -11.29
C ILE A 212 4.38 30.82 -11.22
N GLU A 213 3.87 30.42 -12.38
CA GLU A 213 2.83 29.41 -12.47
C GLU A 213 3.31 28.02 -12.04
N ASP A 214 2.43 27.25 -11.41
CA ASP A 214 2.72 25.87 -11.06
C ASP A 214 2.52 24.97 -12.27
N MET A 215 3.55 24.19 -12.61
CA MET A 215 3.55 23.45 -13.86
C MET A 215 3.42 21.95 -13.67
N CYS A 216 3.09 21.53 -12.46
CA CYS A 216 3.07 20.09 -12.17
C CYS A 216 1.82 19.44 -12.74
N GLY A 217 0.73 20.19 -12.81
CA GLY A 217 -0.53 19.66 -13.29
C GLY A 217 -0.97 18.44 -12.50
N SER A 218 -1.36 17.39 -13.20
CA SER A 218 -1.89 16.20 -12.54
C SER A 218 -0.81 15.15 -12.29
N CYS A 219 0.43 15.51 -12.56
CA CYS A 219 1.53 14.55 -12.44
C CYS A 219 1.77 14.14 -10.97
N THR A 220 2.09 12.86 -10.76
CA THR A 220 2.51 12.35 -9.45
C THR A 220 3.74 11.45 -9.55
N LYS A 221 4.60 11.68 -10.55
CA LYS A 221 5.71 10.77 -10.79
C LYS A 221 6.72 10.72 -9.64
N CYS A 222 7.02 11.87 -9.04
CA CYS A 222 7.96 11.94 -7.94
C CYS A 222 7.39 11.23 -6.72
N LEU A 223 6.11 11.45 -6.45
CA LEU A 223 5.47 10.87 -5.27
C LEU A 223 5.47 9.34 -5.36
N ASP A 224 5.18 8.81 -6.54
CA ASP A 224 5.17 7.37 -6.76
C ASP A 224 6.59 6.77 -6.82
N ALA A 225 7.58 7.58 -7.20
CA ALA A 225 8.92 7.04 -7.39
C ALA A 225 9.73 7.00 -6.09
N CYS A 226 9.38 7.86 -5.15
CA CYS A 226 10.16 7.99 -3.92
C CYS A 226 10.29 6.66 -3.21
N PRO A 227 11.52 6.20 -3.00
CA PRO A 227 11.76 4.83 -2.52
C PRO A 227 11.17 4.55 -1.14
N THR A 228 10.87 5.58 -0.36
CA THR A 228 10.45 5.36 1.03
C THR A 228 9.08 5.92 1.30
N GLY A 229 8.49 6.53 0.27
CA GLY A 229 7.23 7.22 0.39
C GLY A 229 7.36 8.43 1.29
N ALA A 230 8.54 9.05 1.34
CA ALA A 230 8.76 10.22 2.21
C ALA A 230 7.88 11.39 1.78
N LEU A 231 7.58 11.46 0.48
CA LEU A 231 6.65 12.48 0.00
C LEU A 231 5.23 12.04 0.32
N VAL A 232 4.76 12.41 1.52
CA VAL A 232 3.50 11.88 2.07
C VAL A 232 2.28 12.52 1.42
N ASN A 233 2.40 13.78 0.98
CA ASN A 233 1.42 14.45 0.14
C ASN A 233 2.20 15.35 -0.82
N PRO A 234 1.55 15.89 -1.88
CA PRO A 234 2.25 16.86 -2.74
C PRO A 234 2.80 18.03 -1.96
N GLY A 235 4.08 18.31 -2.10
CA GLY A 235 4.68 19.46 -1.44
C GLY A 235 4.87 19.21 0.04
N GLN A 236 4.83 17.94 0.44
CA GLN A 236 4.95 17.64 1.85
C GLN A 236 5.94 16.48 2.07
N LEU A 237 7.03 16.78 2.75
CA LEU A 237 8.05 15.78 3.02
C LEU A 237 8.00 15.38 4.48
N ASN A 238 7.98 14.07 4.74
CA ASN A 238 8.37 13.55 6.04
C ASN A 238 9.87 13.33 5.97
N ALA A 239 10.63 14.31 6.45
CA ALA A 239 12.09 14.31 6.29
C ALA A 239 12.73 13.13 7.00
N GLN A 240 12.06 12.60 8.03
CA GLN A 240 12.58 11.44 8.78
C GLN A 240 12.66 10.17 7.92
N ARG A 241 11.87 10.13 6.85
CA ARG A 241 11.83 8.95 5.98
C ARG A 241 12.57 9.22 4.67
N CYS A 242 13.04 10.45 4.49
CA CYS A 242 13.73 10.83 3.26
C CYS A 242 15.19 10.30 3.21
N ILE A 243 15.51 9.55 2.15
CA ILE A 243 16.84 8.98 1.99
C ILE A 243 17.95 10.05 2.07
N SER A 244 17.69 11.23 1.53
CA SER A 244 18.70 12.29 1.58
C SER A 244 19.03 12.63 3.04
N PHE A 245 18.01 12.86 3.87
CA PHE A 245 18.23 13.01 5.31
C PHE A 245 18.90 11.77 5.90
N LEU A 246 18.36 10.60 5.63
CA LEU A 246 18.88 9.36 6.24
C LEU A 246 20.38 9.17 5.97
N THR A 247 20.86 9.50 4.77
CA THR A 247 22.31 9.37 4.47
C THR A 247 23.18 10.25 5.37
N GLN A 248 22.61 11.29 5.97
CA GLN A 248 23.42 12.25 6.70
C GLN A 248 23.41 12.05 8.21
N THR A 249 22.71 11.03 8.68
CA THR A 249 22.62 10.77 10.11
C THR A 249 23.89 10.05 10.60
N LYS A 250 24.25 10.31 11.85
CA LYS A 250 25.50 9.82 12.39
C LYS A 250 25.35 8.50 13.17
N GLY A 251 24.12 8.14 13.50
CA GLY A 251 23.86 6.91 14.24
C GLY A 251 23.63 5.71 13.34
N PHE A 252 22.96 4.71 13.89
CA PHE A 252 22.63 3.50 13.16
C PHE A 252 21.45 3.78 12.23
N LEU A 253 21.53 3.34 10.98
CA LEU A 253 20.40 3.47 10.08
C LEU A 253 19.31 2.46 10.45
N PRO A 254 18.06 2.93 10.63
CA PRO A 254 16.99 1.97 10.91
C PRO A 254 16.89 0.93 9.81
N ASP A 255 16.72 -0.33 10.23
CA ASP A 255 16.76 -1.48 9.35
C ASP A 255 15.86 -1.37 8.11
N GLU A 256 14.67 -0.81 8.27
CA GLU A 256 13.78 -0.72 7.13
C GLU A 256 14.36 0.16 5.99
N PHE A 257 15.39 0.97 6.26
CA PHE A 257 15.98 1.75 5.16
C PHE A 257 17.29 1.16 4.62
N ARG A 258 17.80 0.11 5.26
CA ARG A 258 19.12 -0.42 4.88
C ARG A 258 19.08 -1.07 3.51
N THR A 259 17.89 -1.46 3.07
CA THR A 259 17.72 -2.01 1.73
C THR A 259 17.16 -1.01 0.71
N LYS A 260 16.89 0.22 1.12
CA LYS A 260 16.28 1.21 0.22
C LYS A 260 17.30 2.25 -0.20
N ILE A 261 18.43 2.28 0.50
CA ILE A 261 19.44 3.32 0.29
C ILE A 261 20.29 3.00 -0.94
N GLY A 262 20.28 1.73 -1.36
CA GLY A 262 21.01 1.32 -2.55
C GLY A 262 22.48 1.61 -2.39
N ASN A 263 23.08 2.26 -3.39
CA ASN A 263 24.49 2.60 -3.31
C ASN A 263 24.72 4.10 -3.10
N ARG A 264 23.73 4.78 -2.53
CA ARG A 264 23.83 6.22 -2.28
C ARG A 264 24.70 6.48 -1.06
N LEU A 265 25.69 7.33 -1.21
CA LEU A 265 26.61 7.67 -0.12
C LEU A 265 26.21 8.95 0.58
N TYR A 266 25.55 9.82 -0.18
CA TYR A 266 25.16 11.14 0.31
C TYR A 266 24.07 11.70 -0.58
N GLY A 267 22.97 12.11 0.04
CA GLY A 267 21.85 12.66 -0.70
C GLY A 267 21.09 11.67 -1.55
N CYS A 268 20.01 12.14 -2.16
CA CYS A 268 19.16 11.31 -3.02
C CYS A 268 18.53 12.20 -4.10
N ASP A 269 18.53 11.74 -5.36
CA ASP A 269 18.11 12.57 -6.51
C ASP A 269 16.85 12.06 -7.21
N THR A 270 16.27 10.96 -6.70
CA THR A 270 15.21 10.25 -7.41
C THR A 270 13.98 11.11 -7.77
N CYS A 271 13.50 11.94 -6.84
CA CYS A 271 12.34 12.80 -7.12
C CYS A 271 12.65 13.94 -8.09
N GLN A 272 13.92 14.12 -8.44
CA GLN A 272 14.26 15.10 -9.46
C GLN A 272 14.54 14.44 -10.81
N THR A 273 15.31 13.36 -10.80
CA THR A 273 15.71 12.65 -12.02
C THR A 273 14.51 12.05 -12.74
N VAL A 274 13.44 11.76 -11.99
CA VAL A 274 12.25 11.13 -12.54
C VAL A 274 11.28 12.20 -13.05
N CYS A 275 11.58 13.44 -12.73
CA CYS A 275 10.69 14.56 -13.05
C CYS A 275 10.78 14.98 -14.50
N PRO A 276 9.63 15.00 -15.21
CA PRO A 276 9.54 15.45 -16.61
C PRO A 276 10.04 16.87 -16.81
N LEU A 277 9.87 17.75 -15.83
CA LEU A 277 10.32 19.13 -15.95
C LEU A 277 11.85 19.23 -15.96
N ASN A 278 12.53 18.14 -15.63
CA ASN A 278 13.99 18.13 -15.65
C ASN A 278 14.57 17.43 -16.86
N LYS A 279 13.70 16.82 -17.68
CA LYS A 279 14.14 16.15 -18.90
C LYS A 279 14.93 17.11 -19.82
N GLY A 280 16.12 16.70 -20.20
CA GLY A 280 17.00 17.52 -21.02
C GLY A 280 17.80 18.57 -20.28
N LYS A 281 17.56 18.71 -18.98
CA LYS A 281 18.22 19.78 -18.22
C LYS A 281 19.57 19.34 -17.68
N ASP A 282 20.64 19.64 -18.41
CA ASP A 282 22.01 19.32 -18.01
C ASP A 282 22.96 20.49 -18.24
N PHE A 283 22.89 21.48 -17.35
CA PHE A 283 23.63 22.73 -17.54
C PHE A 283 25.03 22.69 -16.96
N HIS A 284 26.00 23.06 -17.78
CA HIS A 284 27.41 23.11 -17.39
C HIS A 284 27.94 24.53 -17.51
N LEU A 285 27.48 25.42 -16.65
CA LEU A 285 27.78 26.84 -16.78
C LEU A 285 28.83 27.32 -15.78
N HIS A 286 29.24 26.44 -14.88
CA HIS A 286 30.15 26.79 -13.80
C HIS A 286 31.24 25.72 -13.64
N PRO A 287 32.43 25.98 -14.20
CA PRO A 287 33.49 24.95 -14.23
C PRO A 287 33.78 24.30 -12.87
N GLU A 288 33.66 25.04 -11.76
CA GLU A 288 34.07 24.50 -10.48
C GLU A 288 33.00 23.55 -9.91
N MET A 289 31.84 23.47 -10.58
CA MET A 289 30.76 22.55 -10.22
C MET A 289 30.89 21.20 -10.90
N GLU A 290 31.82 21.09 -11.85
CA GLU A 290 32.03 19.86 -12.58
C GLU A 290 32.47 18.74 -11.65
N PRO A 291 31.75 17.61 -11.70
CA PRO A 291 32.13 16.50 -10.83
C PRO A 291 33.48 15.88 -11.18
N ASP A 292 34.24 15.56 -10.15
CA ASP A 292 35.38 14.68 -10.29
C ASP A 292 34.84 13.27 -10.05
N PRO A 293 34.70 12.49 -11.14
CA PRO A 293 34.04 11.18 -11.10
C PRO A 293 34.62 10.22 -10.05
N GLU A 294 35.92 10.30 -9.75
CA GLU A 294 36.50 9.39 -8.75
C GLU A 294 36.08 9.73 -7.31
N ILE A 295 35.54 10.91 -7.06
CA ILE A 295 35.05 11.17 -5.70
C ILE A 295 33.55 11.34 -5.66
N ALA A 296 32.95 11.69 -6.79
CA ALA A 296 31.50 11.80 -6.87
C ALA A 296 30.89 10.42 -6.99
N LYS A 297 31.66 9.50 -7.58
CA LYS A 297 31.22 8.13 -7.71
C LYS A 297 32.39 7.20 -7.33
N PRO A 298 32.81 7.24 -6.07
CA PRO A 298 34.04 6.60 -5.59
C PRO A 298 33.89 5.10 -5.36
N LEU A 299 34.99 4.38 -5.49
CA LEU A 299 35.02 2.96 -5.15
C LEU A 299 34.71 2.79 -3.67
N LEU A 300 33.88 1.80 -3.34
CA LEU A 300 33.45 1.62 -1.97
C LEU A 300 34.57 1.11 -1.05
N LYS A 301 35.31 0.09 -1.48
CA LYS A 301 36.29 -0.51 -0.59
C LYS A 301 37.41 0.42 -0.12
N PRO A 302 37.91 1.32 -0.99
CA PRO A 302 38.95 2.18 -0.42
C PRO A 302 38.42 3.18 0.60
N LEU A 303 37.12 3.49 0.51
CA LEU A 303 36.52 4.41 1.47
C LEU A 303 36.53 3.82 2.87
N LEU A 304 36.39 2.51 2.98
CA LEU A 304 36.34 1.86 4.30
C LEU A 304 37.66 2.02 5.06
N ALA A 305 38.73 2.34 4.35
CA ALA A 305 40.05 2.42 4.98
C ALA A 305 40.75 3.79 4.79
N ILE A 306 40.00 4.79 4.34
CA ILE A 306 40.62 6.09 4.06
C ILE A 306 41.12 6.76 5.35
N SER A 307 42.29 7.38 5.29
CA SER A 307 42.78 8.17 6.43
C SER A 307 42.03 9.50 6.49
N ASN A 308 42.07 10.16 7.64
CA ASN A 308 41.45 11.48 7.78
C ASN A 308 42.08 12.51 6.87
N ARG A 309 43.41 12.51 6.81
CA ARG A 309 44.12 13.39 5.90
C ARG A 309 43.65 13.16 4.48
N GLU A 310 43.52 11.90 4.08
CA GLU A 310 43.14 11.59 2.70
C GLU A 310 41.68 11.97 2.44
N PHE A 311 40.82 11.75 3.43
CA PHE A 311 39.41 12.13 3.31
C PHE A 311 39.30 13.65 3.17
N LYS A 312 40.08 14.37 3.98
CA LYS A 312 40.02 15.81 3.94
C LYS A 312 40.52 16.32 2.59
N GLU A 313 41.60 15.71 2.08
CA GLU A 313 42.15 16.12 0.78
C GLU A 313 41.21 15.79 -0.38
N LYS A 314 40.60 14.62 -0.36
CA LYS A 314 39.76 14.24 -1.49
C LYS A 314 38.35 14.84 -1.43
N PHE A 315 37.73 14.79 -0.27
CA PHE A 315 36.30 15.03 -0.14
C PHE A 315 36.01 16.33 0.56
N GLY A 316 37.06 16.94 1.11
CA GLY A 316 36.91 18.12 1.94
C GLY A 316 36.27 19.34 1.29
N HIS A 317 36.27 19.41 -0.04
CA HIS A 317 35.70 20.60 -0.69
C HIS A 317 34.33 20.35 -1.34
N VAL A 318 33.75 19.18 -1.11
CA VAL A 318 32.39 18.92 -1.59
C VAL A 318 31.40 19.13 -0.44
N SER A 319 30.16 19.48 -0.79
CA SER A 319 29.15 19.76 0.23
C SER A 319 28.84 18.51 1.04
N GLY A 320 29.01 17.34 0.43
CA GLY A 320 28.67 16.09 1.08
C GLY A 320 29.61 15.68 2.19
N SER A 321 30.64 16.46 2.44
CA SER A 321 31.57 16.08 3.50
C SER A 321 31.34 16.86 4.78
N TRP A 322 30.22 17.57 4.86
CA TRP A 322 30.01 18.55 5.93
C TRP A 322 29.77 17.89 7.28
N ARG A 323 29.43 16.60 7.27
CA ARG A 323 29.32 15.82 8.51
C ARG A 323 30.51 14.88 8.73
N GLY A 324 31.60 15.10 8.00
CA GLY A 324 32.75 14.22 8.13
C GLY A 324 32.56 12.86 7.46
N LYS A 325 33.49 11.94 7.71
CA LYS A 325 33.50 10.70 6.97
C LYS A 325 32.62 9.58 7.55
N LYS A 326 32.08 9.73 8.76
CA LYS A 326 31.41 8.57 9.37
C LYS A 326 30.12 8.16 8.62
N PRO A 327 29.21 9.12 8.31
CA PRO A 327 28.00 8.71 7.58
C PRO A 327 28.32 8.08 6.24
N ILE A 328 29.28 8.69 5.54
CA ILE A 328 29.72 8.20 4.25
CA ILE A 328 29.75 8.20 4.25
C ILE A 328 30.27 6.76 4.37
N GLN A 329 31.09 6.50 5.38
CA GLN A 329 31.63 5.15 5.55
C GLN A 329 30.57 4.13 5.97
N ARG A 330 29.63 4.58 6.80
CA ARG A 330 28.51 3.72 7.19
C ARG A 330 27.70 3.36 5.94
N ASN A 331 27.48 4.34 5.08
CA ASN A 331 26.68 4.12 3.88
C ASN A 331 27.42 3.23 2.85
N ALA A 332 28.74 3.30 2.84
CA ALA A 332 29.52 2.47 1.93
C ALA A 332 29.45 1.00 2.38
N ILE A 333 29.43 0.79 3.69
CA ILE A 333 29.26 -0.56 4.23
C ILE A 333 27.91 -1.10 3.77
N LEU A 334 26.85 -0.29 3.89
CA LEU A 334 25.51 -0.69 3.45
C LEU A 334 25.44 -0.91 1.94
N ALA A 335 26.14 -0.08 1.18
CA ALA A 335 26.22 -0.25 -0.27
C ALA A 335 26.86 -1.61 -0.62
N LEU A 336 27.94 -1.97 0.06
CA LEU A 336 28.56 -3.27 -0.19
C LEU A 336 27.64 -4.44 0.20
N ALA A 337 26.90 -4.30 1.31
CA ALA A 337 25.90 -5.31 1.66
C ALA A 337 24.84 -5.41 0.57
N HIS A 338 24.49 -4.26 0.02
CA HIS A 338 23.52 -4.12 -1.07
C HIS A 338 23.98 -4.86 -2.33
N PHE A 339 25.27 -4.73 -2.65
CA PHE A 339 25.84 -5.40 -3.81
C PHE A 339 26.24 -6.84 -3.49
N LYS A 340 26.03 -7.23 -2.23
CA LYS A 340 26.48 -8.52 -1.69
C LYS A 340 27.91 -8.85 -2.12
N ASP A 341 28.81 -7.91 -1.86
CA ASP A 341 30.21 -8.03 -2.31
C ASP A 341 31.02 -8.93 -1.35
N ALA A 342 31.14 -10.20 -1.69
CA ALA A 342 31.79 -11.15 -0.81
C ALA A 342 33.27 -10.79 -0.63
N SER A 343 33.83 -10.10 -1.63
CA SER A 343 35.22 -9.65 -1.58
C SER A 343 35.49 -8.55 -0.54
N ALA A 344 34.45 -7.91 -0.03
CA ALA A 344 34.62 -6.94 1.05
C ALA A 344 34.60 -7.58 2.45
N LEU A 345 34.23 -8.87 2.51
CA LEU A 345 34.03 -9.54 3.81
C LEU A 345 35.25 -9.53 4.74
N PRO A 346 36.47 -9.73 4.21
CA PRO A 346 37.64 -9.59 5.12
C PRO A 346 37.81 -8.16 5.69
N GLU A 347 37.73 -7.13 4.85
CA GLU A 347 37.83 -5.77 5.38
CA GLU A 347 37.79 -5.75 5.32
C GLU A 347 36.68 -5.48 6.35
N LEU A 348 35.48 -5.95 6.06
CA LEU A 348 34.35 -5.73 6.97
C LEU A 348 34.58 -6.41 8.30
N THR A 349 35.24 -7.58 8.25
CA THR A 349 35.52 -8.34 9.44
C THR A 349 36.52 -7.61 10.32
N GLU A 350 37.52 -7.00 9.67
CA GLU A 350 38.50 -6.19 10.37
C GLU A 350 37.83 -4.96 11.03
N LEU A 351 36.98 -4.27 10.26
CA LEU A 351 36.24 -3.11 10.82
C LEU A 351 35.37 -3.53 12.01
N MET A 352 34.59 -4.60 11.84
CA MET A 352 33.78 -5.13 12.94
C MET A 352 34.60 -5.31 14.22
N HIS A 353 35.88 -5.66 14.06
CA HIS A 353 36.74 -5.92 15.22
C HIS A 353 37.51 -4.69 15.70
N LYS A 354 38.01 -3.89 14.77
CA LYS A 354 39.02 -2.91 15.07
C LYS A 354 38.54 -1.44 15.05
N ASP A 355 37.52 -1.11 14.25
CA ASP A 355 37.11 0.30 14.16
C ASP A 355 36.64 0.84 15.51
N PRO A 356 37.15 2.01 15.93
CA PRO A 356 36.79 2.51 17.26
C PRO A 356 35.34 3.03 17.38
N ARG A 357 34.59 3.07 16.28
CA ARG A 357 33.22 3.61 16.31
C ARG A 357 32.17 2.48 16.31
N PRO A 358 31.30 2.44 17.35
CA PRO A 358 30.25 1.40 17.46
C PRO A 358 29.37 1.29 16.22
N VAL A 359 29.05 2.42 15.60
CA VAL A 359 28.21 2.42 14.40
C VAL A 359 28.88 1.70 13.23
N ILE A 360 30.19 1.85 13.12
CA ILE A 360 30.93 1.21 12.04
C ILE A 360 31.10 -0.32 12.32
N ARG A 361 31.57 -0.68 13.51
CA ARG A 361 31.66 -2.11 13.89
C ARG A 361 30.31 -2.83 13.72
N GLY A 362 29.25 -2.20 14.23
CA GLY A 362 27.92 -2.77 14.14
C GLY A 362 27.35 -2.90 12.74
N THR A 363 27.47 -1.85 11.93
CA THR A 363 26.96 -1.89 10.57
C THR A 363 27.77 -2.88 9.71
N ALA A 364 29.06 -2.97 9.97
CA ALA A 364 29.91 -3.98 9.34
C ALA A 364 29.46 -5.42 9.69
N ALA A 365 29.10 -5.65 10.95
CA ALA A 365 28.66 -6.99 11.34
C ALA A 365 27.36 -7.37 10.65
N TRP A 366 26.42 -6.44 10.61
CA TRP A 366 25.17 -6.61 9.90
C TRP A 366 25.40 -6.91 8.42
N ALA A 367 26.26 -6.12 7.78
CA ALA A 367 26.64 -6.31 6.36
C ALA A 367 27.21 -7.72 6.09
N ILE A 368 28.14 -8.15 6.94
CA ILE A 368 28.69 -9.52 6.83
C ILE A 368 27.56 -10.57 6.81
N GLY A 369 26.60 -10.44 7.73
CA GLY A 369 25.45 -11.34 7.73
C GLY A 369 24.58 -11.18 6.49
N LYS A 370 24.41 -9.94 6.05
CA LYS A 370 23.56 -9.62 4.91
C LYS A 370 24.11 -10.12 3.56
N ILE A 371 25.43 -10.16 3.44
CA ILE A 371 26.07 -10.56 2.19
C ILE A 371 25.88 -12.07 2.00
N GLY A 372 25.75 -12.79 3.11
CA GLY A 372 25.23 -14.13 3.08
C GLY A 372 26.25 -15.21 2.77
N ASP A 373 27.49 -15.03 3.22
CA ASP A 373 28.51 -16.07 3.07
C ASP A 373 28.66 -16.79 4.40
N PRO A 374 28.16 -18.05 4.45
CA PRO A 374 28.04 -18.83 5.68
C PRO A 374 29.38 -19.05 6.37
N ALA A 375 30.47 -18.87 5.61
CA ALA A 375 31.82 -19.07 6.15
C ALA A 375 32.15 -18.05 7.25
N TYR A 376 31.41 -16.93 7.29
CA TYR A 376 31.67 -15.88 8.26
C TYR A 376 30.78 -15.98 9.50
N ALA A 377 29.84 -16.92 9.49
CA ALA A 377 28.93 -17.12 10.63
C ALA A 377 29.70 -17.33 11.92
N GLU A 378 30.71 -18.18 11.87
CA GLU A 378 31.54 -18.46 13.03
C GLU A 378 32.19 -17.20 13.59
N GLU A 379 32.80 -16.38 12.74
CA GLU A 379 33.49 -15.19 13.22
C GLU A 379 32.54 -14.14 13.81
N LEU A 380 31.30 -14.11 13.31
CA LEU A 380 30.27 -13.27 13.93
C LEU A 380 29.99 -13.77 15.35
N GLU A 381 29.89 -15.09 15.51
CA GLU A 381 29.62 -15.71 16.82
C GLU A 381 30.72 -15.34 17.78
N LYS A 382 31.95 -15.33 17.27
CA LYS A 382 33.12 -15.05 18.09
C LYS A 382 33.22 -13.57 18.45
N ALA A 383 32.87 -12.69 17.50
CA ALA A 383 32.87 -11.24 17.75
C ALA A 383 31.79 -10.85 18.78
N LEU A 384 30.64 -11.51 18.70
CA LEU A 384 29.57 -11.29 19.68
C LEU A 384 30.05 -11.45 21.12
N GLU A 385 30.93 -12.42 21.36
CA GLU A 385 31.39 -12.67 22.73
C GLU A 385 32.47 -11.70 23.14
N LYS A 386 32.95 -10.89 22.18
CA LYS A 386 34.08 -10.00 22.48
C LYS A 386 33.65 -8.53 22.49
N GLU A 387 32.60 -8.22 21.75
CA GLU A 387 32.05 -6.86 21.66
C GLU A 387 31.44 -6.38 22.99
N LYS A 388 31.84 -5.19 23.45
CA LYS A 388 31.35 -4.64 24.72
C LYS A 388 30.19 -3.66 24.53
N ASP A 389 30.16 -2.97 23.40
CA ASP A 389 29.09 -2.01 23.12
C ASP A 389 27.77 -2.74 22.86
N GLU A 390 26.70 -2.30 23.52
CA GLU A 390 25.44 -3.05 23.46
C GLU A 390 24.74 -2.87 22.12
N GLU A 391 24.88 -1.71 21.51
CA GLU A 391 24.26 -1.47 20.21
C GLU A 391 24.97 -2.27 19.12
N ALA A 392 26.29 -2.26 19.17
CA ALA A 392 27.06 -3.08 18.24
C ALA A 392 26.78 -4.56 18.46
N LYS A 393 26.74 -5.00 19.73
CA LYS A 393 26.39 -6.40 20.05
C LYS A 393 25.09 -6.80 19.36
N LEU A 394 24.13 -5.87 19.39
CA LEU A 394 22.82 -6.09 18.77
CA LEU A 394 22.83 -6.11 18.78
C LEU A 394 22.95 -6.29 17.26
N GLU A 395 23.82 -5.48 16.64
CA GLU A 395 24.04 -5.57 15.20
C GLU A 395 24.71 -6.90 14.81
N ILE A 396 25.65 -7.36 15.62
CA ILE A 396 26.25 -8.70 15.41
C ILE A 396 25.15 -9.79 15.51
N GLU A 397 24.22 -9.63 16.45
CA GLU A 397 23.15 -10.60 16.61
C GLU A 397 22.23 -10.63 15.40
N LYS A 398 21.93 -9.44 14.86
CA LYS A 398 21.19 -9.34 13.60
C LYS A 398 21.92 -9.98 12.44
N GLY A 399 23.22 -9.75 12.35
CA GLY A 399 24.04 -10.37 11.31
C GLY A 399 23.96 -11.88 11.39
N ILE A 400 24.19 -12.42 12.59
CA ILE A 400 24.04 -13.86 12.86
C ILE A 400 22.66 -14.37 12.43
N GLU A 401 21.62 -13.62 12.80
CA GLU A 401 20.26 -13.97 12.40
C GLU A 401 20.08 -13.98 10.87
N LEU A 402 20.63 -12.99 10.18
CA LEU A 402 20.56 -12.92 8.72
C LEU A 402 21.19 -14.15 8.06
N LEU A 403 22.30 -14.60 8.59
CA LEU A 403 22.97 -15.77 8.06
C LEU A 403 22.17 -17.04 8.35
N LYS A 404 21.64 -17.15 9.56
CA LYS A 404 20.84 -18.32 9.95
C LYS A 404 19.65 -18.48 9.00
N ALA A 405 18.96 -17.36 8.72
CA ALA A 405 17.79 -17.36 7.85
C ALA A 405 18.14 -17.65 6.39
N SER A 406 19.25 -17.10 5.90
CA SER A 406 19.61 -17.22 4.49
C SER A 406 20.29 -18.56 4.17
N GLY A 407 20.95 -19.13 5.16
CA GLY A 407 21.59 -20.42 5.00
C GLY A 407 20.57 -21.54 4.98
N MET A 408 19.41 -21.29 5.58
CA MET A 408 18.30 -22.23 5.57
C MET A 408 17.28 -21.87 4.49
N THR A 409 17.80 -21.62 3.28
CA THR A 409 16.94 -21.34 2.11
C THR A 409 17.37 -22.17 0.91
N ASN B 30 -9.20 38.56 -43.74
CA ASN B 30 -8.33 38.56 -42.56
C ASN B 30 -8.20 37.16 -41.96
N VAL B 31 -9.24 36.71 -41.26
CA VAL B 31 -9.29 35.32 -40.79
C VAL B 31 -9.51 34.41 -41.99
N TYR B 32 -10.35 34.85 -42.93
CA TYR B 32 -10.56 34.09 -44.16
C TYR B 32 -9.27 34.05 -44.98
N GLN B 33 -8.51 35.14 -44.93
CA GLN B 33 -7.24 35.21 -45.65
C GLN B 33 -6.23 34.24 -45.04
N LEU B 34 -6.17 34.24 -43.71
CA LEU B 34 -5.27 33.37 -42.99
C LEU B 34 -5.63 31.90 -43.22
N LYS B 35 -6.92 31.63 -43.30
CA LYS B 35 -7.42 30.28 -43.50
C LYS B 35 -6.91 29.73 -44.82
N GLU B 36 -7.04 30.54 -45.87
CA GLU B 36 -6.59 30.13 -47.20
C GLU B 36 -5.08 29.97 -47.26
N GLU B 37 -4.34 30.84 -46.56
CA GLU B 37 -2.89 30.72 -46.50
C GLU B 37 -2.47 29.45 -45.78
N LEU B 38 -3.16 29.14 -44.68
CA LEU B 38 -2.88 27.95 -43.88
C LEU B 38 -3.10 26.70 -44.69
N ILE B 39 -4.25 26.63 -45.35
CA ILE B 39 -4.58 25.51 -46.22
C ILE B 39 -3.52 25.31 -47.29
N GLU B 40 -3.15 26.40 -47.96
CA GLU B 40 -2.15 26.34 -49.00
C GLU B 40 -0.84 25.81 -48.44
N TYR B 41 -0.45 26.30 -47.26
CA TYR B 41 0.81 25.89 -46.65
C TYR B 41 0.77 24.43 -46.21
N ALA B 42 -0.35 24.03 -45.62
CA ALA B 42 -0.53 22.68 -45.12
C ALA B 42 -0.29 21.69 -46.25
N LYS B 43 -0.93 21.95 -47.38
CA LYS B 43 -0.80 21.04 -48.51
C LYS B 43 0.62 21.03 -49.06
N SER B 44 1.32 22.16 -48.96
CA SER B 44 2.68 22.22 -49.50
C SER B 44 3.60 21.32 -48.69
N ILE B 45 3.30 21.17 -47.39
CA ILE B 45 4.16 20.39 -46.52
C ILE B 45 3.66 18.95 -46.41
N GLY B 46 2.66 18.60 -47.21
CA GLY B 46 2.25 17.22 -47.37
C GLY B 46 1.06 16.80 -46.53
N VAL B 47 0.37 17.76 -45.92
CA VAL B 47 -0.91 17.45 -45.31
C VAL B 47 -1.88 17.08 -46.43
N ASP B 48 -2.58 15.96 -46.29
CA ASP B 48 -3.41 15.43 -47.37
C ASP B 48 -4.82 15.98 -47.32
N LYS B 49 -5.29 16.27 -46.12
CA LYS B 49 -6.60 16.86 -45.97
C LYS B 49 -6.62 17.69 -44.70
N ILE B 50 -7.15 18.90 -44.81
CA ILE B 50 -7.21 19.80 -43.68
C ILE B 50 -8.65 20.29 -43.48
N GLY B 51 -9.06 20.48 -42.23
CA GLY B 51 -10.44 20.81 -41.92
C GLY B 51 -10.53 21.79 -40.77
N PHE B 52 -11.70 22.39 -40.62
CA PHE B 52 -11.87 23.43 -39.62
C PHE B 52 -13.16 23.22 -38.83
N THR B 53 -13.07 23.43 -37.53
CA THR B 53 -14.24 23.34 -36.70
C THR B 53 -14.08 24.32 -35.55
N THR B 54 -15.20 24.58 -34.87
CA THR B 54 -15.22 25.44 -33.68
C THR B 54 -14.53 24.78 -32.50
N ALA B 55 -14.43 25.54 -31.42
CA ALA B 55 -13.92 25.02 -30.15
C ALA B 55 -15.07 24.72 -29.20
N ASP B 56 -16.27 24.54 -29.76
CA ASP B 56 -17.44 24.17 -28.96
C ASP B 56 -17.27 22.78 -28.34
N THR B 57 -17.94 22.56 -27.21
CA THR B 57 -17.89 21.26 -26.52
C THR B 57 -18.40 20.14 -27.43
N PHE B 58 -17.87 18.92 -27.24
CA PHE B 58 -18.39 17.78 -27.98
C PHE B 58 -19.46 17.03 -27.18
N ASP B 59 -20.71 17.45 -27.34
CA ASP B 59 -21.81 16.95 -26.52
C ASP B 59 -22.17 15.50 -26.80
N SER B 60 -22.30 15.16 -28.08
CA SER B 60 -22.61 13.79 -28.45
C SER B 60 -21.52 12.81 -27.98
N LEU B 61 -20.26 13.21 -28.17
CA LEU B 61 -19.14 12.40 -27.72
C LEU B 61 -19.21 12.17 -26.20
N LYS B 62 -19.54 13.23 -25.45
CA LYS B 62 -19.68 13.15 -24.00
C LYS B 62 -20.63 12.03 -23.58
N ASP B 63 -21.84 12.04 -24.13
CA ASP B 63 -22.82 11.02 -23.80
C ASP B 63 -22.37 9.64 -24.24
N ARG B 64 -21.65 9.59 -25.37
CA ARG B 64 -21.22 8.32 -25.96
C ARG B 64 -20.15 7.66 -25.09
N LEU B 65 -19.19 8.47 -24.66
CA LEU B 65 -18.12 7.98 -23.81
C LEU B 65 -18.71 7.42 -22.54
N ILE B 66 -19.67 8.13 -21.96
CA ILE B 66 -20.32 7.68 -20.74
C ILE B 66 -21.03 6.35 -20.99
N LEU B 67 -21.81 6.27 -22.06
CA LEU B 67 -22.49 5.02 -22.36
C LEU B 67 -21.49 3.88 -22.58
N GLN B 68 -20.45 4.12 -23.39
CA GLN B 68 -19.48 3.05 -23.69
C GLN B 68 -18.82 2.58 -22.42
N GLU B 69 -18.50 3.51 -21.53
CA GLU B 69 -17.83 3.10 -20.33
C GLU B 69 -18.74 2.21 -19.47
N SER B 70 -20.00 2.63 -19.30
CA SER B 70 -20.92 1.87 -18.47
C SER B 70 -21.16 0.46 -19.06
N LEU B 71 -21.07 0.35 -20.37
CA LEU B 71 -21.19 -0.94 -21.04
C LEU B 71 -19.90 -1.79 -20.90
N GLY B 72 -18.82 -1.21 -20.41
CA GLY B 72 -17.55 -1.90 -20.37
C GLY B 72 -16.89 -2.00 -21.74
N TYR B 73 -17.14 -1.05 -22.65
CA TYR B 73 -16.68 -1.20 -24.04
C TYR B 73 -15.45 -0.37 -24.40
N LEU B 74 -14.92 0.41 -23.45
CA LEU B 74 -13.72 1.19 -23.77
C LEU B 74 -12.48 0.31 -23.62
N SER B 75 -11.35 0.81 -24.14
CA SER B 75 -10.12 0.05 -24.12
C SER B 75 -9.29 0.31 -22.87
N GLY B 76 -9.42 1.49 -22.30
CA GLY B 76 -8.49 1.90 -21.25
C GLY B 76 -7.31 2.71 -21.81
N PHE B 77 -7.23 2.85 -23.12
CA PHE B 77 -6.20 3.75 -23.71
C PHE B 77 -6.69 5.20 -23.87
N GLU B 78 -7.97 5.44 -23.62
CA GLU B 78 -8.53 6.81 -23.73
C GLU B 78 -8.08 7.66 -22.56
N GLU B 79 -7.95 8.97 -22.80
CA GLU B 79 -7.86 9.94 -21.70
C GLU B 79 -9.03 9.64 -20.73
N PRO B 80 -8.76 9.54 -19.42
CA PRO B 80 -9.84 9.16 -18.51
C PRO B 80 -10.79 10.31 -18.10
N ASP B 81 -10.33 11.54 -18.19
CA ASP B 81 -11.14 12.69 -17.79
C ASP B 81 -12.04 13.11 -18.92
N ILE B 82 -13.32 12.78 -18.81
CA ILE B 82 -14.23 13.00 -19.90
C ILE B 82 -14.44 14.50 -20.12
N GLU B 83 -14.33 15.29 -19.06
CA GLU B 83 -14.53 16.74 -19.20
C GLU B 83 -13.48 17.33 -20.15
N LYS B 84 -12.22 16.95 -19.94
CA LYS B 84 -11.13 17.40 -20.80
C LYS B 84 -11.28 16.89 -22.24
N ARG B 85 -11.78 15.67 -22.40
CA ARG B 85 -11.99 15.08 -23.72
C ARG B 85 -12.97 15.84 -24.59
N VAL B 86 -13.95 16.51 -23.97
CA VAL B 86 -15.04 17.05 -24.78
C VAL B 86 -15.07 18.57 -24.75
N THR B 87 -14.07 19.18 -24.11
CA THR B 87 -14.12 20.63 -23.87
C THR B 87 -12.81 21.28 -24.32
N PRO B 88 -12.71 21.59 -25.63
CA PRO B 88 -11.49 22.19 -26.18
C PRO B 88 -11.07 23.46 -25.44
N LYS B 89 -12.04 24.18 -24.87
CA LYS B 89 -11.71 25.43 -24.17
C LYS B 89 -11.09 25.18 -22.80
N LEU B 90 -11.27 23.97 -22.27
CA LEU B 90 -10.54 23.54 -21.08
C LEU B 90 -9.08 23.27 -21.39
N LEU B 91 -8.82 22.75 -22.59
CA LEU B 91 -7.47 22.35 -22.98
C LEU B 91 -6.66 23.58 -23.38
N LEU B 92 -7.34 24.53 -24.02
CA LEU B 92 -6.70 25.79 -24.40
C LEU B 92 -7.64 26.95 -24.03
N PRO B 93 -7.22 27.74 -23.03
CA PRO B 93 -8.02 28.88 -22.57
C PRO B 93 -8.45 29.75 -23.75
N LYS B 94 -9.74 30.03 -23.83
CA LYS B 94 -10.28 30.98 -24.80
C LYS B 94 -10.02 30.54 -26.24
N ALA B 95 -10.01 29.23 -26.45
CA ALA B 95 -9.97 28.64 -27.78
C ALA B 95 -11.18 29.03 -28.61
N LYS B 96 -11.00 29.10 -29.92
CA LYS B 96 -12.10 29.49 -30.79
C LYS B 96 -12.30 28.57 -31.97
N SER B 97 -11.28 27.77 -32.29
CA SER B 97 -11.37 26.87 -33.42
C SER B 97 -10.48 25.64 -33.21
N ILE B 98 -10.71 24.60 -34.00
CA ILE B 98 -9.77 23.48 -34.05
C ILE B 98 -9.45 23.12 -35.51
N VAL B 99 -8.17 23.02 -35.83
CA VAL B 99 -7.77 22.66 -37.18
C VAL B 99 -7.45 21.16 -37.28
N ALA B 100 -8.20 20.43 -38.08
CA ALA B 100 -7.98 19.01 -38.23
C ALA B 100 -7.12 18.70 -39.46
N ILE B 101 -6.11 17.86 -39.30
CA ILE B 101 -5.35 17.40 -40.45
C ILE B 101 -5.37 15.88 -40.56
N ALA B 102 -5.31 15.40 -41.80
CA ALA B 102 -5.19 13.97 -42.07
C ALA B 102 -4.06 13.74 -43.09
N LEU B 103 -3.30 12.67 -42.89
CA LEU B 103 -2.32 12.20 -43.88
C LEU B 103 -2.64 10.76 -44.25
N ALA B 104 -2.71 10.50 -45.54
CA ALA B 104 -2.97 9.15 -46.04
C ALA B 104 -1.73 8.28 -45.94
N TYR B 105 -1.91 7.02 -45.56
CA TYR B 105 -0.78 6.09 -45.51
C TYR B 105 -0.97 4.90 -46.43
N PRO B 106 0.15 4.25 -46.81
CA PRO B 106 0.08 3.11 -47.74
C PRO B 106 -0.64 1.91 -47.16
N SER B 107 -1.36 1.22 -48.03
CA SER B 107 -2.19 0.10 -47.63
C SER B 107 -1.69 -1.20 -48.26
N ARG B 108 -0.79 -1.08 -49.25
CA ARG B 108 -0.16 -2.25 -49.86
C ARG B 108 1.36 -2.17 -49.80
N MET B 109 1.94 -3.25 -49.30
CA MET B 109 3.38 -3.40 -49.13
C MET B 109 4.02 -3.88 -50.43
N LYS B 110 4.94 -3.10 -50.98
CA LYS B 110 5.69 -3.51 -52.16
C LYS B 110 6.75 -4.54 -51.79
N ASP B 111 6.80 -5.63 -52.55
CA ASP B 111 7.77 -6.71 -52.34
C ASP B 111 7.69 -7.31 -50.95
N ALA B 112 6.47 -7.55 -50.47
CA ALA B 112 6.27 -8.27 -49.23
C ALA B 112 6.85 -9.69 -49.34
N PRO B 113 7.69 -10.08 -48.38
CA PRO B 113 8.33 -11.40 -48.38
C PRO B 113 7.33 -12.52 -48.18
N ARG B 114 7.70 -13.73 -48.58
CA ARG B 114 6.79 -14.88 -48.47
C ARG B 114 6.94 -15.59 -47.12
N SER B 115 5.82 -15.84 -46.47
CA SER B 115 5.78 -16.67 -45.27
C SER B 115 5.74 -18.14 -45.69
N THR B 116 6.82 -18.88 -45.43
CA THR B 116 6.89 -20.32 -45.80
C THR B 116 6.79 -21.26 -44.58
N ARG B 117 6.69 -22.56 -44.85
CA ARG B 117 6.37 -23.55 -43.80
C ARG B 117 7.34 -23.53 -42.64
N THR B 118 8.64 -23.53 -42.92
CA THR B 118 9.63 -23.51 -41.85
C THR B 118 10.03 -22.09 -41.46
N GLU B 119 9.72 -21.12 -42.32
CA GLU B 119 10.08 -19.72 -42.10
C GLU B 119 8.85 -18.80 -42.02
N ARG B 120 8.13 -18.86 -40.91
CA ARG B 120 6.85 -18.18 -40.77
C ARG B 120 7.02 -16.71 -40.36
N ARG B 121 6.07 -15.89 -40.77
CA ARG B 121 6.08 -14.45 -40.47
C ARG B 121 4.77 -13.99 -39.82
N GLY B 122 4.88 -13.00 -38.95
CA GLY B 122 3.73 -12.26 -38.44
C GLY B 122 3.58 -10.93 -39.17
N ILE B 123 2.56 -10.15 -38.82
CA ILE B 123 2.31 -8.92 -39.56
C ILE B 123 1.92 -7.77 -38.63
N PHE B 124 2.50 -6.61 -38.86
CA PHE B 124 2.10 -5.38 -38.19
C PHE B 124 1.03 -4.72 -39.04
N CYS B 125 0.01 -4.17 -38.39
CA CYS B 125 -1.04 -3.44 -39.10
C CYS B 125 -0.47 -2.24 -39.88
N ARG B 126 -1.23 -1.79 -40.87
CA ARG B 126 -0.79 -0.71 -41.75
C ARG B 126 -0.47 0.59 -41.03
N ALA B 127 -1.06 0.80 -39.83
CA ALA B 127 -0.82 2.04 -39.07
C ALA B 127 0.48 1.97 -38.30
N SER B 128 1.17 0.84 -38.41
CA SER B 128 2.50 0.65 -37.84
C SER B 128 3.55 0.36 -38.92
N TRP B 129 3.31 0.80 -40.15
CA TRP B 129 4.33 0.74 -41.20
C TRP B 129 5.13 2.04 -41.30
N GLY B 130 6.45 1.90 -41.35
CA GLY B 130 7.36 3.04 -41.49
C GLY B 130 7.48 3.85 -40.21
N LYS B 131 7.76 5.14 -40.36
CA LYS B 131 8.00 6.01 -39.22
C LYS B 131 6.73 6.30 -38.41
N ASP B 132 6.79 6.08 -37.10
CA ASP B 132 5.69 6.32 -36.16
C ASP B 132 4.92 7.60 -36.52
N TYR B 133 3.65 7.45 -36.89
CA TYR B 133 2.82 8.58 -37.27
C TYR B 133 2.76 9.66 -36.20
N HIS B 134 3.01 9.28 -34.94
CA HIS B 134 3.06 10.25 -33.84
C HIS B 134 4.11 11.33 -34.13
N ASP B 135 5.28 10.91 -34.59
CA ASP B 135 6.36 11.83 -34.93
C ASP B 135 6.07 12.63 -36.21
N VAL B 136 5.55 11.93 -37.22
CA VAL B 136 5.30 12.55 -38.51
C VAL B 136 4.25 13.64 -38.37
N LEU B 137 3.11 13.34 -37.74
CA LEU B 137 2.05 14.36 -37.70
C LEU B 137 2.36 15.50 -36.71
N ARG B 138 3.04 15.19 -35.62
CA ARG B 138 3.55 16.24 -34.72
C ARG B 138 4.47 17.20 -35.48
N GLU B 139 5.33 16.64 -36.33
CA GLU B 139 6.26 17.43 -37.13
C GLU B 139 5.49 18.41 -38.01
N LYS B 140 4.42 17.92 -38.63
CA LYS B 140 3.57 18.74 -39.48
C LYS B 140 2.86 19.81 -38.66
N LEU B 141 2.28 19.40 -37.53
CA LEU B 141 1.61 20.35 -36.66
C LEU B 141 2.54 21.46 -36.16
N ASP B 142 3.76 21.08 -35.80
CA ASP B 142 4.75 22.07 -35.35
C ASP B 142 5.06 23.11 -36.41
N LEU B 143 5.04 22.71 -37.69
CA LEU B 143 5.24 23.66 -38.77
C LEU B 143 4.03 24.61 -38.88
N LEU B 144 2.82 24.06 -38.80
CA LEU B 144 1.61 24.85 -38.93
C LEU B 144 1.51 25.88 -37.79
N GLU B 145 1.94 25.45 -36.61
CA GLU B 145 2.05 26.33 -35.45
C GLU B 145 3.05 27.47 -35.65
N ASP B 146 4.23 27.18 -36.23
CA ASP B 146 5.21 28.25 -36.45
C ASP B 146 4.71 29.21 -37.53
N PHE B 147 4.02 28.66 -38.52
CA PHE B 147 3.34 29.45 -39.53
C PHE B 147 2.40 30.48 -38.92
N LEU B 148 1.59 30.06 -37.94
CA LEU B 148 0.65 30.95 -37.25
C LEU B 148 1.36 31.89 -36.26
N LYS B 149 2.29 31.34 -35.47
CA LYS B 149 3.06 32.15 -34.53
C LYS B 149 3.79 33.30 -35.23
N SER B 150 4.41 32.99 -36.38
CA SER B 150 5.19 33.97 -37.13
C SER B 150 4.35 35.13 -37.66
N LYS B 151 3.03 34.98 -37.61
CA LYS B 151 2.13 36.06 -38.00
C LYS B 151 1.91 37.02 -36.83
N HIS B 152 0.82 36.79 -36.10
CA HIS B 152 0.40 37.70 -35.05
C HIS B 152 0.87 37.22 -33.68
N ASP B 154 -1.17 37.53 -31.75
CA ASP B 154 -1.19 36.93 -30.42
C ASP B 154 -1.80 35.53 -30.47
N ILE B 155 -1.42 34.74 -31.46
CA ILE B 155 -2.02 33.43 -31.67
C ILE B 155 -1.47 32.39 -30.71
N ARG B 156 -2.37 31.63 -30.10
CA ARG B 156 -1.98 30.58 -29.18
C ARG B 156 -2.57 29.26 -29.67
N THR B 157 -1.83 28.18 -29.44
CA THR B 157 -2.19 26.89 -29.99
C THR B 157 -1.92 25.75 -29.01
N LYS B 158 -2.62 24.64 -29.20
CA LYS B 158 -2.32 23.40 -28.51
C LYS B 158 -2.54 22.24 -29.47
N SER B 159 -1.49 21.46 -29.69
CA SER B 159 -1.51 20.38 -30.68
C SER B 159 -1.52 19.01 -30.05
N MET B 160 -2.12 18.05 -30.75
CA MET B 160 -2.07 16.67 -30.29
C MET B 160 -2.30 15.70 -31.42
N VAL B 161 -1.72 14.52 -31.27
CA VAL B 161 -1.96 13.44 -32.21
C VAL B 161 -2.02 12.17 -31.38
N ASP B 162 -3.23 11.61 -31.31
CA ASP B 162 -3.52 10.31 -30.66
C ASP B 162 -3.37 10.29 -29.14
N THR B 163 -2.31 10.89 -28.61
CA THR B 163 -2.06 10.83 -27.17
C THR B 163 -2.58 12.06 -26.43
N GLY B 164 -3.31 12.93 -27.12
CA GLY B 164 -3.93 14.08 -26.47
C GLY B 164 -5.29 13.74 -25.88
N GLU B 165 -5.94 14.73 -25.27
CA GLU B 165 -7.20 14.50 -24.55
C GLU B 165 -8.40 14.33 -25.50
N LEU B 166 -8.35 15.01 -26.64
CA LEU B 166 -9.50 15.01 -27.55
C LEU B 166 -9.70 13.67 -28.22
N SER B 167 -10.91 13.44 -28.71
CA SER B 167 -11.14 12.40 -29.69
C SER B 167 -10.73 12.93 -31.07
N ASP B 168 -9.67 12.35 -31.63
CA ASP B 168 -9.21 12.72 -32.96
C ASP B 168 -10.30 12.47 -34.00
N ARG B 169 -11.06 11.39 -33.85
CA ARG B 169 -12.17 11.16 -34.78
C ARG B 169 -13.30 12.16 -34.63
N ALA B 170 -13.60 12.57 -33.39
CA ALA B 170 -14.70 13.51 -33.19
C ALA B 170 -14.33 14.84 -33.82
N VAL B 171 -13.09 15.26 -33.59
CA VAL B 171 -12.59 16.48 -34.17
C VAL B 171 -12.67 16.40 -35.68
N ALA B 172 -12.17 15.31 -36.25
CA ALA B 172 -12.13 15.14 -37.69
C ALA B 172 -13.52 15.03 -38.34
N GLU B 173 -14.45 14.40 -37.65
CA GLU B 173 -15.82 14.33 -38.17
C GLU B 173 -16.44 15.72 -38.23
N ARG B 174 -16.30 16.49 -37.15
CA ARG B 174 -16.95 17.80 -37.08
C ARG B 174 -16.29 18.83 -38.00
N ALA B 175 -15.04 18.57 -38.41
CA ALA B 175 -14.30 19.49 -39.29
C ALA B 175 -14.37 19.08 -40.77
N GLY B 176 -15.07 17.99 -41.05
CA GLY B 176 -15.35 17.59 -42.42
C GLY B 176 -14.26 16.80 -43.12
N ILE B 177 -13.28 16.33 -42.36
CA ILE B 177 -12.24 15.46 -42.88
C ILE B 177 -12.82 14.19 -43.51
N GLY B 178 -13.67 13.49 -42.77
CA GLY B 178 -14.30 12.28 -43.27
C GLY B 178 -15.53 12.00 -42.45
N PHE B 179 -16.30 10.99 -42.82
CA PHE B 179 -17.45 10.62 -41.99
C PHE B 179 -17.15 9.40 -41.10
N SER B 180 -17.99 9.22 -40.07
CA SER B 180 -17.88 8.09 -39.14
C SER B 180 -18.58 6.85 -39.70
N ALA B 181 -17.78 5.89 -40.15
CA ALA B 181 -18.32 4.71 -40.80
C ALA B 181 -18.73 3.65 -39.77
N LYS B 182 -19.31 2.56 -40.24
CA LYS B 182 -19.87 1.54 -39.36
C LYS B 182 -18.78 0.72 -38.67
N ASN B 183 -17.54 0.87 -39.13
CA ASN B 183 -16.39 0.19 -38.50
C ASN B 183 -15.65 1.12 -37.55
N CYS B 184 -16.30 2.26 -37.25
CA CYS B 184 -15.76 3.32 -36.39
C CYS B 184 -14.68 4.21 -37.06
N MET B 185 -14.22 3.84 -38.25
CA MET B 185 -13.18 4.65 -38.90
C MET B 185 -13.72 5.98 -39.43
N ILE B 186 -12.98 7.07 -39.21
CA ILE B 186 -13.16 8.26 -40.04
C ILE B 186 -12.74 7.87 -41.45
N THR B 187 -13.70 7.96 -42.37
CA THR B 187 -13.50 7.49 -43.75
C THR B 187 -13.62 8.66 -44.76
N THR B 188 -12.53 8.92 -45.50
CA THR B 188 -12.49 10.04 -46.44
C THR B 188 -12.87 9.59 -47.85
N PRO B 189 -13.48 10.49 -48.66
CA PRO B 189 -13.86 10.02 -50.00
C PRO B 189 -12.63 9.70 -50.88
N GLU B 190 -11.55 10.46 -50.75
CA GLU B 190 -10.38 10.30 -51.63
C GLU B 190 -9.38 9.23 -51.16
N TYR B 191 -9.13 9.18 -49.85
CA TYR B 191 -8.10 8.30 -49.30
C TYR B 191 -8.66 7.10 -48.53
N GLY B 192 -9.97 7.06 -48.39
CA GLY B 192 -10.65 6.03 -47.62
C GLY B 192 -10.43 6.17 -46.13
N SER B 193 -10.33 5.04 -45.41
CA SER B 193 -10.09 5.07 -43.96
C SER B 193 -8.59 5.11 -43.61
N TYR B 194 -7.75 4.94 -44.63
CA TYR B 194 -6.32 4.76 -44.43
C TYR B 194 -5.65 6.09 -44.21
N VAL B 195 -6.06 6.79 -43.16
CA VAL B 195 -5.49 8.09 -42.84
C VAL B 195 -5.13 8.18 -41.37
N TYR B 196 -4.02 8.83 -41.08
CA TYR B 196 -3.70 9.27 -39.72
C TYR B 196 -4.36 10.62 -39.43
N LEU B 197 -4.90 10.79 -38.22
CA LEU B 197 -5.52 12.05 -37.83
C LEU B 197 -4.72 12.79 -36.74
N ALA B 198 -4.81 14.11 -36.74
CA ALA B 198 -4.25 14.94 -35.67
C ALA B 198 -4.96 16.29 -35.71
N GLU B 199 -4.67 17.16 -34.76
CA GLU B 199 -5.38 18.43 -34.73
C GLU B 199 -4.70 19.44 -33.83
N MET B 200 -5.09 20.69 -34.04
CA MET B 200 -4.47 21.81 -33.37
C MET B 200 -5.54 22.81 -32.94
N ILE B 201 -5.75 22.88 -31.64
CA ILE B 201 -6.62 23.90 -31.06
C ILE B 201 -6.00 25.28 -31.25
N THR B 202 -6.80 26.27 -31.67
CA THR B 202 -6.30 27.65 -31.74
C THR B 202 -7.27 28.66 -31.13
N ASN B 203 -6.77 29.85 -30.84
CA ASN B 203 -7.60 30.98 -30.41
C ASN B 203 -8.04 31.83 -31.59
N ILE B 204 -8.09 31.22 -32.78
CA ILE B 204 -8.46 31.92 -33.99
C ILE B 204 -9.89 31.59 -34.41
N PRO B 205 -10.76 32.59 -34.54
CA PRO B 205 -12.14 32.26 -34.90
C PRO B 205 -12.31 31.86 -36.36
N PHE B 206 -11.67 30.77 -36.81
CA PHE B 206 -11.81 30.31 -38.20
C PHE B 206 -13.25 29.95 -38.52
N GLU B 207 -13.65 30.13 -39.76
CA GLU B 207 -14.95 29.64 -40.22
C GLU B 207 -14.93 28.12 -40.25
N PRO B 208 -15.83 27.48 -39.50
CA PRO B 208 -15.78 26.02 -39.44
C PRO B 208 -16.28 25.43 -40.75
N ASP B 209 -15.95 24.17 -41.03
CA ASP B 209 -16.44 23.49 -42.23
C ASP B 209 -17.70 22.69 -41.94
N VAL B 210 -18.19 21.99 -42.96
CA VAL B 210 -19.41 21.20 -42.85
C VAL B 210 -19.10 19.70 -42.80
N PRO B 211 -19.73 18.94 -41.88
CA PRO B 211 -19.52 17.48 -41.88
C PRO B 211 -19.94 16.88 -43.22
N ILE B 212 -19.36 15.76 -43.64
CA ILE B 212 -19.69 15.23 -44.96
C ILE B 212 -20.59 14.01 -44.88
N GLU B 213 -21.15 13.64 -46.03
CA GLU B 213 -22.18 12.60 -46.10
C GLU B 213 -21.64 11.23 -45.70
N ASP B 214 -22.50 10.45 -45.04
CA ASP B 214 -22.25 9.05 -44.73
C ASP B 214 -22.45 8.17 -45.96
N MET B 215 -21.42 7.40 -46.35
CA MET B 215 -21.49 6.58 -47.55
C MET B 215 -21.64 5.06 -47.30
N CYS B 216 -21.90 4.66 -46.06
CA CYS B 216 -21.96 3.23 -45.77
C CYS B 216 -23.21 2.58 -46.34
N GLY B 217 -24.33 3.31 -46.34
CA GLY B 217 -25.58 2.76 -46.78
C GLY B 217 -25.96 1.53 -45.96
N SER B 218 -26.43 0.49 -46.63
CA SER B 218 -26.92 -0.70 -45.95
C SER B 218 -25.84 -1.79 -45.91
N CYS B 219 -24.62 -1.40 -46.24
CA CYS B 219 -23.49 -2.31 -46.18
C CYS B 219 -23.22 -2.72 -44.72
N THR B 220 -22.82 -3.98 -44.52
CA THR B 220 -22.42 -4.46 -43.20
C THR B 220 -21.18 -5.34 -43.26
N LYS B 221 -20.36 -5.17 -44.30
CA LYS B 221 -19.25 -6.07 -44.54
C LYS B 221 -18.25 -6.11 -43.38
N CYS B 222 -17.98 -4.95 -42.77
CA CYS B 222 -17.04 -4.90 -41.68
C CYS B 222 -17.57 -5.60 -40.44
N LEU B 223 -18.84 -5.35 -40.12
CA LEU B 223 -19.47 -5.99 -38.97
C LEU B 223 -19.46 -7.52 -39.14
N ASP B 224 -19.66 -7.99 -40.37
CA ASP B 224 -19.71 -9.42 -40.65
C ASP B 224 -18.32 -10.07 -40.70
N ALA B 225 -17.30 -9.30 -41.04
CA ALA B 225 -15.98 -9.88 -41.22
C ALA B 225 -15.16 -9.90 -39.93
N CYS B 226 -15.53 -9.07 -38.96
CA CYS B 226 -14.74 -8.93 -37.74
C CYS B 226 -14.65 -10.26 -37.01
N PRO B 227 -13.41 -10.78 -36.83
CA PRO B 227 -13.20 -12.14 -36.31
C PRO B 227 -13.74 -12.39 -34.91
N THR B 228 -14.02 -11.33 -34.14
CA THR B 228 -14.43 -11.54 -32.76
C THR B 228 -15.79 -10.93 -32.49
N GLY B 229 -16.35 -10.30 -33.52
CA GLY B 229 -17.63 -9.64 -33.37
C GLY B 229 -17.53 -8.41 -32.47
N ALA B 230 -16.34 -7.84 -32.37
CA ALA B 230 -16.11 -6.69 -31.50
C ALA B 230 -16.93 -5.49 -31.95
N LEU B 231 -17.23 -5.44 -33.25
CA LEU B 231 -18.15 -4.46 -33.78
C LEU B 231 -19.60 -4.93 -33.48
N VAL B 232 -20.10 -4.58 -32.30
CA VAL B 232 -21.36 -5.16 -31.82
C VAL B 232 -22.58 -4.46 -32.42
N ASN B 233 -22.40 -3.20 -32.81
CA ASN B 233 -23.38 -2.44 -33.57
C ASN B 233 -22.66 -1.54 -34.56
N PRO B 234 -23.36 -1.04 -35.59
CA PRO B 234 -22.72 -0.08 -36.50
C PRO B 234 -22.17 1.09 -35.72
N GLY B 235 -20.88 1.35 -35.86
CA GLY B 235 -20.24 2.47 -35.19
C GLY B 235 -20.05 2.25 -33.71
N GLN B 236 -20.12 0.99 -33.26
CA GLN B 236 -19.95 0.71 -31.84
C GLN B 236 -18.98 -0.44 -31.62
N LEU B 237 -17.86 -0.13 -30.99
CA LEU B 237 -16.83 -1.13 -30.74
C LEU B 237 -16.84 -1.56 -29.28
N ASN B 238 -16.86 -2.88 -29.06
CA ASN B 238 -16.45 -3.45 -27.77
C ASN B 238 -14.96 -3.66 -27.83
N ALA B 239 -14.23 -2.69 -27.31
CA ALA B 239 -12.79 -2.65 -27.47
C ALA B 239 -12.11 -3.80 -26.72
N GLN B 240 -12.74 -4.31 -25.66
CA GLN B 240 -12.17 -5.46 -24.92
C GLN B 240 -12.10 -6.69 -25.82
N ARG B 241 -12.91 -6.74 -26.86
CA ARG B 241 -12.87 -7.90 -27.75
C ARG B 241 -12.20 -7.62 -29.10
N CYS B 242 -11.63 -6.42 -29.25
CA CYS B 242 -10.99 -6.04 -30.52
C CYS B 242 -9.55 -6.54 -30.57
N ILE B 243 -9.25 -7.31 -31.62
CA ILE B 243 -7.92 -7.87 -31.82
CA ILE B 243 -7.91 -7.87 -31.81
C ILE B 243 -6.83 -6.78 -31.75
N SER B 244 -7.11 -5.62 -32.31
CA SER B 244 -6.16 -4.51 -32.29
C SER B 244 -5.78 -4.17 -30.84
N PHE B 245 -6.79 -3.97 -30.00
CA PHE B 245 -6.56 -3.81 -28.54
C PHE B 245 -5.85 -5.03 -27.93
N LEU B 246 -6.41 -6.21 -28.14
CA LEU B 246 -5.86 -7.44 -27.55
C LEU B 246 -4.35 -7.68 -27.89
N THR B 247 -3.93 -7.39 -29.11
CA THR B 247 -2.51 -7.55 -29.44
C THR B 247 -1.63 -6.64 -28.60
N GLN B 248 -2.19 -5.58 -28.05
CA GLN B 248 -1.39 -4.61 -27.32
C GLN B 248 -1.36 -4.84 -25.79
N THR B 249 -2.05 -5.86 -25.29
CA THR B 249 -2.07 -6.07 -23.85
C THR B 249 -0.79 -6.74 -23.37
N LYS B 250 -0.50 -6.55 -22.08
CA LYS B 250 0.77 -7.00 -21.52
C LYS B 250 0.65 -8.30 -20.73
N GLY B 251 -0.58 -8.68 -20.37
CA GLY B 251 -0.78 -9.90 -19.62
C GLY B 251 -1.00 -11.10 -20.52
N PHE B 252 -1.60 -12.15 -19.96
CA PHE B 252 -1.98 -13.32 -20.73
C PHE B 252 -3.13 -13.00 -21.66
N LEU B 253 -3.10 -13.51 -22.88
CA LEU B 253 -4.27 -13.34 -23.76
C LEU B 253 -5.36 -14.36 -23.37
N PRO B 254 -6.62 -13.89 -23.20
CA PRO B 254 -7.68 -14.87 -22.87
C PRO B 254 -7.78 -15.95 -23.94
N ASP B 255 -8.06 -17.18 -23.51
CA ASP B 255 -7.99 -18.34 -24.39
C ASP B 255 -8.82 -18.22 -25.69
N GLU B 256 -10.02 -17.69 -25.58
CA GLU B 256 -10.88 -17.60 -26.75
C GLU B 256 -10.29 -16.76 -27.91
N PHE B 257 -9.34 -15.86 -27.62
CA PHE B 257 -8.79 -15.02 -28.69
C PHE B 257 -7.49 -15.60 -29.28
N ARG B 258 -6.96 -16.66 -28.65
CA ARG B 258 -5.68 -17.21 -29.04
C ARG B 258 -5.72 -17.85 -30.42
N THR B 259 -6.91 -18.26 -30.82
CA THR B 259 -7.13 -18.86 -32.13
C THR B 259 -7.78 -17.88 -33.12
N LYS B 260 -7.85 -16.61 -32.76
CA LYS B 260 -8.49 -15.62 -33.64
C LYS B 260 -7.48 -14.56 -34.06
N ILE B 261 -6.37 -14.48 -33.32
CA ILE B 261 -5.40 -13.42 -33.54
C ILE B 261 -4.59 -13.72 -34.81
N GLY B 262 -4.49 -15.01 -35.15
CA GLY B 262 -3.81 -15.44 -36.36
C GLY B 262 -2.32 -15.19 -36.31
N ASN B 263 -1.81 -14.48 -37.30
CA ASN B 263 -0.39 -14.16 -37.32
C ASN B 263 -0.14 -12.66 -37.13
N ARG B 264 -1.13 -11.97 -36.55
CA ARG B 264 -1.02 -10.55 -36.27
C ARG B 264 -0.13 -10.33 -35.06
N LEU B 265 0.89 -9.49 -35.22
CA LEU B 265 1.77 -9.16 -34.10
C LEU B 265 1.34 -7.87 -33.39
N TYR B 266 0.62 -7.03 -34.12
CA TYR B 266 0.20 -5.73 -33.58
C TYR B 266 -0.88 -5.12 -34.47
N GLY B 267 -2.00 -4.76 -33.86
CA GLY B 267 -3.08 -4.16 -34.58
C GLY B 267 -3.83 -5.15 -35.44
N CYS B 268 -4.90 -4.67 -36.06
CA CYS B 268 -5.73 -5.50 -36.92
C CYS B 268 -6.38 -4.61 -37.97
N ASP B 269 -6.35 -5.03 -39.23
CA ASP B 269 -6.80 -4.17 -40.34
C ASP B 269 -8.08 -4.68 -41.01
N THR B 270 -8.59 -5.81 -40.53
CA THR B 270 -9.63 -6.54 -41.24
C THR B 270 -10.88 -5.71 -41.59
N CYS B 271 -11.38 -4.90 -40.66
CA CYS B 271 -12.58 -4.12 -40.94
C CYS B 271 -12.30 -2.95 -41.88
N GLN B 272 -11.03 -2.69 -42.13
CA GLN B 272 -10.70 -1.72 -43.18
C GLN B 272 -10.44 -2.41 -44.52
N THR B 273 -9.83 -3.59 -44.53
CA THR B 273 -9.41 -4.19 -45.80
C THR B 273 -10.59 -4.75 -46.57
N VAL B 274 -11.69 -5.03 -45.87
CA VAL B 274 -12.88 -5.58 -46.53
C VAL B 274 -13.84 -4.48 -46.96
N CYS B 275 -13.51 -3.24 -46.63
CA CYS B 275 -14.43 -2.14 -46.89
C CYS B 275 -14.34 -1.67 -48.34
N PRO B 276 -15.47 -1.74 -49.05
CA PRO B 276 -15.58 -1.30 -50.45
C PRO B 276 -15.04 0.13 -50.62
N LEU B 277 -15.22 0.97 -49.62
CA LEU B 277 -14.73 2.35 -49.71
C LEU B 277 -13.20 2.45 -49.69
N ASN B 278 -12.54 1.35 -49.35
CA ASN B 278 -11.08 1.35 -49.35
C ASN B 278 -10.50 0.64 -50.59
N LYS B 279 -11.38 0.03 -51.37
CA LYS B 279 -10.98 -0.70 -52.57
C LYS B 279 -10.19 0.20 -53.55
N GLY B 280 -8.99 -0.23 -53.90
CA GLY B 280 -8.13 0.54 -54.79
C GLY B 280 -7.41 1.69 -54.13
N LYS B 281 -7.63 1.89 -52.82
CA LYS B 281 -6.96 2.96 -52.09
C LYS B 281 -5.60 2.49 -51.56
N ASP B 282 -4.53 2.88 -52.26
CA ASP B 282 -3.16 2.60 -51.83
C ASP B 282 -2.24 3.79 -52.12
N PHE B 283 -2.22 4.77 -51.22
CA PHE B 283 -1.47 6.00 -51.44
C PHE B 283 -0.05 5.93 -50.87
N HIS B 284 0.92 6.35 -51.69
CA HIS B 284 2.31 6.39 -51.28
C HIS B 284 2.85 7.81 -51.44
N LEU B 285 2.35 8.71 -50.59
CA LEU B 285 2.64 10.13 -50.72
C LEU B 285 3.71 10.64 -49.75
N HIS B 286 4.15 9.77 -48.82
CA HIS B 286 5.08 10.14 -47.75
C HIS B 286 6.13 9.04 -47.61
N PRO B 287 7.35 9.28 -48.15
CA PRO B 287 8.41 8.26 -48.21
C PRO B 287 8.76 7.58 -46.88
N GLU B 288 8.72 8.33 -45.78
CA GLU B 288 9.08 7.82 -44.46
C GLU B 288 8.03 6.84 -43.94
N MET B 289 6.84 6.84 -44.54
CA MET B 289 5.77 5.90 -44.18
C MET B 289 5.89 4.55 -44.86
N GLU B 290 6.85 4.40 -45.76
CA GLU B 290 7.00 3.14 -46.48
C GLU B 290 7.43 2.03 -45.53
N PRO B 291 6.74 0.90 -45.54
CA PRO B 291 7.12 -0.23 -44.69
C PRO B 291 8.46 -0.80 -45.09
N ASP B 292 9.24 -1.18 -44.10
CA ASP B 292 10.35 -2.06 -44.32
C ASP B 292 9.83 -3.48 -44.06
N PRO B 293 9.62 -4.26 -45.13
CA PRO B 293 9.01 -5.58 -45.11
C PRO B 293 9.59 -6.53 -44.07
N GLU B 294 10.86 -6.39 -43.73
CA GLU B 294 11.48 -7.33 -42.80
C GLU B 294 11.10 -7.03 -41.36
N ILE B 295 10.63 -5.81 -41.09
CA ILE B 295 10.16 -5.54 -39.73
C ILE B 295 8.64 -5.38 -39.71
N ALA B 296 8.05 -5.03 -40.85
CA ALA B 296 6.59 -4.91 -40.91
C ALA B 296 5.97 -6.29 -41.07
N LYS B 297 6.71 -7.20 -41.67
CA LYS B 297 6.26 -8.59 -41.78
C LYS B 297 7.42 -9.51 -41.35
N PRO B 298 7.79 -9.43 -40.06
CA PRO B 298 9.03 -10.05 -39.60
C PRO B 298 8.91 -11.57 -39.40
N LEU B 299 10.05 -12.28 -39.56
CA LEU B 299 10.15 -13.71 -39.24
C LEU B 299 9.85 -13.91 -37.77
N LEU B 300 9.04 -14.93 -37.48
CA LEU B 300 8.59 -15.15 -36.10
C LEU B 300 9.69 -15.65 -35.17
N LYS B 301 10.36 -16.74 -35.54
CA LYS B 301 11.32 -17.38 -34.62
C LYS B 301 12.47 -16.46 -34.14
N PRO B 302 13.01 -15.57 -35.00
CA PRO B 302 14.05 -14.70 -34.45
C PRO B 302 13.53 -13.67 -33.44
N LEU B 303 12.24 -13.35 -33.50
CA LEU B 303 11.61 -12.49 -32.51
C LEU B 303 11.56 -13.12 -31.12
N LEU B 304 11.50 -14.46 -31.04
CA LEU B 304 11.48 -15.11 -29.73
C LEU B 304 12.78 -14.88 -28.97
N ALA B 305 13.84 -14.50 -29.68
CA ALA B 305 15.16 -14.37 -29.08
C ALA B 305 15.78 -12.95 -29.20
N ILE B 306 15.00 -11.96 -29.63
CA ILE B 306 15.56 -10.66 -29.98
C ILE B 306 16.02 -9.92 -28.72
N SER B 307 17.19 -9.30 -28.79
CA SER B 307 17.67 -8.55 -27.63
C SER B 307 16.94 -7.23 -27.51
N ASN B 308 17.00 -6.64 -26.33
CA ASN B 308 16.42 -5.31 -26.16
C ASN B 308 17.07 -4.27 -27.04
N ARG B 309 18.38 -4.39 -27.21
CA ARG B 309 19.12 -3.48 -28.07
C ARG B 309 18.65 -3.63 -29.51
N GLU B 310 18.57 -4.87 -29.98
CA GLU B 310 18.20 -5.15 -31.35
C GLU B 310 16.74 -4.74 -31.61
N PHE B 311 15.89 -4.99 -30.62
CA PHE B 311 14.49 -4.61 -30.75
C PHE B 311 14.37 -3.09 -30.90
N LYS B 312 15.08 -2.33 -30.07
CA LYS B 312 15.00 -0.87 -30.15
C LYS B 312 15.53 -0.37 -31.51
N GLU B 313 16.60 -1.00 -31.98
CA GLU B 313 17.27 -0.66 -33.23
C GLU B 313 16.39 -0.92 -34.44
N LYS B 314 15.67 -2.03 -34.44
CA LYS B 314 14.88 -2.40 -35.61
C LYS B 314 13.45 -1.90 -35.57
N PHE B 315 12.83 -1.95 -34.39
CA PHE B 315 11.40 -1.71 -34.24
C PHE B 315 11.08 -0.39 -33.56
N GLY B 316 12.11 0.21 -32.97
CA GLY B 316 11.94 1.35 -32.10
C GLY B 316 11.29 2.55 -32.74
N HIS B 317 11.37 2.66 -34.06
CA HIS B 317 10.79 3.82 -34.75
C HIS B 317 9.39 3.59 -35.35
N VAL B 318 8.79 2.41 -35.12
CA VAL B 318 7.43 2.18 -35.61
C VAL B 318 6.45 2.39 -34.46
N SER B 319 5.21 2.78 -34.77
CA SER B 319 4.23 3.02 -33.74
C SER B 319 3.96 1.74 -32.90
N GLY B 320 4.09 0.57 -33.52
CA GLY B 320 3.76 -0.67 -32.83
C GLY B 320 4.76 -1.11 -31.77
N SER B 321 5.81 -0.32 -31.56
CA SER B 321 6.77 -0.64 -30.51
C SER B 321 6.49 0.07 -29.19
N TRP B 322 5.37 0.76 -29.12
CA TRP B 322 5.18 1.72 -28.03
C TRP B 322 4.95 1.04 -26.68
N ARG B 323 4.51 -0.22 -26.70
CA ARG B 323 4.37 -1.03 -25.46
C ARG B 323 5.55 -1.96 -25.24
N GLY B 324 6.67 -1.72 -25.94
CA GLY B 324 7.83 -2.59 -25.82
C GLY B 324 7.68 -3.92 -26.54
N LYS B 325 8.62 -4.83 -26.33
CA LYS B 325 8.68 -6.05 -27.13
C LYS B 325 7.86 -7.23 -26.56
N LYS B 326 7.38 -7.11 -25.34
CA LYS B 326 6.69 -8.24 -24.71
C LYS B 326 5.36 -8.65 -25.40
N PRO B 327 4.43 -7.70 -25.66
CA PRO B 327 3.22 -8.13 -26.37
C PRO B 327 3.50 -8.74 -27.75
N ILE B 328 4.46 -8.14 -28.44
CA ILE B 328 4.88 -8.62 -29.74
C ILE B 328 5.43 -10.06 -29.61
N GLN B 329 6.22 -10.31 -28.58
CA GLN B 329 6.79 -11.64 -28.43
C GLN B 329 5.71 -12.64 -28.01
N ARG B 330 4.78 -12.19 -27.18
CA ARG B 330 3.66 -13.05 -26.83
C ARG B 330 2.83 -13.43 -28.07
N ASN B 331 2.57 -12.46 -28.94
CA ASN B 331 1.81 -12.71 -30.17
C ASN B 331 2.58 -13.58 -31.15
N ALA B 332 3.90 -13.43 -31.20
CA ALA B 332 4.74 -14.27 -32.06
C ALA B 332 4.65 -15.75 -31.66
N ILE B 333 4.63 -16.03 -30.35
CA ILE B 333 4.48 -17.39 -29.84
C ILE B 333 3.10 -17.94 -30.26
N LEU B 334 2.07 -17.12 -30.05
CA LEU B 334 0.69 -17.47 -30.44
C LEU B 334 0.58 -17.69 -31.94
N ALA B 335 1.25 -16.86 -32.73
CA ALA B 335 1.29 -17.02 -34.18
C ALA B 335 1.97 -18.34 -34.59
N LEU B 336 3.07 -18.68 -33.94
CA LEU B 336 3.73 -19.97 -34.20
C LEU B 336 2.79 -21.15 -33.86
N ALA B 337 2.03 -21.04 -32.78
CA ALA B 337 1.09 -22.10 -32.42
C ALA B 337 -0.04 -22.20 -33.46
N HIS B 338 -0.48 -21.04 -33.96
CA HIS B 338 -1.47 -20.96 -35.03
C HIS B 338 -0.99 -21.64 -36.31
N PHE B 339 0.31 -21.56 -36.59
CA PHE B 339 0.89 -22.20 -37.79
C PHE B 339 1.31 -23.66 -37.50
N LYS B 340 1.05 -24.10 -36.27
CA LYS B 340 1.49 -25.39 -35.77
C LYS B 340 2.93 -25.71 -36.17
N ASP B 341 3.84 -24.77 -35.91
CA ASP B 341 5.21 -24.88 -36.41
C ASP B 341 6.08 -25.68 -35.45
N ALA B 342 6.19 -26.99 -35.69
CA ALA B 342 6.95 -27.85 -34.82
C ALA B 342 8.44 -27.54 -34.83
N SER B 343 8.93 -26.80 -35.82
CA SER B 343 10.34 -26.41 -35.81
C SER B 343 10.62 -25.37 -34.71
N ALA B 344 9.56 -24.74 -34.20
CA ALA B 344 9.70 -23.79 -33.09
C ALA B 344 9.67 -24.45 -31.70
N LEU B 345 9.38 -25.74 -31.63
CA LEU B 345 9.22 -26.42 -30.35
C LEU B 345 10.46 -26.35 -29.44
N PRO B 346 11.67 -26.56 -29.99
CA PRO B 346 12.83 -26.42 -29.09
C PRO B 346 13.00 -25.00 -28.49
N GLU B 347 12.87 -23.95 -29.31
CA GLU B 347 12.98 -22.59 -28.79
C GLU B 347 11.86 -22.26 -27.80
N LEU B 348 10.65 -22.70 -28.08
CA LEU B 348 9.54 -22.50 -27.13
C LEU B 348 9.76 -23.21 -25.80
N THR B 349 10.32 -24.42 -25.85
CA THR B 349 10.68 -25.15 -24.63
C THR B 349 11.76 -24.40 -23.84
N GLU B 350 12.75 -23.83 -24.52
CA GLU B 350 13.77 -23.05 -23.81
C GLU B 350 13.12 -21.83 -23.13
N LEU B 351 12.23 -21.14 -23.85
CA LEU B 351 11.57 -19.96 -23.31
C LEU B 351 10.75 -20.34 -22.10
N MET B 352 9.98 -21.43 -22.24
CA MET B 352 9.17 -21.94 -21.11
C MET B 352 9.95 -22.07 -19.82
N HIS B 353 11.21 -22.49 -19.92
CA HIS B 353 12.05 -22.68 -18.74
C HIS B 353 12.82 -21.43 -18.33
N LYS B 354 13.38 -20.73 -19.33
CA LYS B 354 14.35 -19.67 -19.05
C LYS B 354 13.80 -18.24 -19.01
N ASP B 355 12.76 -17.93 -19.77
CA ASP B 355 12.36 -16.52 -19.88
C ASP B 355 11.93 -15.99 -18.50
N PRO B 356 12.48 -14.84 -18.07
CA PRO B 356 12.13 -14.22 -16.78
C PRO B 356 10.64 -13.82 -16.64
N ARG B 357 9.91 -13.70 -17.75
CA ARG B 357 8.53 -13.22 -17.69
C ARG B 357 7.50 -14.35 -17.71
N PRO B 358 6.66 -14.46 -16.67
CA PRO B 358 5.63 -15.52 -16.58
C PRO B 358 4.66 -15.57 -17.79
N VAL B 359 4.32 -14.42 -18.37
CA VAL B 359 3.47 -14.40 -19.56
C VAL B 359 4.14 -15.08 -20.75
N ILE B 360 5.46 -14.92 -20.86
CA ILE B 360 6.19 -15.55 -21.96
C ILE B 360 6.39 -17.06 -21.70
N ARG B 361 6.81 -17.43 -20.50
CA ARG B 361 6.96 -18.85 -20.09
C ARG B 361 5.66 -19.61 -20.24
N GLY B 362 4.59 -19.03 -19.70
CA GLY B 362 3.25 -19.59 -19.82
C GLY B 362 2.68 -19.70 -21.23
N THR B 363 2.73 -18.62 -22.00
CA THR B 363 2.26 -18.67 -23.38
C THR B 363 3.08 -19.65 -24.23
N ALA B 364 4.39 -19.71 -24.02
CA ALA B 364 5.22 -20.73 -24.66
C ALA B 364 4.73 -22.15 -24.33
N ALA B 365 4.44 -22.42 -23.07
CA ALA B 365 4.00 -23.75 -22.65
C ALA B 365 2.68 -24.11 -23.33
N TRP B 366 1.75 -23.17 -23.35
CA TRP B 366 0.48 -23.39 -24.01
C TRP B 366 0.69 -23.68 -25.50
N ALA B 367 1.58 -22.90 -26.12
CA ALA B 367 1.86 -23.03 -27.57
C ALA B 367 2.45 -24.40 -27.90
N ILE B 368 3.31 -24.90 -27.02
CA ILE B 368 3.86 -26.26 -27.16
C ILE B 368 2.75 -27.30 -27.19
N GLY B 369 1.73 -27.13 -26.35
CA GLY B 369 0.60 -28.06 -26.33
C GLY B 369 -0.28 -27.89 -27.55
N LYS B 370 -0.57 -26.64 -27.92
CA LYS B 370 -1.41 -26.34 -29.07
C LYS B 370 -0.82 -26.86 -30.39
N ILE B 371 0.50 -26.87 -30.49
CA ILE B 371 1.19 -27.25 -31.74
C ILE B 371 1.00 -28.76 -31.97
N GLY B 372 0.93 -29.53 -30.88
CA GLY B 372 0.35 -30.85 -30.94
C GLY B 372 1.30 -32.02 -31.13
N ASP B 373 2.57 -31.83 -30.80
CA ASP B 373 3.54 -32.92 -30.92
C ASP B 373 3.67 -33.65 -29.58
N PRO B 374 3.27 -34.95 -29.53
CA PRO B 374 3.21 -35.68 -28.26
C PRO B 374 4.58 -35.83 -27.63
N ALA B 375 5.63 -35.68 -28.42
CA ALA B 375 6.99 -35.84 -27.92
C ALA B 375 7.36 -34.81 -26.86
N TYR B 376 6.60 -33.71 -26.76
CA TYR B 376 6.89 -32.69 -25.75
C TYR B 376 5.99 -32.79 -24.51
N ALA B 377 5.08 -33.77 -24.49
CA ALA B 377 4.16 -33.90 -23.35
C ALA B 377 4.92 -34.12 -22.05
N GLU B 378 5.89 -35.02 -22.07
CA GLU B 378 6.72 -35.26 -20.89
C GLU B 378 7.42 -34.00 -20.36
N GLU B 379 8.09 -33.25 -21.24
CA GLU B 379 8.76 -32.02 -20.80
C GLU B 379 7.75 -30.99 -20.25
N LEU B 380 6.53 -30.98 -20.76
CA LEU B 380 5.47 -30.16 -20.13
C LEU B 380 5.23 -30.66 -18.68
N GLU B 381 5.16 -31.97 -18.49
CA GLU B 381 4.88 -32.52 -17.15
C GLU B 381 5.97 -32.15 -16.18
N LYS B 382 7.20 -32.12 -16.69
CA LYS B 382 8.36 -31.84 -15.85
C LYS B 382 8.47 -30.36 -15.50
N ALA B 383 8.12 -29.51 -16.47
CA ALA B 383 8.20 -28.07 -16.30
C ALA B 383 7.22 -27.62 -15.23
N LEU B 384 6.06 -28.26 -15.23
CA LEU B 384 5.01 -27.98 -14.27
C LEU B 384 5.50 -28.13 -12.82
N GLU B 385 6.28 -29.19 -12.54
CA GLU B 385 6.77 -29.38 -11.17
C GLU B 385 7.87 -28.39 -10.81
N LYS B 386 8.36 -27.63 -11.78
CA LYS B 386 9.49 -26.72 -11.50
C LYS B 386 9.07 -25.24 -11.52
N GLU B 387 7.99 -24.93 -12.27
CA GLU B 387 7.44 -23.59 -12.36
C GLU B 387 6.82 -23.12 -11.06
N LYS B 388 7.25 -21.96 -10.54
CA LYS B 388 6.72 -21.46 -9.26
C LYS B 388 5.55 -20.48 -9.47
N ASP B 389 5.51 -19.82 -10.62
CA ASP B 389 4.44 -18.86 -10.88
C ASP B 389 3.13 -19.58 -11.16
N GLU B 390 2.08 -19.25 -10.39
CA GLU B 390 0.83 -19.99 -10.46
C GLU B 390 0.13 -19.85 -11.81
N GLU B 391 0.18 -18.67 -12.39
CA GLU B 391 -0.47 -18.43 -13.68
C GLU B 391 0.28 -19.14 -14.80
N ALA B 392 1.60 -19.12 -14.75
CA ALA B 392 2.40 -19.92 -15.68
C ALA B 392 2.17 -21.43 -15.49
N LYS B 393 2.09 -21.89 -14.24
CA LYS B 393 1.76 -23.30 -13.96
C LYS B 393 0.48 -23.65 -14.67
N LEU B 394 -0.48 -22.75 -14.53
CA LEU B 394 -1.78 -22.96 -15.11
C LEU B 394 -1.72 -23.09 -16.64
N GLU B 395 -0.89 -22.28 -17.29
CA GLU B 395 -0.75 -22.37 -18.74
C GLU B 395 -0.10 -23.73 -19.14
N ILE B 396 0.87 -24.20 -18.37
CA ILE B 396 1.46 -25.51 -18.62
C ILE B 396 0.39 -26.61 -18.51
N GLU B 397 -0.47 -26.49 -17.51
CA GLU B 397 -1.57 -27.43 -17.33
C GLU B 397 -2.57 -27.39 -18.49
N LYS B 398 -2.77 -26.20 -19.08
CA LYS B 398 -3.57 -26.08 -20.29
C LYS B 398 -2.85 -26.72 -21.47
N GLY B 399 -1.53 -26.49 -21.56
CA GLY B 399 -0.71 -27.14 -22.58
C GLY B 399 -0.79 -28.67 -22.53
N ILE B 400 -0.64 -29.23 -21.34
CA ILE B 400 -0.75 -30.69 -21.13
C ILE B 400 -2.12 -31.18 -21.59
N GLU B 401 -3.16 -30.48 -21.18
CA GLU B 401 -4.52 -30.86 -21.55
C GLU B 401 -4.74 -30.83 -23.08
N LEU B 402 -4.15 -29.84 -23.76
CA LEU B 402 -4.27 -29.75 -25.22
C LEU B 402 -3.64 -30.93 -25.93
N LEU B 403 -2.46 -31.33 -25.43
CA LEU B 403 -1.73 -32.46 -25.98
C LEU B 403 -2.43 -33.78 -25.67
N LYS B 404 -3.01 -33.89 -24.48
CA LYS B 404 -3.73 -35.09 -24.11
CA LYS B 404 -3.77 -35.07 -24.08
C LYS B 404 -4.99 -35.25 -24.97
N ALA B 405 -5.64 -34.16 -25.31
CA ALA B 405 -6.85 -34.21 -26.14
C ALA B 405 -6.55 -34.62 -27.58
N SER B 406 -5.55 -33.97 -28.18
CA SER B 406 -5.16 -34.27 -29.56
C SER B 406 -4.45 -35.63 -29.70
N GLY B 407 -3.79 -36.08 -28.64
CA GLY B 407 -3.22 -37.41 -28.60
C GLY B 407 -4.30 -38.47 -28.64
N MET B 408 -5.48 -38.13 -28.11
CA MET B 408 -6.66 -38.99 -28.19
C MET B 408 -7.37 -38.81 -29.55
N THR B 409 -6.58 -38.57 -30.59
CA THR B 409 -7.08 -38.52 -31.97
C THR B 409 -5.94 -38.71 -32.96
N ASN C 30 12.29 -36.56 46.61
CA ASN C 30 13.28 -35.66 47.21
C ASN C 30 13.25 -34.26 46.59
N VAL C 31 13.65 -34.15 45.33
CA VAL C 31 13.39 -32.93 44.56
C VAL C 31 11.90 -32.82 44.29
N TYR C 32 11.22 -33.97 44.14
CA TYR C 32 9.78 -33.93 44.00
C TYR C 32 9.16 -33.50 45.33
N GLN C 33 9.82 -33.88 46.43
CA GLN C 33 9.35 -33.52 47.75
C GLN C 33 9.56 -32.03 47.98
N LEU C 34 10.74 -31.55 47.62
CA LEU C 34 11.07 -30.14 47.77
C LEU C 34 10.08 -29.29 46.99
N LYS C 35 9.77 -29.73 45.77
CA LYS C 35 8.85 -29.02 44.90
C LYS C 35 7.46 -28.89 45.51
N GLU C 36 6.95 -29.98 46.08
CA GLU C 36 5.65 -29.97 46.74
C GLU C 36 5.65 -29.08 47.99
N GLU C 37 6.72 -29.12 48.77
CA GLU C 37 6.86 -28.22 49.93
C GLU C 37 6.92 -26.74 49.52
N LEU C 38 7.69 -26.44 48.49
CA LEU C 38 7.85 -25.07 48.00
C LEU C 38 6.50 -24.52 47.58
N ILE C 39 5.76 -25.31 46.82
CA ILE C 39 4.45 -24.91 46.35
C ILE C 39 3.53 -24.58 47.54
N GLU C 40 3.46 -25.50 48.49
CA GLU C 40 2.59 -25.33 49.66
C GLU C 40 3.00 -24.10 50.46
N TYR C 41 4.30 -23.93 50.67
CA TYR C 41 4.80 -22.76 51.36
C TYR C 41 4.52 -21.46 50.57
N ALA C 42 4.75 -21.49 49.25
CA ALA C 42 4.54 -20.31 48.41
C ALA C 42 3.12 -19.83 48.57
N LYS C 43 2.18 -20.77 48.53
CA LYS C 43 0.77 -20.42 48.62
C LYS C 43 0.40 -19.90 50.00
N SER C 44 1.06 -20.43 51.03
CA SER C 44 0.77 -19.99 52.39
C SER C 44 1.16 -18.52 52.58
N ILE C 45 2.19 -18.06 51.86
CA ILE C 45 2.61 -16.67 52.03
C ILE C 45 1.96 -15.74 51.01
N GLY C 46 0.95 -16.23 50.30
CA GLY C 46 0.14 -15.38 49.44
C GLY C 46 0.56 -15.33 47.98
N VAL C 47 1.42 -16.25 47.55
CA VAL C 47 1.65 -16.39 46.13
C VAL C 47 0.41 -17.01 45.52
N ASP C 48 -0.09 -16.46 44.42
CA ASP C 48 -1.38 -16.90 43.91
C ASP C 48 -1.23 -18.01 42.88
N LYS C 49 -0.07 -18.05 42.22
CA LYS C 49 0.20 -19.06 41.21
C LYS C 49 1.70 -19.27 41.11
N ILE C 50 2.12 -20.54 41.08
CA ILE C 50 3.53 -20.86 41.02
C ILE C 50 3.71 -21.92 39.93
N GLY C 51 4.87 -21.89 39.28
CA GLY C 51 5.14 -22.78 38.16
C GLY C 51 6.63 -23.04 38.01
N PHE C 52 6.96 -24.09 37.26
CA PHE C 52 8.35 -24.49 37.18
C PHE C 52 8.74 -24.62 35.72
N THR C 53 9.96 -24.16 35.41
CA THR C 53 10.50 -24.39 34.09
C THR C 53 11.99 -24.70 34.23
N THR C 54 12.62 -25.13 33.14
CA THR C 54 14.06 -25.38 33.14
C THR C 54 14.86 -24.09 33.07
N ALA C 55 16.18 -24.22 33.08
CA ALA C 55 17.07 -23.08 32.94
C ALA C 55 17.62 -23.03 31.52
N ASP C 56 16.94 -23.71 30.61
CA ASP C 56 17.37 -23.75 29.22
C ASP C 56 17.22 -22.37 28.61
N THR C 57 17.98 -22.14 27.53
CA THR C 57 17.99 -20.84 26.86
C THR C 57 16.64 -20.57 26.20
N PHE C 58 16.29 -19.30 26.09
CA PHE C 58 15.01 -18.93 25.48
C PHE C 58 15.22 -18.56 24.01
N ASP C 59 15.07 -19.54 23.13
CA ASP C 59 15.46 -19.37 21.73
C ASP C 59 14.45 -18.58 20.93
N SER C 60 13.17 -18.90 21.12
CA SER C 60 12.10 -18.18 20.44
C SER C 60 12.15 -16.72 20.82
N LEU C 61 12.40 -16.47 22.10
CA LEU C 61 12.46 -15.12 22.62
C LEU C 61 13.63 -14.34 22.00
N LYS C 62 14.76 -15.00 21.82
CA LYS C 62 15.93 -14.40 21.21
C LYS C 62 15.63 -13.89 19.80
N ASP C 63 15.05 -14.73 18.96
CA ASP C 63 14.62 -14.28 17.63
C ASP C 63 13.66 -13.11 17.69
N ARG C 64 12.70 -13.20 18.61
CA ARG C 64 11.65 -12.19 18.70
C ARG C 64 12.24 -10.84 19.11
N LEU C 65 13.14 -10.87 20.11
CA LEU C 65 13.77 -9.64 20.59
C LEU C 65 14.54 -8.95 19.47
N ILE C 66 15.35 -9.72 18.75
CA ILE C 66 16.08 -9.18 17.60
C ILE C 66 15.13 -8.60 16.57
N LEU C 67 14.08 -9.37 16.25
CA LEU C 67 13.12 -8.88 15.28
C LEU C 67 12.48 -7.57 15.75
N GLN C 68 12.13 -7.49 17.04
CA GLN C 68 11.45 -6.30 17.54
C GLN C 68 12.39 -5.10 17.53
N GLU C 69 13.67 -5.31 17.83
CA GLU C 69 14.65 -4.23 17.80
CA GLU C 69 14.58 -4.16 17.80
C GLU C 69 14.77 -3.71 16.37
N SER C 70 14.93 -4.67 15.44
CA SER C 70 15.03 -4.39 14.02
C SER C 70 13.91 -3.44 13.57
N LEU C 71 12.70 -3.74 14.01
CA LEU C 71 11.51 -2.97 13.65
C LEU C 71 11.40 -1.63 14.38
N GLY C 72 12.23 -1.39 15.39
CA GLY C 72 12.10 -0.18 16.19
C GLY C 72 10.96 -0.25 17.22
N TYR C 73 10.53 -1.47 17.58
CA TYR C 73 9.31 -1.65 18.37
C TYR C 73 9.55 -1.81 19.87
N LEU C 74 10.81 -1.85 20.29
CA LEU C 74 11.11 -2.02 21.70
C LEU C 74 10.93 -0.68 22.41
N SER C 75 10.93 -0.70 23.74
CA SER C 75 10.66 0.50 24.50
C SER C 75 11.92 1.16 25.01
N GLY C 76 12.97 0.37 25.23
CA GLY C 76 14.16 0.90 25.88
C GLY C 76 14.18 0.64 27.37
N PHE C 77 13.09 0.08 27.90
CA PHE C 77 13.05 -0.33 29.31
C PHE C 77 13.56 -1.75 29.51
N GLU C 78 13.78 -2.45 28.40
CA GLU C 78 14.29 -3.84 28.44
C GLU C 78 15.76 -3.86 28.84
N GLU C 79 16.20 -4.95 29.47
CA GLU C 79 17.63 -5.18 29.59
C GLU C 79 18.21 -5.14 28.16
N PRO C 80 19.32 -4.41 27.95
CA PRO C 80 19.89 -4.25 26.60
C PRO C 80 20.66 -5.47 26.05
N ASP C 81 21.32 -6.22 26.92
CA ASP C 81 22.07 -7.39 26.49
C ASP C 81 21.18 -8.61 26.25
N ILE C 82 20.85 -8.89 24.98
CA ILE C 82 19.98 -10.01 24.63
C ILE C 82 20.51 -11.38 25.11
N GLU C 83 21.83 -11.55 25.11
CA GLU C 83 22.41 -12.81 25.57
C GLU C 83 22.00 -13.14 27.01
N LYS C 84 22.09 -12.15 27.90
CA LYS C 84 21.67 -12.31 29.29
C LYS C 84 20.16 -12.53 29.43
N ARG C 85 19.38 -11.80 28.64
CA ARG C 85 17.92 -11.97 28.64
C ARG C 85 17.46 -13.40 28.35
N VAL C 86 18.23 -14.14 27.55
CA VAL C 86 17.72 -15.43 27.10
C VAL C 86 18.50 -16.62 27.64
N THR C 87 19.49 -16.35 28.49
CA THR C 87 20.32 -17.43 28.97
C THR C 87 20.42 -17.46 30.49
N PRO C 88 19.47 -18.13 31.13
CA PRO C 88 19.44 -18.23 32.60
C PRO C 88 20.78 -18.70 33.17
N LYS C 89 21.47 -19.57 32.44
CA LYS C 89 22.70 -20.16 32.93
C LYS C 89 23.86 -19.16 32.96
N LEU C 90 23.74 -18.08 32.18
CA LEU C 90 24.65 -16.94 32.26
C LEU C 90 24.46 -16.11 33.51
N LEU C 91 23.20 -15.98 33.95
CA LEU C 91 22.86 -15.14 35.09
C LEU C 91 23.15 -15.86 36.40
N LEU C 92 23.00 -17.18 36.37
CA LEU C 92 23.29 -18.01 37.54
C LEU C 92 24.05 -19.25 37.07
N PRO C 93 25.36 -19.25 37.30
CA PRO C 93 26.22 -20.36 36.87
C PRO C 93 25.60 -21.67 37.33
N LYS C 94 25.46 -22.62 36.41
CA LYS C 94 25.02 -23.98 36.73
C LYS C 94 23.54 -24.06 37.17
N ALA C 95 22.75 -23.14 36.64
CA ALA C 95 21.31 -23.12 36.85
C ALA C 95 20.62 -24.33 36.21
N LYS C 96 19.58 -24.82 36.87
CA LYS C 96 18.87 -26.00 36.41
C LYS C 96 17.37 -25.77 36.30
N SER C 97 16.85 -24.78 37.02
CA SER C 97 15.43 -24.44 36.90
C SER C 97 15.15 -22.96 37.17
N ILE C 98 13.93 -22.57 36.83
CA ILE C 98 13.43 -21.25 37.22
C ILE C 98 12.08 -21.42 37.87
N VAL C 99 11.91 -20.82 39.04
CA VAL C 99 10.63 -20.80 39.72
C VAL C 99 9.85 -19.51 39.40
N ALA C 100 8.76 -19.61 38.66
CA ALA C 100 7.92 -18.46 38.32
C ALA C 100 6.79 -18.25 39.33
N ILE C 101 6.56 -17.00 39.74
CA ILE C 101 5.41 -16.70 40.60
C ILE C 101 4.54 -15.58 40.03
N ALA C 102 3.25 -15.63 40.35
CA ALA C 102 2.31 -14.56 40.00
C ALA C 102 1.46 -14.20 41.23
N LEU C 103 1.24 -12.92 41.44
CA LEU C 103 0.26 -12.45 42.43
C LEU C 103 -0.80 -11.62 41.74
N ALA C 104 -2.06 -11.91 42.07
CA ALA C 104 -3.18 -11.25 41.42
C ALA C 104 -3.46 -9.89 42.08
N TYR C 105 -3.79 -8.89 41.28
CA TYR C 105 -4.04 -7.56 41.85
C TYR C 105 -5.44 -7.01 41.55
N PRO C 106 -5.92 -6.11 42.42
CA PRO C 106 -7.29 -5.60 42.27
C PRO C 106 -7.47 -4.82 40.98
N SER C 107 -8.62 -5.03 40.36
CA SER C 107 -8.94 -4.40 39.09
C SER C 107 -10.10 -3.40 39.22
N ARG C 108 -10.73 -3.36 40.39
CA ARG C 108 -11.77 -2.37 40.68
CA ARG C 108 -11.76 -2.35 40.67
C ARG C 108 -11.41 -1.60 41.93
N MET C 109 -11.51 -0.27 41.84
CA MET C 109 -11.23 0.65 42.94
C MET C 109 -12.50 0.86 43.81
N LYS C 110 -12.44 0.47 45.07
CA LYS C 110 -13.59 0.62 45.96
C LYS C 110 -13.78 2.08 46.38
N ASP C 111 -15.04 2.54 46.33
CA ASP C 111 -15.42 3.91 46.70
C ASP C 111 -14.57 4.96 46.00
N ALA C 112 -14.37 4.79 44.70
CA ALA C 112 -13.61 5.75 43.90
C ALA C 112 -14.39 7.06 43.75
N PRO C 113 -13.73 8.20 44.01
CA PRO C 113 -14.40 9.48 43.87
C PRO C 113 -14.62 9.78 42.40
N ARG C 114 -15.70 10.50 42.07
N ARG C 114 -15.69 10.52 42.09
CA ARG C 114 -15.98 10.82 40.69
CA ARG C 114 -16.01 10.87 40.72
C ARG C 114 -15.27 12.10 40.28
C ARG C 114 -15.24 12.12 40.29
N SER C 115 -14.70 12.10 39.08
CA SER C 115 -14.08 13.29 38.51
C SER C 115 -15.19 14.18 37.94
N THR C 116 -15.27 15.43 38.42
CA THR C 116 -16.33 16.33 37.96
C THR C 116 -15.78 17.53 37.20
N ARG C 117 -16.68 18.35 36.64
CA ARG C 117 -16.25 19.48 35.81
C ARG C 117 -15.37 20.45 36.59
N THR C 118 -15.70 20.62 37.86
CA THR C 118 -14.96 21.56 38.70
C THR C 118 -13.73 20.93 39.35
N GLU C 119 -13.81 19.62 39.60
CA GLU C 119 -12.77 18.88 40.27
C GLU C 119 -12.32 17.69 39.42
N ARG C 120 -11.54 17.97 38.39
CA ARG C 120 -11.11 16.94 37.44
C ARG C 120 -10.05 16.00 38.05
N ARG C 121 -10.07 14.75 37.66
CA ARG C 121 -9.09 13.79 38.18
C ARG C 121 -8.39 13.02 37.05
N GLY C 122 -7.15 12.59 37.30
CA GLY C 122 -6.46 11.67 36.42
C GLY C 122 -6.45 10.26 36.98
N ILE C 123 -5.83 9.31 36.30
CA ILE C 123 -5.89 7.94 36.79
C ILE C 123 -4.56 7.21 36.53
N PHE C 124 -4.09 6.49 37.55
CA PHE C 124 -2.98 5.56 37.44
C PHE C 124 -3.52 4.19 37.05
N CYS C 125 -2.76 3.45 36.25
CA CYS C 125 -3.14 2.12 35.86
C CYS C 125 -3.23 1.21 37.08
N ARG C 126 -3.95 0.11 36.91
CA ARG C 126 -4.11 -0.85 38.01
C ARG C 126 -2.78 -1.38 38.54
N ALA C 127 -1.74 -1.45 37.70
CA ALA C 127 -0.44 -1.99 38.16
C ALA C 127 0.32 -0.96 39.00
N SER C 128 -0.30 0.19 39.22
CA SER C 128 0.27 1.20 40.12
C SER C 128 -0.68 1.54 41.29
N TRP C 129 -1.54 0.60 41.64
CA TRP C 129 -2.38 0.77 42.83
C TRP C 129 -1.72 0.11 44.04
N GLY C 130 -1.65 0.84 45.15
CA GLY C 130 -1.11 0.30 46.38
C GLY C 130 0.40 0.25 46.35
N LYS C 131 0.96 -0.55 47.25
CA LYS C 131 2.41 -0.68 47.41
C LYS C 131 3.08 -1.30 46.17
N ASP C 132 4.13 -0.63 45.68
CA ASP C 132 4.93 -1.04 44.52
C ASP C 132 5.17 -2.55 44.44
N TYR C 133 4.64 -3.17 43.40
CA TYR C 133 4.78 -4.62 43.22
C TYR C 133 6.24 -5.11 43.25
N HIS C 134 7.18 -4.24 42.87
CA HIS C 134 8.61 -4.62 42.93
C HIS C 134 8.98 -5.04 44.36
N ASP C 135 8.49 -4.26 45.33
CA ASP C 135 8.76 -4.51 46.75
C ASP C 135 7.98 -5.71 47.26
N VAL C 136 6.73 -5.83 46.83
CA VAL C 136 5.86 -6.88 47.33
C VAL C 136 6.37 -8.23 46.84
N LEU C 137 6.70 -8.32 45.54
CA LEU C 137 7.10 -9.59 44.99
C LEU C 137 8.53 -9.95 45.40
N ARG C 138 9.39 -8.95 45.58
CA ARG C 138 10.73 -9.21 46.10
C ARG C 138 10.65 -9.80 47.51
N GLU C 139 9.69 -9.33 48.30
CA GLU C 139 9.53 -9.79 49.67
C GLU C 139 9.16 -11.27 49.66
N LYS C 140 8.30 -11.68 48.73
CA LYS C 140 7.89 -13.07 48.60
C LYS C 140 9.04 -13.94 48.07
N LEU C 141 9.83 -13.44 47.10
CA LEU C 141 11.00 -14.17 46.62
C LEU C 141 12.03 -14.40 47.72
N ASP C 142 12.29 -13.36 48.50
CA ASP C 142 13.23 -13.47 49.61
C ASP C 142 12.82 -14.57 50.58
N LEU C 143 11.52 -14.69 50.85
CA LEU C 143 11.04 -15.78 51.68
C LEU C 143 11.23 -17.13 51.00
N LEU C 144 10.97 -17.21 49.69
CA LEU C 144 11.09 -18.49 48.98
C LEU C 144 12.56 -18.91 48.95
N GLU C 145 13.42 -17.92 48.71
CA GLU C 145 14.86 -18.09 48.79
C GLU C 145 15.31 -18.64 50.14
N ASP C 146 14.88 -17.99 51.22
CA ASP C 146 15.31 -18.39 52.57
C ASP C 146 14.78 -19.79 52.91
N PHE C 147 13.60 -20.11 52.39
CA PHE C 147 13.04 -21.44 52.48
C PHE C 147 14.01 -22.48 51.92
N LEU C 148 14.65 -22.13 50.80
CA LEU C 148 15.55 -23.04 50.09
C LEU C 148 16.91 -23.14 50.80
N LYS C 149 17.46 -21.99 51.17
CA LYS C 149 18.70 -21.93 51.91
C LYS C 149 18.61 -22.69 53.22
N SER C 150 17.44 -22.63 53.85
CA SER C 150 17.22 -23.24 55.17
C SER C 150 17.29 -24.76 55.09
N LYS C 151 17.14 -25.32 53.90
CA LYS C 151 17.30 -26.75 53.69
C LYS C 151 18.78 -27.10 53.47
N HIS C 152 19.19 -27.07 52.21
CA HIS C 152 20.53 -27.54 51.85
C HIS C 152 21.52 -26.39 51.77
N ASP C 154 23.29 -26.77 49.50
CA ASP C 154 24.06 -25.86 48.65
C ASP C 154 23.21 -25.26 47.54
N ILE C 155 21.98 -24.90 47.88
CA ILE C 155 21.08 -24.30 46.91
C ILE C 155 21.50 -22.86 46.63
N ARG C 156 21.62 -22.52 45.36
CA ARG C 156 21.98 -21.15 44.98
C ARG C 156 20.83 -20.55 44.16
N THR C 157 20.62 -19.25 44.33
CA THR C 157 19.45 -18.61 43.71
C THR C 157 19.78 -17.23 43.15
N LYS C 158 18.95 -16.77 42.21
CA LYS C 158 18.97 -15.39 41.75
C LYS C 158 17.54 -14.95 41.41
N SER C 159 17.07 -13.92 42.11
CA SER C 159 15.68 -13.50 41.96
C SER C 159 15.60 -12.17 41.24
N MET C 160 14.47 -11.97 40.56
CA MET C 160 14.20 -10.70 39.90
C MET C 160 12.72 -10.48 39.69
N VAL C 161 12.32 -9.21 39.64
CA VAL C 161 10.97 -8.84 39.26
C VAL C 161 11.06 -7.56 38.45
N ASP C 162 10.73 -7.69 37.16
CA ASP C 162 10.61 -6.58 36.20
C ASP C 162 11.94 -5.89 35.85
N THR C 163 12.75 -5.56 36.84
CA THR C 163 14.01 -4.87 36.57
C THR C 163 15.20 -5.82 36.36
N GLY C 164 14.94 -7.12 36.31
CA GLY C 164 15.99 -8.09 36.04
C GLY C 164 16.23 -8.31 34.56
N GLU C 165 17.17 -9.21 34.25
CA GLU C 165 17.54 -9.42 32.85
C GLU C 165 16.49 -10.21 32.06
N LEU C 166 15.86 -11.18 32.70
CA LEU C 166 14.91 -12.07 32.02
C LEU C 166 13.65 -11.34 31.54
N SER C 167 12.97 -11.95 30.56
CA SER C 167 11.60 -11.62 30.26
C SER C 167 10.70 -12.39 31.23
N ASP C 168 10.04 -11.66 32.12
CA ASP C 168 9.16 -12.27 33.10
C ASP C 168 8.03 -13.02 32.40
N ARG C 169 7.58 -12.50 31.26
CA ARG C 169 6.52 -13.17 30.53
C ARG C 169 6.95 -14.47 29.89
N ALA C 170 8.17 -14.49 29.34
CA ALA C 170 8.70 -15.68 28.67
C ALA C 170 8.80 -16.80 29.71
N VAL C 171 9.33 -16.47 30.88
CA VAL C 171 9.43 -17.41 31.99
C VAL C 171 8.06 -17.92 32.46
N ALA C 172 7.12 -17.00 32.68
CA ALA C 172 5.79 -17.38 33.14
C ALA C 172 5.09 -18.27 32.11
N GLU C 173 5.23 -17.95 30.82
CA GLU C 173 4.63 -18.81 29.79
C GLU C 173 5.23 -20.22 29.82
N ARG C 174 6.54 -20.32 30.00
CA ARG C 174 7.18 -21.63 29.88
C ARG C 174 6.99 -22.46 31.16
N ALA C 175 6.59 -21.79 32.25
CA ALA C 175 6.36 -22.44 33.53
C ALA C 175 4.88 -22.74 33.72
N GLY C 176 4.08 -22.39 32.72
CA GLY C 176 2.66 -22.68 32.76
C GLY C 176 1.83 -21.74 33.62
N ILE C 177 2.35 -20.55 33.96
CA ILE C 177 1.59 -19.59 34.75
C ILE C 177 0.36 -19.17 33.96
N GLY C 178 0.57 -18.82 32.70
CA GLY C 178 -0.53 -18.36 31.85
C GLY C 178 -0.09 -18.41 30.40
N PHE C 179 -0.99 -18.11 29.48
CA PHE C 179 -0.63 -18.14 28.08
C PHE C 179 -0.37 -16.71 27.59
N SER C 180 0.31 -16.60 26.46
CA SER C 180 0.59 -15.31 25.84
C SER C 180 -0.58 -14.90 24.97
N ALA C 181 -1.36 -13.95 25.45
CA ALA C 181 -2.55 -13.47 24.74
C ALA C 181 -2.19 -12.47 23.63
N LYS C 182 -3.18 -12.12 22.83
CA LYS C 182 -2.97 -11.23 21.68
C LYS C 182 -2.63 -9.79 22.09
N ASN C 183 -2.97 -9.43 23.33
CA ASN C 183 -2.64 -8.09 23.87
C ASN C 183 -1.25 -8.09 24.52
N CYS C 184 -0.51 -9.19 24.29
CA CYS C 184 0.83 -9.47 24.83
C CYS C 184 0.87 -9.89 26.30
N MET C 185 -0.27 -9.88 26.98
CA MET C 185 -0.29 -10.19 28.40
C MET C 185 -0.22 -11.69 28.68
N ILE C 186 0.55 -12.06 29.70
CA ILE C 186 0.37 -13.38 30.28
C ILE C 186 -1.01 -13.41 30.98
N THR C 187 -1.91 -14.23 30.44
CA THR C 187 -3.26 -14.31 30.94
C THR C 187 -3.48 -15.67 31.59
N THR C 188 -3.95 -15.65 32.84
CA THR C 188 -4.17 -16.88 33.60
C THR C 188 -5.66 -17.23 33.62
N PRO C 189 -5.98 -18.53 33.70
CA PRO C 189 -7.39 -18.92 33.75
C PRO C 189 -8.09 -18.41 35.02
N GLU C 190 -7.39 -18.43 36.15
CA GLU C 190 -8.01 -18.09 37.43
C GLU C 190 -8.12 -16.57 37.62
N TYR C 191 -7.06 -15.84 37.25
CA TYR C 191 -6.91 -14.44 37.61
C TYR C 191 -6.91 -13.48 36.43
N GLY C 192 -7.12 -14.00 35.23
CA GLY C 192 -7.04 -13.17 34.04
C GLY C 192 -5.63 -12.66 33.80
N SER C 193 -5.49 -11.48 33.22
CA SER C 193 -4.17 -10.88 32.98
C SER C 193 -3.74 -9.97 34.14
N TYR C 194 -4.59 -9.87 35.16
CA TYR C 194 -4.33 -8.93 36.25
C TYR C 194 -3.41 -9.54 37.30
N VAL C 195 -2.22 -9.91 36.86
CA VAL C 195 -1.24 -10.50 37.76
C VAL C 195 0.13 -9.84 37.61
N TYR C 196 0.81 -9.65 38.74
CA TYR C 196 2.22 -9.30 38.73
C TYR C 196 3.10 -10.55 38.59
N LEU C 197 4.17 -10.48 37.80
CA LEU C 197 5.06 -11.64 37.59
C LEU C 197 6.44 -11.46 38.24
N ALA C 198 7.03 -12.58 38.65
CA ALA C 198 8.41 -12.59 39.12
C ALA C 198 8.94 -14.04 39.04
N GLU C 199 10.21 -14.22 39.33
CA GLU C 199 10.84 -15.52 39.16
C GLU C 199 12.19 -15.58 39.85
N MET C 200 12.58 -16.81 40.13
CA MET C 200 13.80 -17.11 40.86
C MET C 200 14.53 -18.22 40.10
N ILE C 201 15.72 -17.93 39.61
CA ILE C 201 16.56 -18.97 39.01
C ILE C 201 17.21 -19.82 40.10
N THR C 202 17.19 -21.14 39.96
CA THR C 202 17.90 -21.99 40.91
C THR C 202 18.75 -23.07 40.24
N ASN C 203 19.66 -23.64 41.03
CA ASN C 203 20.46 -24.77 40.60
C ASN C 203 19.78 -26.08 40.95
N ILE C 204 18.48 -26.02 41.26
CA ILE C 204 17.73 -27.22 41.61
C ILE C 204 17.04 -27.80 40.36
N PRO C 205 17.25 -29.09 40.08
CA PRO C 205 16.61 -29.62 38.87
C PRO C 205 15.13 -29.95 39.07
N PHE C 206 14.26 -28.97 39.37
CA PHE C 206 12.84 -29.26 39.51
C PHE C 206 12.32 -29.79 38.19
N GLU C 207 11.32 -30.65 38.24
CA GLU C 207 10.62 -31.06 37.03
C GLU C 207 9.83 -29.87 36.50
N PRO C 208 9.96 -29.55 35.21
CA PRO C 208 9.24 -28.41 34.66
C PRO C 208 7.75 -28.70 34.45
N ASP C 209 6.94 -27.65 34.42
CA ASP C 209 5.52 -27.79 34.12
C ASP C 209 5.30 -27.69 32.62
N VAL C 210 4.05 -27.72 32.19
CA VAL C 210 3.69 -27.67 30.77
C VAL C 210 2.97 -26.36 30.44
N PRO C 211 3.35 -25.71 29.32
CA PRO C 211 2.66 -24.48 28.94
C PRO C 211 1.17 -24.74 28.77
N ILE C 212 0.32 -23.77 29.12
CA ILE C 212 -1.12 -23.98 28.97
C ILE C 212 -1.64 -23.39 27.66
N GLU C 213 -2.84 -23.81 27.30
CA GLU C 213 -3.41 -23.55 25.97
C GLU C 213 -3.76 -22.06 25.75
N ASP C 214 -3.59 -21.59 24.53
CA ASP C 214 -4.02 -20.25 24.13
C ASP C 214 -5.53 -20.19 24.00
N MET C 215 -6.18 -19.31 24.76
CA MET C 215 -7.63 -19.20 24.78
C MET C 215 -8.21 -18.00 24.01
N CYS C 216 -7.37 -17.28 23.25
CA CYS C 216 -7.88 -16.08 22.57
C CYS C 216 -8.80 -16.39 21.39
N GLY C 217 -8.51 -17.46 20.66
CA GLY C 217 -9.31 -17.81 19.50
C GLY C 217 -9.40 -16.69 18.47
N SER C 218 -10.58 -16.52 17.88
CA SER C 218 -10.78 -15.55 16.80
C SER C 218 -11.05 -14.15 17.32
N CYS C 219 -11.05 -13.98 18.63
CA CYS C 219 -11.25 -12.67 19.26
C CYS C 219 -10.14 -11.69 18.87
N THR C 220 -10.49 -10.41 18.79
CA THR C 220 -9.52 -9.34 18.52
C THR C 220 -9.91 -8.04 19.22
N LYS C 221 -10.63 -8.13 20.33
CA LYS C 221 -11.17 -6.91 20.95
C LYS C 221 -10.08 -5.97 21.45
N CYS C 222 -8.98 -6.53 21.95
CA CYS C 222 -7.88 -5.69 22.44
C CYS C 222 -7.18 -4.93 21.31
N LEU C 223 -6.96 -5.60 20.19
CA LEU C 223 -6.30 -4.99 19.04
C LEU C 223 -7.14 -3.85 18.49
N ASP C 224 -8.45 -4.08 18.42
CA ASP C 224 -9.39 -3.08 17.91
C ASP C 224 -9.61 -1.92 18.89
N ALA C 225 -9.46 -2.18 20.18
CA ALA C 225 -9.72 -1.17 21.21
C ALA C 225 -8.53 -0.26 21.49
N CYS C 226 -7.31 -0.77 21.26
CA CYS C 226 -6.13 0.04 21.48
C CYS C 226 -6.24 1.40 20.78
N PRO C 227 -6.11 2.49 21.55
CA PRO C 227 -6.35 3.84 21.04
C PRO C 227 -5.29 4.34 20.06
N THR C 228 -4.15 3.65 19.96
CA THR C 228 -3.07 4.17 19.13
C THR C 228 -2.64 3.15 18.08
N GLY C 229 -3.33 2.02 18.08
CA GLY C 229 -2.96 0.91 17.21
C GLY C 229 -1.62 0.29 17.53
N ALA C 230 -1.13 0.52 18.76
CA ALA C 230 0.18 0.01 19.15
C ALA C 230 0.24 -1.52 19.10
N LEU C 231 -0.90 -2.20 19.29
CA LEU C 231 -0.90 -3.65 19.04
C LEU C 231 -1.05 -3.84 17.54
N VAL C 232 0.09 -3.93 16.85
CA VAL C 232 0.11 -3.92 15.38
C VAL C 232 -0.17 -5.29 14.79
N ASN C 233 0.15 -6.34 15.55
CA ASN C 233 -0.26 -7.70 15.20
C ASN C 233 -0.62 -8.42 16.51
N PRO C 234 -1.38 -9.53 16.42
CA PRO C 234 -1.62 -10.37 17.60
C PRO C 234 -0.32 -10.65 18.33
N GLY C 235 -0.21 -10.24 19.58
CA GLY C 235 0.96 -10.52 20.40
C GLY C 235 2.19 -9.72 20.01
N GLN C 236 2.00 -8.67 19.22
CA GLN C 236 3.13 -7.83 18.81
C GLN C 236 2.86 -6.36 19.15
N LEU C 237 3.65 -5.83 20.08
CA LEU C 237 3.49 -4.44 20.48
C LEU C 237 4.55 -3.56 19.81
N ASN C 238 4.11 -2.43 19.27
CA ASN C 238 5.01 -1.33 18.96
C ASN C 238 5.08 -0.43 20.18
N ALA C 239 6.06 -0.65 21.04
CA ALA C 239 6.09 0.07 22.32
C ALA C 239 6.18 1.60 22.17
N GLN C 240 6.75 2.10 21.07
CA GLN C 240 6.91 3.54 20.89
C GLN C 240 5.56 4.22 20.73
N ARG C 241 4.52 3.47 20.39
CA ARG C 241 3.18 4.04 20.21
C ARG C 241 2.21 3.64 21.33
N CYS C 242 2.71 2.91 22.33
CA CYS C 242 1.87 2.45 23.44
C CYS C 242 1.75 3.53 24.49
N ILE C 243 0.51 3.88 24.82
CA ILE C 243 0.24 4.90 25.82
C ILE C 243 0.94 4.63 27.14
N SER C 244 1.02 3.36 27.53
CA SER C 244 1.67 3.04 28.78
C SER C 244 3.14 3.47 28.73
N PHE C 245 3.83 3.12 27.65
CA PHE C 245 5.19 3.65 27.45
C PHE C 245 5.21 5.18 27.43
N LEU C 246 4.35 5.76 26.62
CA LEU C 246 4.32 7.22 26.42
C LEU C 246 4.12 8.03 27.71
N THR C 247 3.25 7.55 28.60
CA THR C 247 3.06 8.24 29.87
C THR C 247 4.34 8.26 30.72
N GLN C 248 5.28 7.35 30.47
CA GLN C 248 6.50 7.31 31.27
C GLN C 248 7.68 8.07 30.65
N THR C 249 7.51 8.69 29.50
CA THR C 249 8.63 9.41 28.90
C THR C 249 8.88 10.74 29.59
N LYS C 250 10.13 11.21 29.54
CA LYS C 250 10.51 12.41 30.27
C LYS C 250 10.59 13.68 29.41
N GLY C 251 10.38 13.55 28.10
CA GLY C 251 10.45 14.69 27.21
C GLY C 251 9.07 15.15 26.78
N PHE C 252 8.99 15.84 25.64
CA PHE C 252 7.72 16.27 25.09
C PHE C 252 6.95 15.09 24.49
N LEU C 253 5.68 14.96 24.79
CA LEU C 253 4.84 14.00 24.08
C LEU C 253 4.66 14.47 22.63
N PRO C 254 5.00 13.61 21.66
CA PRO C 254 4.64 13.93 20.25
C PRO C 254 3.17 14.30 20.14
N ASP C 255 2.86 15.31 19.33
CA ASP C 255 1.52 15.87 19.24
C ASP C 255 0.42 14.85 18.99
N GLU C 256 0.69 13.86 18.13
CA GLU C 256 -0.38 12.93 17.78
C GLU C 256 -0.95 12.15 18.98
N PHE C 257 -0.20 12.05 20.07
CA PHE C 257 -0.66 11.29 21.25
C PHE C 257 -1.30 12.17 22.30
N ARG C 258 -1.17 13.48 22.13
CA ARG C 258 -1.67 14.42 23.13
C ARG C 258 -3.17 14.37 23.26
N THR C 259 -3.83 13.86 22.23
CA THR C 259 -5.28 13.78 22.26
C THR C 259 -5.78 12.36 22.57
N LYS C 260 -4.86 11.40 22.63
CA LYS C 260 -5.24 10.01 22.85
C LYS C 260 -5.00 9.56 24.29
N ILE C 261 -4.22 10.32 25.05
CA ILE C 261 -3.81 9.93 26.38
C ILE C 261 -4.98 10.04 27.37
N GLY C 262 -5.92 10.96 27.10
CA GLY C 262 -7.11 11.12 27.92
C GLY C 262 -6.76 11.64 29.30
N ASN C 263 -7.27 11.00 30.35
CA ASN C 263 -6.90 11.45 31.68
C ASN C 263 -5.94 10.47 32.37
N ARG C 264 -5.20 9.70 31.58
CA ARG C 264 -4.24 8.77 32.17
C ARG C 264 -3.02 9.52 32.64
N LEU C 265 -2.59 9.27 33.87
CA LEU C 265 -1.38 9.91 34.38
C LEU C 265 -0.17 8.97 34.30
N TYR C 266 -0.44 7.67 34.19
CA TYR C 266 0.59 6.63 34.25
C TYR C 266 0.00 5.26 33.88
N GLY C 267 0.56 4.65 32.85
CA GLY C 267 0.11 3.35 32.41
C GLY C 267 -1.17 3.45 31.63
N CYS C 268 -1.56 2.32 31.05
CA CYS C 268 -2.81 2.22 30.30
C CYS C 268 -3.36 0.80 30.47
N ASP C 269 -4.64 0.68 30.78
CA ASP C 269 -5.26 -0.64 31.08
C ASP C 269 -6.26 -1.09 30.03
N THR C 270 -6.39 -0.32 28.96
CA THR C 270 -7.46 -0.54 27.98
C THR C 270 -7.42 -1.93 27.32
N CYS C 271 -6.27 -2.42 26.87
CA CYS C 271 -6.28 -3.77 26.27
C CYS C 271 -6.59 -4.88 27.29
N GLN C 272 -6.62 -4.56 28.58
CA GLN C 272 -7.05 -5.52 29.58
C GLN C 272 -8.51 -5.40 29.99
N THR C 273 -9.01 -4.16 30.13
CA THR C 273 -10.38 -4.00 30.61
C THR C 273 -11.39 -4.44 29.55
N VAL C 274 -10.99 -4.41 28.27
CA VAL C 274 -11.89 -4.84 27.18
C VAL C 274 -11.82 -6.35 26.94
N CYS C 275 -10.96 -7.04 27.70
CA CYS C 275 -10.72 -8.45 27.45
C CYS C 275 -11.72 -9.32 28.21
N PRO C 276 -12.53 -10.09 27.47
CA PRO C 276 -13.52 -11.04 28.00
C PRO C 276 -12.93 -11.98 29.06
N LEU C 277 -11.67 -12.35 28.88
CA LEU C 277 -10.99 -13.22 29.83
C LEU C 277 -10.71 -12.51 31.16
N ASN C 278 -10.92 -11.20 31.21
CA ASN C 278 -10.82 -10.45 32.47
C ASN C 278 -12.18 -10.09 33.06
N LYS C 279 -13.24 -10.51 32.38
CA LYS C 279 -14.59 -10.20 32.83
C LYS C 279 -14.82 -10.73 34.24
N GLY C 280 -15.21 -9.85 35.16
CA GLY C 280 -15.51 -10.24 36.52
C GLY C 280 -14.30 -10.70 37.34
N LYS C 281 -13.10 -10.44 36.84
CA LYS C 281 -11.90 -10.73 37.60
C LYS C 281 -11.56 -9.49 38.42
N ASP C 282 -11.81 -9.57 39.73
CA ASP C 282 -11.49 -8.46 40.62
C ASP C 282 -11.04 -9.01 41.96
N PHE C 283 -9.77 -9.37 42.06
CA PHE C 283 -9.26 -10.02 43.25
C PHE C 283 -8.66 -9.01 44.23
N HIS C 284 -9.08 -9.14 45.49
CA HIS C 284 -8.50 -8.39 46.60
C HIS C 284 -7.91 -9.34 47.64
N LEU C 285 -6.78 -9.96 47.28
CA LEU C 285 -6.15 -10.98 48.11
C LEU C 285 -4.97 -10.45 48.91
N HIS C 286 -4.56 -9.21 48.63
CA HIS C 286 -3.37 -8.61 49.25
C HIS C 286 -3.67 -7.19 49.72
N PRO C 287 -3.88 -6.99 51.04
CA PRO C 287 -4.27 -5.67 51.59
C PRO C 287 -3.40 -4.51 51.12
N GLU C 288 -2.11 -4.74 50.92
CA GLU C 288 -1.20 -3.61 50.63
C GLU C 288 -1.32 -3.15 49.18
N MET C 289 -1.99 -3.96 48.37
CA MET C 289 -2.24 -3.65 46.98
C MET C 289 -3.49 -2.78 46.75
N GLU C 290 -4.29 -2.60 47.79
CA GLU C 290 -5.51 -1.80 47.68
C GLU C 290 -5.16 -0.36 47.32
N PRO C 291 -5.80 0.17 46.29
CA PRO C 291 -5.53 1.56 45.87
C PRO C 291 -6.02 2.52 46.92
N ASP C 292 -5.26 3.58 47.12
CA ASP C 292 -5.77 4.71 47.85
C ASP C 292 -6.31 5.67 46.78
N PRO C 293 -7.64 5.91 46.78
CA PRO C 293 -8.29 6.69 45.72
C PRO C 293 -7.72 8.09 45.56
N GLU C 294 -7.32 8.72 46.66
CA GLU C 294 -6.78 10.07 46.56
C GLU C 294 -5.49 10.14 45.76
N ILE C 295 -4.71 9.06 45.68
CA ILE C 295 -3.48 9.16 44.86
C ILE C 295 -3.54 8.29 43.63
N ALA C 296 -4.42 7.29 43.63
CA ALA C 296 -4.58 6.42 42.48
C ALA C 296 -5.45 7.09 41.44
N LYS C 297 -6.37 7.92 41.91
CA LYS C 297 -7.19 8.74 41.03
C LYS C 297 -7.14 10.19 41.51
N PRO C 298 -5.97 10.82 41.40
CA PRO C 298 -5.77 12.10 42.06
C PRO C 298 -6.37 13.27 41.31
N LEU C 299 -6.71 14.33 42.05
CA LEU C 299 -7.12 15.63 41.48
C LEU C 299 -5.99 16.17 40.63
N LEU C 300 -6.33 16.64 39.43
CA LEU C 300 -5.31 17.11 38.51
C LEU C 300 -4.63 18.41 38.94
N LYS C 301 -5.41 19.41 39.34
CA LYS C 301 -4.87 20.76 39.61
C LYS C 301 -3.84 20.83 40.76
N PRO C 302 -4.07 20.12 41.88
CA PRO C 302 -2.98 20.11 42.88
C PRO C 302 -1.65 19.52 42.37
N LEU C 303 -1.70 18.66 41.35
CA LEU C 303 -0.47 18.11 40.77
C LEU C 303 0.37 19.13 40.00
N LEU C 304 -0.21 20.26 39.60
CA LEU C 304 0.58 21.24 38.85
C LEU C 304 1.64 21.91 39.71
N ALA C 305 1.46 21.93 41.03
CA ALA C 305 2.36 22.69 41.90
C ALA C 305 3.02 21.88 43.03
N ILE C 306 2.96 20.56 42.93
CA ILE C 306 3.41 19.69 44.03
C ILE C 306 4.94 19.71 44.18
N SER C 307 5.41 19.86 45.42
CA SER C 307 6.85 19.87 45.67
C SER C 307 7.44 18.47 45.53
N ASN C 308 8.77 18.40 45.42
CA ASN C 308 9.47 17.12 45.42
C ASN C 308 9.13 16.34 46.67
N ARG C 309 9.17 17.03 47.81
CA ARG C 309 8.93 16.39 49.09
C ARG C 309 7.51 15.85 49.17
N GLU C 310 6.56 16.66 48.76
CA GLU C 310 5.16 16.26 48.85
C GLU C 310 4.88 15.07 47.93
N PHE C 311 5.42 15.13 46.71
CA PHE C 311 5.28 14.03 45.77
C PHE C 311 5.86 12.73 46.32
N LYS C 312 7.05 12.81 46.92
CA LYS C 312 7.68 11.60 47.43
CA LYS C 312 7.69 11.61 47.45
C LYS C 312 6.87 11.06 48.60
N GLU C 313 6.35 11.96 49.42
CA GLU C 313 5.50 11.62 50.54
C GLU C 313 4.16 11.01 50.11
N LYS C 314 3.56 11.54 49.06
CA LYS C 314 2.26 11.01 48.64
C LYS C 314 2.36 9.80 47.71
N PHE C 315 3.28 9.85 46.76
CA PHE C 315 3.31 8.90 45.65
C PHE C 315 4.52 7.97 45.70
N GLY C 316 5.41 8.20 46.64
CA GLY C 316 6.72 7.57 46.61
C GLY C 316 6.72 6.07 46.79
N HIS C 317 5.62 5.49 47.23
CA HIS C 317 5.57 4.06 47.44
C HIS C 317 4.77 3.30 46.39
N VAL C 318 4.25 3.99 45.36
CA VAL C 318 3.53 3.29 44.29
C VAL C 318 4.49 3.09 43.13
N SER C 319 4.23 2.10 42.27
CA SER C 319 5.18 1.80 41.19
C SER C 319 5.26 2.96 40.17
N GLY C 320 4.20 3.75 40.06
CA GLY C 320 4.14 4.82 39.08
C GLY C 320 4.96 6.05 39.41
N SER C 321 5.63 6.04 40.56
CA SER C 321 6.50 7.16 40.93
C SER C 321 7.96 6.92 40.52
N TRP C 322 8.23 5.80 39.85
CA TRP C 322 9.61 5.38 39.63
C TRP C 322 10.38 6.29 38.68
N ARG C 323 9.68 7.12 37.90
CA ARG C 323 10.33 8.09 36.99
C ARG C 323 10.31 9.51 37.55
N GLY C 324 9.90 9.65 38.81
CA GLY C 324 9.80 10.96 39.43
C GLY C 324 8.51 11.65 39.04
N LYS C 325 8.33 12.89 39.47
CA LYS C 325 7.07 13.57 39.26
C LYS C 325 6.91 14.25 37.89
N LYS C 326 7.98 14.46 37.14
CA LYS C 326 7.84 15.25 35.90
C LYS C 326 6.89 14.66 34.84
N PRO C 327 7.02 13.35 34.50
CA PRO C 327 6.05 12.76 33.57
C PRO C 327 4.60 12.85 34.08
N ILE C 328 4.41 12.77 35.40
CA ILE C 328 3.09 12.80 36.02
C ILE C 328 2.51 14.22 35.85
N GLN C 329 3.33 15.23 36.08
CA GLN C 329 2.89 16.63 35.94
C GLN C 329 2.60 16.96 34.47
N ARG C 330 3.46 16.53 33.56
CA ARG C 330 3.20 16.72 32.14
C ARG C 330 1.87 16.11 31.73
N ASN C 331 1.60 14.90 32.20
CA ASN C 331 0.37 14.20 31.85
C ASN C 331 -0.86 14.84 32.49
N ALA C 332 -0.71 15.42 33.68
CA ALA C 332 -1.80 16.13 34.34
C ALA C 332 -2.16 17.41 33.57
N ILE C 333 -1.16 18.05 32.98
CA ILE C 333 -1.38 19.22 32.14
C ILE C 333 -2.16 18.79 30.88
N LEU C 334 -1.69 17.74 30.22
CA LEU C 334 -2.39 17.20 29.05
C LEU C 334 -3.83 16.77 29.36
N ALA C 335 -4.01 16.12 30.52
CA ALA C 335 -5.34 15.71 30.94
C ALA C 335 -6.23 16.94 31.14
N LEU C 336 -5.68 18.00 31.72
CA LEU C 336 -6.45 19.23 31.91
C LEU C 336 -6.84 19.81 30.55
N ALA C 337 -5.93 19.79 29.59
CA ALA C 337 -6.24 20.24 28.23
C ALA C 337 -7.33 19.39 27.59
N HIS C 338 -7.24 18.08 27.79
CA HIS C 338 -8.25 17.11 27.34
C HIS C 338 -9.63 17.48 27.85
N PHE C 339 -9.69 17.87 29.12
CA PHE C 339 -10.95 18.22 29.77
C PHE C 339 -11.39 19.65 29.44
N LYS C 340 -10.54 20.42 28.77
CA LYS C 340 -10.75 21.84 28.48
C LYS C 340 -11.04 22.66 29.73
N ASP C 341 -10.31 22.36 30.80
CA ASP C 341 -10.57 22.98 32.11
C ASP C 341 -10.03 24.41 32.17
N ALA C 342 -10.92 25.39 31.99
CA ALA C 342 -10.50 26.78 31.95
C ALA C 342 -10.08 27.28 33.33
N SER C 343 -10.59 26.65 34.39
CA SER C 343 -10.21 27.06 35.73
C SER C 343 -8.75 26.72 36.06
N ALA C 344 -8.13 25.87 35.25
CA ALA C 344 -6.67 25.67 35.32
C ALA C 344 -5.84 26.71 34.55
N LEU C 345 -6.49 27.55 33.74
CA LEU C 345 -5.70 28.52 32.92
C LEU C 345 -4.73 29.40 33.72
N PRO C 346 -5.16 29.98 34.87
CA PRO C 346 -4.18 30.81 35.59
C PRO C 346 -2.96 30.03 36.06
N GLU C 347 -3.19 28.89 36.70
CA GLU C 347 -2.06 28.07 37.15
C GLU C 347 -1.15 27.61 35.99
N LEU C 348 -1.73 27.23 34.85
CA LEU C 348 -0.93 26.83 33.70
C LEU C 348 -0.06 27.98 33.19
N THR C 349 -0.61 29.20 33.25
CA THR C 349 0.10 30.40 32.86
C THR C 349 1.29 30.65 33.78
N GLU C 350 1.08 30.46 35.07
CA GLU C 350 2.20 30.61 36.00
C GLU C 350 3.32 29.59 35.69
N LEU C 351 2.92 28.35 35.39
CA LEU C 351 3.88 27.28 35.06
C LEU C 351 4.64 27.61 33.79
N MET C 352 3.91 28.00 32.75
CA MET C 352 4.54 28.45 31.48
C MET C 352 5.64 29.47 31.69
N HIS C 353 5.47 30.34 32.68
CA HIS C 353 6.47 31.37 32.95
C HIS C 353 7.58 30.94 33.91
N LYS C 354 7.23 30.20 34.94
CA LYS C 354 8.14 30.05 36.08
C LYS C 354 8.73 28.64 36.29
N ASP C 355 8.11 27.60 35.74
CA ASP C 355 8.66 26.26 35.97
C ASP C 355 10.07 26.14 35.36
N PRO C 356 11.04 25.63 36.15
CA PRO C 356 12.42 25.52 35.66
C PRO C 356 12.61 24.51 34.52
N ARG C 357 11.57 23.72 34.21
CA ARG C 357 11.71 22.62 33.25
C ARG C 357 10.99 22.92 31.93
N PRO C 358 11.73 22.96 30.81
CA PRO C 358 11.14 23.35 29.51
C PRO C 358 9.95 22.50 29.09
N VAL C 359 10.02 21.19 29.33
CA VAL C 359 8.91 20.29 29.02
C VAL C 359 7.63 20.74 29.73
N ILE C 360 7.76 21.23 30.96
CA ILE C 360 6.60 21.69 31.72
C ILE C 360 6.13 23.09 31.25
N ARG C 361 7.06 24.05 31.10
CA ARG C 361 6.70 25.36 30.51
C ARG C 361 6.01 25.17 29.18
N GLY C 362 6.62 24.41 28.27
CA GLY C 362 6.07 24.20 26.94
C GLY C 362 4.74 23.47 26.86
N THR C 363 4.62 22.37 27.61
CA THR C 363 3.37 21.62 27.59
C THR C 363 2.26 22.48 28.17
N ALA C 364 2.59 23.28 29.18
CA ALA C 364 1.60 24.18 29.78
C ALA C 364 1.08 25.19 28.75
N ALA C 365 1.99 25.74 27.95
CA ALA C 365 1.62 26.76 26.95
C ALA C 365 0.75 26.11 25.88
N TRP C 366 1.13 24.91 25.46
CA TRP C 366 0.31 24.15 24.52
C TRP C 366 -1.09 23.94 25.10
N ALA C 367 -1.16 23.59 26.38
CA ALA C 367 -2.46 23.29 27.00
C ALA C 367 -3.34 24.55 27.06
N ILE C 368 -2.72 25.69 27.36
CA ILE C 368 -3.45 26.97 27.32
C ILE C 368 -4.15 27.16 25.97
N GLY C 369 -3.42 26.97 24.88
CA GLY C 369 -4.01 27.06 23.55
C GLY C 369 -5.08 26.00 23.28
N LYS C 370 -4.79 24.75 23.62
CA LYS C 370 -5.74 23.65 23.40
C LYS C 370 -7.06 23.83 24.17
N ILE C 371 -6.97 24.41 25.36
CA ILE C 371 -8.16 24.63 26.21
C ILE C 371 -9.13 25.63 25.54
N GLY C 372 -8.60 26.64 24.83
CA GLY C 372 -9.39 27.35 23.85
C GLY C 372 -10.03 28.66 24.26
N ASP C 373 -9.53 29.25 25.33
CA ASP C 373 -9.99 30.55 25.80
C ASP C 373 -9.12 31.65 25.19
N PRO C 374 -9.70 32.46 24.27
CA PRO C 374 -8.94 33.47 23.52
C PRO C 374 -8.36 34.55 24.42
N ALA C 375 -8.91 34.67 25.62
CA ALA C 375 -8.41 35.66 26.59
C ALA C 375 -6.93 35.48 26.93
N TYR C 376 -6.41 34.26 26.77
CA TYR C 376 -5.04 33.98 27.13
C TYR C 376 -4.09 34.12 25.93
N ALA C 377 -4.63 34.50 24.77
CA ALA C 377 -3.85 34.58 23.53
C ALA C 377 -2.73 35.61 23.63
N GLU C 378 -3.08 36.79 24.13
CA GLU C 378 -2.11 37.84 24.35
C GLU C 378 -0.95 37.42 25.23
N GLU C 379 -1.26 36.80 26.38
CA GLU C 379 -0.19 36.38 27.27
C GLU C 379 0.69 35.27 26.66
N LEU C 380 0.13 34.42 25.79
CA LEU C 380 1.00 33.51 25.05
C LEU C 380 1.95 34.33 24.17
N GLU C 381 1.45 35.40 23.54
CA GLU C 381 2.28 36.20 22.61
C GLU C 381 3.45 36.77 23.37
N LYS C 382 3.17 37.21 24.60
CA LYS C 382 4.16 37.85 25.43
C LYS C 382 5.15 36.85 25.99
N ALA C 383 4.67 35.64 26.29
CA ALA C 383 5.55 34.56 26.78
C ALA C 383 6.55 34.18 25.69
N LEU C 384 6.05 34.10 24.46
CA LEU C 384 6.86 33.85 23.29
C LEU C 384 8.11 34.73 23.22
N GLU C 385 7.95 36.02 23.50
CA GLU C 385 9.08 36.94 23.39
C GLU C 385 10.00 36.87 24.59
N LYS C 386 9.62 36.12 25.62
CA LYS C 386 10.46 36.03 26.81
C LYS C 386 11.11 34.65 27.01
N GLU C 387 10.50 33.62 26.43
CA GLU C 387 11.02 32.25 26.57
C GLU C 387 12.30 32.08 25.78
N LYS C 388 13.35 31.55 26.40
CA LYS C 388 14.62 31.40 25.69
C LYS C 388 14.88 29.98 25.19
N ASP C 389 14.24 28.97 25.79
CA ASP C 389 14.38 27.59 25.32
C ASP C 389 13.61 27.37 24.02
N GLU C 390 14.28 26.86 22.99
CA GLU C 390 13.69 26.84 21.65
C GLU C 390 12.51 25.87 21.53
N GLU C 391 12.60 24.75 22.23
CA GLU C 391 11.52 23.77 22.22
C GLU C 391 10.30 24.31 22.97
N ALA C 392 10.56 24.97 24.09
CA ALA C 392 9.48 25.66 24.77
C ALA C 392 8.85 26.73 23.87
N LYS C 393 9.65 27.57 23.20
CA LYS C 393 9.12 28.62 22.32
C LYS C 393 8.22 28.00 21.27
N LEU C 394 8.69 26.89 20.74
CA LEU C 394 7.94 26.19 19.72
C LEU C 394 6.57 25.71 20.26
N GLU C 395 6.56 25.25 21.52
CA GLU C 395 5.30 24.84 22.11
C GLU C 395 4.38 26.07 22.28
N ILE C 396 4.94 27.23 22.65
CA ILE C 396 4.12 28.43 22.76
C ILE C 396 3.52 28.80 21.39
N GLU C 397 4.34 28.68 20.35
CA GLU C 397 3.91 28.85 18.96
C GLU C 397 2.71 27.98 18.60
N LYS C 398 2.82 26.68 18.87
CA LYS C 398 1.70 25.75 18.72
C LYS C 398 0.49 26.23 19.49
N GLY C 399 0.70 26.66 20.72
CA GLY C 399 -0.40 27.12 21.55
C GLY C 399 -1.11 28.33 20.95
N ILE C 400 -0.34 29.30 20.45
CA ILE C 400 -0.94 30.48 19.79
C ILE C 400 -1.76 30.05 18.60
N GLU C 401 -1.19 29.14 17.80
CA GLU C 401 -1.86 28.62 16.62
C GLU C 401 -3.19 27.98 16.98
N LEU C 402 -3.22 27.21 18.06
CA LEU C 402 -4.45 26.57 18.51
C LEU C 402 -5.53 27.57 18.93
N LEU C 403 -5.13 28.70 19.51
CA LEU C 403 -6.11 29.72 19.85
C LEU C 403 -6.57 30.51 18.62
N LYS C 404 -5.66 30.71 17.66
CA LYS C 404 -6.03 31.36 16.40
C LYS C 404 -7.05 30.51 15.66
N ALA C 405 -6.73 29.23 15.50
CA ALA C 405 -7.56 28.27 14.78
C ALA C 405 -8.97 28.18 15.37
N SER C 406 -9.06 27.73 16.62
CA SER C 406 -10.36 27.57 17.28
C SER C 406 -11.03 28.92 17.57
N ASN D 30 -12.11 -53.59 13.06
CA ASN D 30 -11.01 -52.70 13.41
C ASN D 30 -11.16 -51.36 12.71
N VAL D 31 -10.74 -51.28 11.45
CA VAL D 31 -10.97 -50.07 10.67
C VAL D 31 -12.47 -49.89 10.44
N TYR D 32 -13.17 -50.99 10.26
CA TYR D 32 -14.64 -50.96 10.19
C TYR D 32 -15.23 -50.56 11.54
N GLN D 33 -14.57 -50.97 12.62
CA GLN D 33 -15.07 -50.63 13.95
C GLN D 33 -14.93 -49.13 14.19
N LEU D 34 -13.73 -48.62 13.93
CA LEU D 34 -13.45 -47.20 14.08
C LEU D 34 -14.42 -46.35 13.24
N LYS D 35 -14.74 -46.81 12.03
CA LYS D 35 -15.66 -46.11 11.15
C LYS D 35 -17.04 -46.01 11.76
N GLU D 36 -17.49 -47.09 12.37
CA GLU D 36 -18.81 -47.11 13.01
C GLU D 36 -18.84 -46.17 14.19
N GLU D 37 -17.79 -46.18 15.01
CA GLU D 37 -17.73 -45.29 16.16
C GLU D 37 -17.64 -43.82 15.74
N LEU D 38 -16.82 -43.53 14.74
CA LEU D 38 -16.67 -42.16 14.25
C LEU D 38 -18.01 -41.60 13.80
N ILE D 39 -18.77 -42.42 13.07
CA ILE D 39 -20.08 -42.03 12.57
C ILE D 39 -20.99 -41.70 13.72
N GLU D 40 -21.03 -42.60 14.70
CA GLU D 40 -21.91 -42.46 15.85
C GLU D 40 -21.52 -41.22 16.64
N TYR D 41 -20.23 -41.03 16.88
CA TYR D 41 -19.76 -39.84 17.57
C TYR D 41 -20.09 -38.55 16.78
N ALA D 42 -19.83 -38.57 15.47
CA ALA D 42 -20.09 -37.40 14.64
C ALA D 42 -21.55 -36.95 14.77
N LYS D 43 -22.49 -37.88 14.61
CA LYS D 43 -23.91 -37.57 14.77
C LYS D 43 -24.24 -37.05 16.17
N SER D 44 -23.56 -37.54 17.19
CA SER D 44 -23.86 -37.08 18.55
C SER D 44 -23.42 -35.62 18.76
N ILE D 45 -22.37 -35.16 18.08
CA ILE D 45 -21.92 -33.79 18.32
C ILE D 45 -22.59 -32.85 17.31
N GLY D 46 -23.54 -33.40 16.56
CA GLY D 46 -24.38 -32.59 15.68
C GLY D 46 -24.05 -32.59 14.20
N VAL D 47 -23.20 -33.51 13.75
CA VAL D 47 -22.97 -33.61 12.31
C VAL D 47 -24.22 -34.21 11.69
N ASP D 48 -24.72 -33.61 10.62
CA ASP D 48 -26.00 -34.07 10.06
C ASP D 48 -25.81 -35.12 8.98
N LYS D 49 -24.66 -35.09 8.32
CA LYS D 49 -24.34 -36.13 7.35
C LYS D 49 -22.84 -36.33 7.32
N ILE D 50 -22.43 -37.59 7.27
CA ILE D 50 -21.02 -37.92 7.23
C ILE D 50 -20.77 -39.01 6.20
N GLY D 51 -19.65 -38.88 5.49
CA GLY D 51 -19.33 -39.78 4.39
C GLY D 51 -17.84 -40.00 4.26
N PHE D 52 -17.49 -41.00 3.45
CA PHE D 52 -16.11 -41.44 3.38
C PHE D 52 -15.70 -41.60 1.93
N THR D 53 -14.48 -41.19 1.63
CA THR D 53 -13.93 -41.39 0.32
C THR D 53 -12.44 -41.66 0.48
N THR D 54 -11.83 -42.24 -0.55
CA THR D 54 -10.38 -42.45 -0.63
C THR D 54 -9.61 -41.14 -0.71
N ALA D 55 -8.29 -41.23 -0.65
CA ALA D 55 -7.42 -40.07 -0.82
C ALA D 55 -6.86 -40.02 -2.25
N ASP D 56 -7.55 -40.66 -3.19
CA ASP D 56 -7.14 -40.66 -4.58
C ASP D 56 -7.36 -39.30 -5.23
N THR D 57 -6.54 -39.01 -6.23
CA THR D 57 -6.63 -37.76 -6.99
C THR D 57 -8.02 -37.51 -7.57
N PHE D 58 -8.39 -36.24 -7.67
CA PHE D 58 -9.65 -35.87 -8.29
C PHE D 58 -9.42 -35.52 -9.77
N ASP D 59 -9.39 -36.55 -10.60
CA ASP D 59 -9.06 -36.38 -12.03
C ASP D 59 -10.08 -35.53 -12.77
N SER D 60 -11.36 -35.83 -12.58
CA SER D 60 -12.44 -35.08 -13.19
C SER D 60 -12.36 -33.61 -12.81
N LEU D 61 -12.24 -33.36 -11.51
CA LEU D 61 -12.09 -32.02 -11.00
C LEU D 61 -10.97 -31.27 -11.70
N LYS D 62 -9.89 -31.99 -11.99
CA LYS D 62 -8.68 -31.42 -12.58
C LYS D 62 -8.95 -30.86 -13.98
N ASP D 63 -9.61 -31.66 -14.82
CA ASP D 63 -9.98 -31.21 -16.15
C ASP D 63 -10.97 -30.05 -16.07
N ARG D 64 -11.88 -30.12 -15.10
CA ARG D 64 -12.92 -29.13 -14.96
C ARG D 64 -12.33 -27.79 -14.56
N LEU D 65 -11.43 -27.80 -13.58
CA LEU D 65 -10.79 -26.58 -13.13
C LEU D 65 -10.05 -25.92 -14.29
N ILE D 66 -9.38 -26.74 -15.11
CA ILE D 66 -8.60 -26.18 -16.23
C ILE D 66 -9.55 -25.58 -17.25
N LEU D 67 -10.62 -26.28 -17.57
CA LEU D 67 -11.62 -25.78 -18.50
C LEU D 67 -12.21 -24.45 -18.02
N GLN D 68 -12.66 -24.40 -16.76
CA GLN D 68 -13.26 -23.19 -16.19
C GLN D 68 -12.30 -22.01 -16.21
N GLU D 69 -11.03 -22.27 -15.92
CA GLU D 69 -10.04 -21.22 -15.91
CA GLU D 69 -10.07 -21.18 -15.91
C GLU D 69 -9.87 -20.66 -17.33
N SER D 70 -9.80 -21.57 -18.31
CA SER D 70 -9.57 -21.16 -19.68
C SER D 70 -10.79 -20.40 -20.25
N LEU D 71 -11.97 -20.66 -19.70
CA LEU D 71 -13.17 -19.92 -20.07
C LEU D 71 -13.30 -18.59 -19.32
N GLY D 72 -12.39 -18.34 -18.38
CA GLY D 72 -12.52 -17.19 -17.51
C GLY D 72 -13.73 -17.29 -16.58
N TYR D 73 -14.10 -18.50 -16.16
CA TYR D 73 -15.31 -18.66 -15.36
C TYR D 73 -15.08 -18.81 -13.86
N LEU D 74 -13.84 -18.90 -13.41
CA LEU D 74 -13.61 -19.02 -11.97
C LEU D 74 -13.82 -17.66 -11.29
N SER D 75 -13.79 -17.66 -9.97
CA SER D 75 -14.05 -16.46 -9.20
C SER D 75 -12.78 -15.77 -8.71
N GLY D 76 -11.71 -16.54 -8.48
CA GLY D 76 -10.50 -16.02 -7.86
C GLY D 76 -10.51 -16.30 -6.35
N PHE D 77 -11.61 -16.83 -5.85
CA PHE D 77 -11.67 -17.25 -4.44
C PHE D 77 -11.21 -18.71 -4.26
N GLU D 78 -10.89 -19.39 -5.37
CA GLU D 78 -10.43 -20.79 -5.30
C GLU D 78 -8.94 -20.85 -4.94
N GLU D 79 -8.49 -21.95 -4.34
CA GLU D 79 -7.04 -22.20 -4.29
C GLU D 79 -6.45 -22.13 -5.72
N PRO D 80 -5.38 -21.34 -5.92
CA PRO D 80 -4.88 -21.17 -7.31
C PRO D 80 -4.07 -22.35 -7.83
N ASP D 81 -3.49 -23.16 -6.94
CA ASP D 81 -2.63 -24.27 -7.37
C ASP D 81 -3.47 -25.52 -7.57
N ILE D 82 -3.79 -25.82 -8.84
CA ILE D 82 -4.70 -26.91 -9.19
C ILE D 82 -4.18 -28.27 -8.72
N GLU D 83 -2.87 -28.45 -8.74
CA GLU D 83 -2.26 -29.71 -8.28
C GLU D 83 -2.62 -30.01 -6.82
N LYS D 84 -2.50 -29.01 -5.96
CA LYS D 84 -2.86 -29.15 -4.56
C LYS D 84 -4.36 -29.43 -4.37
N ARG D 85 -5.21 -28.76 -5.15
CA ARG D 85 -6.67 -28.91 -5.03
C ARG D 85 -7.14 -30.32 -5.32
N VAL D 86 -6.44 -31.02 -6.21
CA VAL D 86 -6.93 -32.30 -6.70
C VAL D 86 -6.18 -33.51 -6.15
N THR D 87 -5.19 -33.28 -5.30
CA THR D 87 -4.29 -34.36 -4.86
C THR D 87 -4.19 -34.43 -3.34
N PRO D 88 -5.11 -35.17 -2.69
CA PRO D 88 -5.13 -35.24 -1.22
C PRO D 88 -3.79 -35.65 -0.61
N LYS D 89 -3.04 -36.50 -1.31
CA LYS D 89 -1.78 -36.98 -0.77
C LYS D 89 -0.66 -35.92 -0.77
N LEU D 90 -0.79 -34.90 -1.62
CA LEU D 90 0.10 -33.73 -1.54
C LEU D 90 -0.14 -32.91 -0.28
N LEU D 91 -1.39 -32.87 0.17
CA LEU D 91 -1.76 -32.10 1.35
C LEU D 91 -1.43 -32.86 2.64
N LEU D 92 -1.74 -34.16 2.65
CA LEU D 92 -1.37 -34.98 3.81
C LEU D 92 -0.56 -36.18 3.36
N PRO D 93 0.76 -36.14 3.61
CA PRO D 93 1.66 -37.26 3.30
C PRO D 93 1.04 -38.60 3.67
N LYS D 94 0.97 -39.52 2.71
CA LYS D 94 0.55 -40.88 2.97
C LYS D 94 -0.89 -40.93 3.48
N ALA D 95 -1.73 -40.09 2.90
CA ALA D 95 -3.16 -40.07 3.17
C ALA D 95 -3.86 -41.27 2.52
N LYS D 96 -4.93 -41.75 3.16
CA LYS D 96 -5.65 -42.93 2.69
C LYS D 96 -7.14 -42.70 2.51
N SER D 97 -7.70 -41.75 3.26
CA SER D 97 -9.13 -41.47 3.17
C SER D 97 -9.44 -39.97 3.34
N ILE D 98 -10.66 -39.62 3.02
CA ILE D 98 -11.15 -38.29 3.41
C ILE D 98 -12.49 -38.51 4.09
N VAL D 99 -12.64 -37.90 5.26
CA VAL D 99 -13.94 -37.86 5.91
C VAL D 99 -14.64 -36.53 5.62
N ALA D 100 -15.77 -36.61 4.92
CA ALA D 100 -16.60 -35.45 4.59
C ALA D 100 -17.69 -35.26 5.63
N ILE D 101 -17.96 -34.02 6.04
CA ILE D 101 -19.11 -33.74 6.89
C ILE D 101 -19.99 -32.64 6.35
N ALA D 102 -21.27 -32.67 6.73
CA ALA D 102 -22.21 -31.63 6.36
C ALA D 102 -23.13 -31.34 7.54
N LEU D 103 -23.40 -30.05 7.74
CA LEU D 103 -24.43 -29.61 8.68
C LEU D 103 -25.47 -28.81 7.93
N ALA D 104 -26.73 -29.10 8.23
CA ALA D 104 -27.86 -28.41 7.64
C ALA D 104 -28.08 -27.05 8.30
N TYR D 105 -28.35 -26.01 7.50
CA TYR D 105 -28.63 -24.70 8.07
C TYR D 105 -30.05 -24.24 7.76
N PRO D 106 -30.60 -23.37 8.62
CA PRO D 106 -31.97 -22.90 8.45
C PRO D 106 -32.19 -22.11 7.17
N SER D 107 -33.33 -22.33 6.53
CA SER D 107 -33.63 -21.65 5.29
C SER D 107 -34.80 -20.65 5.43
N ARG D 108 -35.43 -20.61 6.61
CA ARG D 108 -36.48 -19.62 6.91
C ARG D 108 -36.12 -18.86 8.18
N MET D 109 -36.29 -17.54 8.14
CA MET D 109 -35.93 -16.67 9.26
C MET D 109 -37.15 -16.44 10.15
N LYS D 110 -37.10 -16.90 11.40
CA LYS D 110 -38.24 -16.70 12.29
C LYS D 110 -38.43 -15.23 12.66
N ASP D 111 -39.66 -14.74 12.53
CA ASP D 111 -40.00 -13.36 12.90
C ASP D 111 -39.17 -12.35 12.12
N ALA D 112 -39.03 -12.58 10.83
CA ALA D 112 -38.37 -11.63 9.94
C ALA D 112 -39.14 -10.30 9.93
N PRO D 113 -38.42 -9.18 10.11
CA PRO D 113 -39.08 -7.86 10.04
C PRO D 113 -39.39 -7.51 8.58
N ARG D 114 -40.56 -6.93 8.31
CA ARG D 114 -40.89 -6.56 6.94
CA ARG D 114 -40.88 -6.57 6.94
C ARG D 114 -40.15 -5.29 6.52
N SER D 115 -39.73 -5.24 5.25
CA SER D 115 -39.10 -4.04 4.70
C SER D 115 -40.22 -3.12 4.23
N THR D 116 -40.18 -1.85 4.64
CA THR D 116 -41.24 -0.89 4.30
C THR D 116 -40.72 0.28 3.49
N ARG D 117 -41.62 1.06 2.88
CA ARG D 117 -41.20 2.19 2.06
C ARG D 117 -40.27 3.12 2.84
N THR D 118 -40.59 3.31 4.11
CA THR D 118 -39.85 4.23 4.97
C THR D 118 -38.64 3.57 5.66
N GLU D 119 -38.74 2.26 5.89
CA GLU D 119 -37.69 1.51 6.57
C GLU D 119 -37.20 0.34 5.72
N ARG D 120 -36.41 0.66 4.69
CA ARG D 120 -36.00 -0.36 3.72
C ARG D 120 -34.88 -1.25 4.28
N ARG D 121 -34.92 -2.52 3.93
CA ARG D 121 -33.92 -3.46 4.45
C ARG D 121 -33.18 -4.17 3.32
N GLY D 122 -31.96 -4.59 3.60
CA GLY D 122 -31.25 -5.50 2.71
C GLY D 122 -31.26 -6.92 3.25
N ILE D 123 -30.66 -7.87 2.51
CA ILE D 123 -30.68 -9.27 2.97
C ILE D 123 -29.35 -9.98 2.75
N PHE D 124 -28.86 -10.62 3.80
CA PHE D 124 -27.74 -11.57 3.72
C PHE D 124 -28.26 -12.95 3.34
N CYS D 125 -27.49 -13.67 2.54
CA CYS D 125 -27.85 -15.01 2.14
C CYS D 125 -27.91 -15.97 3.36
N ARG D 126 -28.61 -17.08 3.17
CA ARG D 126 -28.76 -18.05 4.26
C ARG D 126 -27.44 -18.61 4.79
N ALA D 127 -26.41 -18.64 3.94
CA ALA D 127 -25.09 -19.12 4.34
C ALA D 127 -24.31 -18.12 5.19
N SER D 128 -24.93 -16.97 5.47
CA SER D 128 -24.35 -15.98 6.36
C SER D 128 -25.32 -15.63 7.51
N TRP D 129 -26.22 -16.56 7.86
CA TRP D 129 -27.07 -16.44 9.06
C TRP D 129 -26.42 -17.12 10.26
N GLY D 130 -26.34 -16.39 11.38
CA GLY D 130 -25.81 -16.96 12.60
C GLY D 130 -24.29 -16.99 12.65
N LYS D 131 -23.75 -17.83 13.53
CA LYS D 131 -22.29 -17.92 13.72
C LYS D 131 -21.64 -18.44 12.42
N ASP D 132 -20.58 -17.76 12.00
CA ASP D 132 -19.82 -18.10 10.80
C ASP D 132 -19.57 -19.62 10.70
N TYR D 133 -20.01 -20.23 9.60
CA TYR D 133 -19.93 -21.69 9.47
C TYR D 133 -18.48 -22.20 9.53
N HIS D 134 -17.53 -21.33 9.14
CA HIS D 134 -16.11 -21.67 9.16
C HIS D 134 -15.75 -22.09 10.58
N ASP D 135 -16.21 -21.31 11.56
CA ASP D 135 -15.93 -21.55 12.98
C ASP D 135 -16.71 -22.75 13.51
N VAL D 136 -17.97 -22.88 13.12
CA VAL D 136 -18.80 -23.97 13.61
C VAL D 136 -18.25 -25.32 13.15
N LEU D 137 -17.99 -25.45 11.85
CA LEU D 137 -17.60 -26.73 11.29
C LEU D 137 -16.16 -27.09 11.69
N ARG D 138 -15.30 -26.09 11.87
CA ARG D 138 -13.94 -26.34 12.34
C ARG D 138 -13.95 -26.84 13.79
N GLU D 139 -14.93 -26.38 14.55
CA GLU D 139 -15.11 -26.82 15.92
C GLU D 139 -15.45 -28.32 15.95
N LYS D 140 -16.33 -28.75 15.04
CA LYS D 140 -16.73 -30.14 14.90
C LYS D 140 -15.59 -31.02 14.40
N LEU D 141 -14.86 -30.55 13.37
CA LEU D 141 -13.72 -31.30 12.86
C LEU D 141 -12.68 -31.46 13.95
N ASP D 142 -12.42 -30.41 14.72
CA ASP D 142 -11.47 -30.51 15.84
C ASP D 142 -11.86 -31.61 16.83
N LEU D 143 -13.14 -31.73 17.14
CA LEU D 143 -13.61 -32.80 18.03
C LEU D 143 -13.38 -34.18 17.41
N LEU D 144 -13.64 -34.29 16.10
CA LEU D 144 -13.45 -35.55 15.40
C LEU D 144 -11.98 -35.93 15.34
N GLU D 145 -11.12 -34.94 15.12
CA GLU D 145 -9.69 -35.16 15.11
C GLU D 145 -9.21 -35.65 16.49
N ASP D 146 -9.65 -35.01 17.56
CA ASP D 146 -9.28 -35.44 18.92
C ASP D 146 -9.81 -36.83 19.28
N PHE D 147 -10.96 -37.19 18.72
CA PHE D 147 -11.49 -38.55 18.84
C PHE D 147 -10.55 -39.59 18.23
N LEU D 148 -9.95 -39.27 17.10
CA LEU D 148 -9.07 -40.21 16.41
C LEU D 148 -7.69 -40.22 17.08
N LYS D 149 -7.21 -39.04 17.45
CA LYS D 149 -5.94 -38.95 18.17
C LYS D 149 -5.99 -39.76 19.46
N SER D 150 -7.15 -39.76 20.11
CA SER D 150 -7.32 -40.41 21.40
C SER D 150 -7.24 -41.94 21.30
N LYS D 151 -7.17 -42.46 20.07
CA LYS D 151 -7.11 -43.90 19.87
C LYS D 151 -5.68 -44.43 19.74
N HIS D 152 -5.09 -44.29 18.56
CA HIS D 152 -3.82 -44.95 18.25
C HIS D 152 -2.63 -44.00 18.21
N ASP D 154 -1.32 -43.95 15.67
CA ASP D 154 -0.53 -42.88 15.06
C ASP D 154 -1.29 -42.23 13.92
N ILE D 155 -2.56 -41.91 14.19
CA ILE D 155 -3.42 -41.34 13.16
C ILE D 155 -3.05 -39.90 12.85
N ARG D 156 -2.99 -39.57 11.57
CA ARG D 156 -2.68 -38.19 11.17
C ARG D 156 -3.82 -37.59 10.33
N THR D 157 -4.06 -36.30 10.54
CA THR D 157 -5.23 -35.64 9.95
C THR D 157 -4.90 -34.26 9.42
N LYS D 158 -5.59 -33.84 8.36
CA LYS D 158 -5.58 -32.44 7.93
C LYS D 158 -7.02 -32.00 7.66
N SER D 159 -7.48 -30.96 8.38
CA SER D 159 -8.87 -30.55 8.24
C SER D 159 -9.01 -29.23 7.51
N MET D 160 -10.13 -29.05 6.81
CA MET D 160 -10.43 -27.75 6.21
C MET D 160 -11.92 -27.53 6.02
N VAL D 161 -12.31 -26.26 5.97
CA VAL D 161 -13.68 -25.86 5.64
C VAL D 161 -13.58 -24.62 4.75
N ASP D 162 -13.93 -24.78 3.47
CA ASP D 162 -14.03 -23.69 2.51
C ASP D 162 -12.69 -23.00 2.13
N THR D 163 -11.83 -22.74 3.11
CA THR D 163 -10.62 -21.95 2.87
C THR D 163 -9.39 -22.82 2.63
N GLY D 164 -9.60 -24.13 2.55
CA GLY D 164 -8.52 -25.05 2.26
C GLY D 164 -8.36 -25.30 0.76
N GLU D 165 -7.42 -26.16 0.40
CA GLU D 165 -7.04 -26.39 -1.00
C GLU D 165 -8.06 -27.22 -1.78
N LEU D 166 -8.73 -28.15 -1.11
CA LEU D 166 -9.67 -29.04 -1.77
C LEU D 166 -10.96 -28.33 -2.22
N SER D 167 -11.60 -28.90 -3.23
CA SER D 167 -12.98 -28.58 -3.55
C SER D 167 -13.89 -29.36 -2.57
N ASP D 168 -14.57 -28.65 -1.68
CA ASP D 168 -15.43 -29.28 -0.69
C ASP D 168 -16.55 -30.07 -1.36
N ARG D 169 -17.08 -29.54 -2.45
CA ARG D 169 -18.11 -30.27 -3.20
C ARG D 169 -17.58 -31.57 -3.83
N ALA D 170 -16.37 -31.55 -4.41
CA ALA D 170 -15.83 -32.76 -5.06
C ALA D 170 -15.69 -33.87 -4.05
N VAL D 171 -15.15 -33.51 -2.88
CA VAL D 171 -15.00 -34.42 -1.78
C VAL D 171 -16.35 -34.95 -1.35
N ALA D 172 -17.32 -34.05 -1.12
CA ALA D 172 -18.63 -34.48 -0.69
C ALA D 172 -19.33 -35.37 -1.72
N GLU D 173 -19.24 -35.02 -3.00
CA GLU D 173 -19.86 -35.86 -4.04
C GLU D 173 -19.31 -37.29 -4.00
N ARG D 174 -18.00 -37.39 -3.89
CA ARG D 174 -17.34 -38.69 -3.98
C ARG D 174 -17.61 -39.52 -2.71
N ALA D 175 -17.92 -38.83 -1.61
CA ALA D 175 -18.15 -39.49 -0.32
C ALA D 175 -19.63 -39.75 -0.06
N GLY D 176 -20.46 -39.46 -1.06
CA GLY D 176 -21.88 -39.76 -0.97
C GLY D 176 -22.71 -38.84 -0.08
N ILE D 177 -22.21 -37.64 0.18
CA ILE D 177 -22.97 -36.67 0.98
C ILE D 177 -24.19 -36.23 0.17
N GLY D 178 -23.97 -35.91 -1.09
CA GLY D 178 -25.03 -35.47 -1.96
C GLY D 178 -24.59 -35.57 -3.41
N PHE D 179 -25.49 -35.25 -4.34
CA PHE D 179 -25.13 -35.32 -5.75
C PHE D 179 -24.92 -33.90 -6.27
N SER D 180 -24.22 -33.77 -7.38
CA SER D 180 -23.98 -32.48 -8.02
C SER D 180 -25.15 -32.05 -8.89
N ALA D 181 -25.92 -31.11 -8.37
CA ALA D 181 -27.11 -30.61 -9.03
C ALA D 181 -26.79 -29.64 -10.19
N LYS D 182 -27.78 -29.34 -11.00
CA LYS D 182 -27.61 -28.43 -12.14
C LYS D 182 -27.25 -27.00 -11.74
N ASN D 183 -27.58 -26.62 -10.51
CA ASN D 183 -27.22 -25.30 -9.99
C ASN D 183 -25.84 -25.27 -9.35
N CYS D 184 -25.06 -26.32 -9.58
CA CYS D 184 -23.73 -26.57 -8.99
C CYS D 184 -23.73 -26.99 -7.51
N MET D 185 -24.88 -26.97 -6.84
CA MET D 185 -24.93 -27.26 -5.39
C MET D 185 -24.80 -28.77 -5.08
N ILE D 186 -24.03 -29.13 -4.05
CA ILE D 186 -24.16 -30.47 -3.50
C ILE D 186 -25.54 -30.55 -2.86
N THR D 187 -26.35 -31.49 -3.33
CA THR D 187 -27.74 -31.57 -2.87
C THR D 187 -28.02 -32.92 -2.21
N THR D 188 -28.48 -32.88 -0.97
CA THR D 188 -28.71 -34.08 -0.16
C THR D 188 -30.18 -34.42 -0.11
N PRO D 189 -30.52 -35.71 -0.05
CA PRO D 189 -31.91 -36.18 0.03
C PRO D 189 -32.66 -35.62 1.21
N GLU D 190 -32.04 -35.60 2.39
CA GLU D 190 -32.72 -35.24 3.62
C GLU D 190 -32.82 -33.75 3.83
N TYR D 191 -31.74 -33.05 3.48
CA TYR D 191 -31.56 -31.65 3.84
C TYR D 191 -31.55 -30.71 2.64
N GLY D 192 -31.67 -31.27 1.44
CA GLY D 192 -31.58 -30.47 0.24
C GLY D 192 -30.19 -29.87 0.07
N SER D 193 -30.11 -28.70 -0.55
CA SER D 193 -28.83 -28.04 -0.81
C SER D 193 -28.35 -27.12 0.33
N TYR D 194 -29.19 -26.97 1.34
CA TYR D 194 -28.89 -26.08 2.46
C TYR D 194 -27.98 -26.71 3.49
N VAL D 195 -26.78 -27.12 3.07
CA VAL D 195 -25.81 -27.64 4.03
C VAL D 195 -24.47 -26.96 3.84
N TYR D 196 -23.79 -26.74 4.95
CA TYR D 196 -22.39 -26.37 4.96
C TYR D 196 -21.51 -27.62 4.82
N LEU D 197 -20.43 -27.56 4.03
CA LEU D 197 -19.56 -28.72 3.85
C LEU D 197 -18.18 -28.50 4.46
N ALA D 198 -17.58 -29.58 4.96
CA ALA D 198 -16.20 -29.55 5.43
C ALA D 198 -15.64 -30.99 5.35
N GLU D 199 -14.35 -31.15 5.59
CA GLU D 199 -13.77 -32.48 5.46
C GLU D 199 -12.41 -32.59 6.13
N MET D 200 -12.00 -33.83 6.35
CA MET D 200 -10.80 -34.14 7.09
C MET D 200 -10.05 -35.28 6.38
N ILE D 201 -8.93 -34.96 5.76
CA ILE D 201 -8.05 -35.97 5.18
C ILE D 201 -7.40 -36.78 6.32
N THR D 202 -7.36 -38.10 6.19
CA THR D 202 -6.64 -38.93 7.18
C THR D 202 -5.75 -39.99 6.56
N ASN D 203 -4.84 -40.54 7.35
CA ASN D 203 -4.02 -41.68 6.93
C ASN D 203 -4.69 -43.00 7.29
N ILE D 204 -6.01 -42.98 7.43
CA ILE D 204 -6.74 -44.20 7.79
C ILE D 204 -7.44 -44.79 6.59
N PRO D 205 -7.14 -46.07 6.26
CA PRO D 205 -7.74 -46.65 5.06
C PRO D 205 -9.20 -46.99 5.25
N PHE D 206 -10.07 -46.00 5.52
CA PHE D 206 -11.50 -46.25 5.63
C PHE D 206 -12.06 -46.78 4.32
N GLU D 207 -13.03 -47.66 4.41
CA GLU D 207 -13.80 -48.10 3.25
C GLU D 207 -14.65 -46.96 2.68
N PRO D 208 -14.47 -46.63 1.39
CA PRO D 208 -15.19 -45.48 0.82
C PRO D 208 -16.69 -45.73 0.71
N ASP D 209 -17.47 -44.65 0.70
CA ASP D 209 -18.90 -44.76 0.43
C ASP D 209 -19.17 -44.71 -1.09
N VAL D 210 -20.44 -44.80 -1.47
CA VAL D 210 -20.84 -44.80 -2.88
C VAL D 210 -21.55 -43.48 -3.26
N PRO D 211 -21.18 -42.87 -4.40
CA PRO D 211 -21.88 -41.65 -4.84
C PRO D 211 -23.37 -41.91 -4.98
N ILE D 212 -24.21 -40.94 -4.63
CA ILE D 212 -25.64 -41.15 -4.75
C ILE D 212 -26.18 -40.63 -6.08
N GLU D 213 -27.41 -41.05 -6.40
CA GLU D 213 -28.06 -40.79 -7.69
C GLU D 213 -28.32 -39.31 -7.96
N ASP D 214 -28.21 -38.89 -9.22
CA ASP D 214 -28.55 -37.54 -9.64
C ASP D 214 -30.06 -37.41 -9.79
N MET D 215 -30.64 -36.47 -9.05
CA MET D 215 -32.08 -36.33 -8.97
C MET D 215 -32.64 -35.12 -9.72
N CYS D 216 -31.82 -34.45 -10.51
CA CYS D 216 -32.32 -33.28 -11.22
C CYS D 216 -33.26 -33.64 -12.38
N GLY D 217 -33.01 -34.76 -13.04
CA GLY D 217 -33.82 -35.18 -14.17
C GLY D 217 -33.81 -34.10 -15.24
N SER D 218 -35.00 -33.73 -15.72
CA SER D 218 -35.10 -32.78 -16.83
C SER D 218 -35.51 -31.39 -16.35
N CYS D 219 -35.37 -31.14 -15.06
CA CYS D 219 -35.70 -29.83 -14.49
C CYS D 219 -34.65 -28.79 -14.93
N THR D 220 -35.06 -27.53 -15.07
CA THR D 220 -34.14 -26.44 -15.42
C THR D 220 -34.48 -25.15 -14.67
N LYS D 221 -35.19 -25.27 -13.56
CA LYS D 221 -35.75 -24.10 -12.85
C LYS D 221 -34.69 -23.13 -12.34
N CYS D 222 -33.57 -23.67 -11.85
CA CYS D 222 -32.48 -22.82 -11.37
C CYS D 222 -31.83 -22.07 -12.53
N LEU D 223 -31.66 -22.76 -13.66
CA LEU D 223 -30.98 -22.19 -14.81
C LEU D 223 -31.82 -21.05 -15.34
N ASP D 224 -33.14 -21.25 -15.35
CA ASP D 224 -34.09 -20.27 -15.84
C ASP D 224 -34.31 -19.13 -14.88
N ALA D 225 -34.09 -19.35 -13.59
CA ALA D 225 -34.38 -18.31 -12.62
C ALA D 225 -33.17 -17.45 -12.27
N CYS D 226 -31.97 -17.91 -12.59
CA CYS D 226 -30.79 -17.13 -12.28
C CYS D 226 -30.84 -15.76 -12.97
N PRO D 227 -30.78 -14.67 -12.18
CA PRO D 227 -31.07 -13.34 -12.71
C PRO D 227 -30.04 -12.87 -13.73
N THR D 228 -28.84 -13.41 -13.70
CA THR D 228 -27.79 -12.93 -14.60
C THR D 228 -27.43 -13.95 -15.67
N GLY D 229 -28.07 -15.12 -15.59
CA GLY D 229 -27.72 -16.22 -16.47
C GLY D 229 -26.35 -16.78 -16.17
N ALA D 230 -25.86 -16.61 -14.94
CA ALA D 230 -24.52 -17.08 -14.60
C ALA D 230 -24.43 -18.62 -14.68
N LEU D 231 -25.58 -19.28 -14.51
CA LEU D 231 -25.62 -20.72 -14.75
C LEU D 231 -25.71 -20.94 -16.26
N VAL D 232 -24.55 -21.06 -16.89
CA VAL D 232 -24.47 -21.04 -18.35
C VAL D 232 -24.83 -22.39 -18.96
N ASN D 233 -24.49 -23.45 -18.24
CA ASN D 233 -24.90 -24.81 -18.57
C ASN D 233 -25.21 -25.50 -17.24
N PRO D 234 -25.91 -26.65 -17.29
CA PRO D 234 -26.18 -27.38 -16.04
C PRO D 234 -24.87 -27.73 -15.37
N GLY D 235 -24.75 -27.38 -14.09
CA GLY D 235 -23.55 -27.67 -13.34
C GLY D 235 -22.35 -26.83 -13.74
N GLN D 236 -22.57 -25.71 -14.42
CA GLN D 236 -21.46 -24.86 -14.85
C GLN D 236 -21.72 -23.39 -14.51
N LEU D 237 -20.93 -22.83 -13.61
CA LEU D 237 -21.09 -21.42 -13.26
C LEU D 237 -20.04 -20.55 -13.95
N ASN D 238 -20.49 -19.47 -14.58
CA ASN D 238 -19.61 -18.37 -14.88
C ASN D 238 -19.59 -17.50 -13.64
N ALA D 239 -18.61 -17.74 -12.77
CA ALA D 239 -18.58 -17.04 -11.49
C ALA D 239 -18.54 -15.52 -11.63
N GLN D 240 -17.91 -15.01 -12.70
CA GLN D 240 -17.82 -13.56 -12.88
C GLN D 240 -19.20 -12.90 -13.04
N ARG D 241 -20.22 -13.67 -13.43
CA ARG D 241 -21.56 -13.14 -13.64
C ARG D 241 -22.50 -13.45 -12.46
N CYS D 242 -22.00 -14.19 -11.48
CA CYS D 242 -22.82 -14.64 -10.36
C CYS D 242 -22.96 -13.56 -9.30
N ILE D 243 -24.21 -13.25 -8.94
CA ILE D 243 -24.50 -12.23 -7.94
C ILE D 243 -23.85 -12.56 -6.58
N SER D 244 -23.77 -13.83 -6.19
CA SER D 244 -23.06 -14.10 -4.95
C SER D 244 -21.60 -13.61 -5.02
N PHE D 245 -20.89 -13.95 -6.10
CA PHE D 245 -19.54 -13.42 -6.31
C PHE D 245 -19.54 -11.91 -6.34
N LEU D 246 -20.43 -11.34 -7.14
CA LEU D 246 -20.47 -9.89 -7.36
C LEU D 246 -20.68 -9.08 -6.08
N THR D 247 -21.55 -9.55 -5.19
CA THR D 247 -21.76 -8.87 -3.91
C THR D 247 -20.48 -8.80 -3.08
N GLN D 248 -19.54 -9.70 -3.32
CA GLN D 248 -18.30 -9.74 -2.52
C GLN D 248 -17.10 -8.98 -3.11
N THR D 249 -17.26 -8.34 -4.27
CA THR D 249 -16.11 -7.62 -4.85
C THR D 249 -15.89 -6.26 -4.17
N LYS D 250 -14.66 -5.76 -4.21
CA LYS D 250 -14.32 -4.55 -3.48
C LYS D 250 -14.32 -3.29 -4.37
N GLY D 251 -14.35 -3.48 -5.69
CA GLY D 251 -14.34 -2.37 -6.63
C GLY D 251 -15.72 -1.88 -7.03
N PHE D 252 -15.81 -1.14 -8.13
CA PHE D 252 -17.09 -0.73 -8.68
C PHE D 252 -17.83 -1.94 -9.26
N LEU D 253 -19.12 -2.04 -9.03
CA LEU D 253 -19.91 -3.08 -9.66
C LEU D 253 -20.18 -2.69 -11.11
N PRO D 254 -19.87 -3.58 -12.06
CA PRO D 254 -20.23 -3.28 -13.45
C PRO D 254 -21.70 -2.92 -13.57
N ASP D 255 -21.97 -1.87 -14.33
CA ASP D 255 -23.29 -1.30 -14.47
C ASP D 255 -24.36 -2.33 -14.84
N GLU D 256 -24.03 -3.28 -15.70
CA GLU D 256 -25.04 -4.27 -16.08
C GLU D 256 -25.64 -5.05 -14.90
N PHE D 257 -24.97 -5.07 -13.72
CA PHE D 257 -25.51 -5.85 -12.60
C PHE D 257 -26.13 -4.99 -11.50
N ARG D 258 -25.98 -3.68 -11.61
CA ARG D 258 -26.47 -2.75 -10.59
C ARG D 258 -28.00 -2.79 -10.43
N THR D 259 -28.68 -3.25 -11.47
CA THR D 259 -30.13 -3.41 -11.42
C THR D 259 -30.58 -4.85 -11.19
N LYS D 260 -29.64 -5.76 -10.99
CA LYS D 260 -29.96 -7.18 -10.86
C LYS D 260 -29.75 -7.68 -9.45
N ILE D 261 -29.09 -6.86 -8.64
CA ILE D 261 -28.65 -7.30 -7.33
C ILE D 261 -29.79 -7.15 -6.32
N GLY D 262 -30.74 -6.28 -6.63
CA GLY D 262 -31.92 -6.11 -5.82
C GLY D 262 -31.58 -5.55 -4.47
N ASN D 263 -32.07 -6.17 -3.41
CA ASN D 263 -31.72 -5.71 -2.08
C ASN D 263 -30.71 -6.64 -1.39
N ARG D 264 -29.99 -7.43 -2.17
CA ARG D 264 -29.01 -8.38 -1.60
C ARG D 264 -27.78 -7.65 -1.10
N LEU D 265 -27.36 -7.92 0.12
CA LEU D 265 -26.17 -7.30 0.69
C LEU D 265 -24.96 -8.20 0.59
N TYR D 266 -25.21 -9.50 0.63
CA TYR D 266 -24.15 -10.48 0.61
C TYR D 266 -24.74 -11.80 0.16
N GLY D 267 -24.18 -12.37 -0.92
CA GLY D 267 -24.60 -13.68 -1.40
C GLY D 267 -25.91 -13.65 -2.14
N CYS D 268 -26.29 -14.78 -2.73
CA CYS D 268 -27.55 -14.92 -3.48
C CYS D 268 -28.08 -16.35 -3.31
N ASP D 269 -29.37 -16.52 -3.03
CA ASP D 269 -29.96 -17.85 -2.74
C ASP D 269 -30.96 -18.33 -3.78
N THR D 270 -31.05 -17.62 -4.91
CA THR D 270 -32.17 -17.81 -5.84
C THR D 270 -32.16 -19.17 -6.55
N CYS D 271 -30.99 -19.67 -6.97
CA CYS D 271 -30.94 -21.02 -7.56
C CYS D 271 -31.21 -22.14 -6.54
N GLN D 272 -31.24 -21.81 -5.26
CA GLN D 272 -31.63 -22.77 -4.20
C GLN D 272 -33.11 -22.67 -3.79
N THR D 273 -33.63 -21.44 -3.63
CA THR D 273 -35.00 -21.29 -3.15
C THR D 273 -36.04 -21.65 -4.20
N VAL D 274 -35.66 -21.69 -5.49
CA VAL D 274 -36.61 -22.10 -6.52
C VAL D 274 -36.53 -23.61 -6.81
N CYS D 275 -35.64 -24.31 -6.11
CA CYS D 275 -35.36 -25.72 -6.36
C CYS D 275 -36.33 -26.62 -5.59
N PRO D 276 -37.04 -27.49 -6.31
CA PRO D 276 -38.04 -28.38 -5.70
C PRO D 276 -37.42 -29.37 -4.72
N LEU D 277 -36.13 -29.64 -4.84
CA LEU D 277 -35.43 -30.50 -3.89
C LEU D 277 -35.26 -29.80 -2.54
N ASN D 278 -35.52 -28.50 -2.51
CA ASN D 278 -35.44 -27.72 -1.28
C ASN D 278 -36.79 -27.38 -0.70
N LYS D 279 -37.86 -27.84 -1.35
CA LYS D 279 -39.20 -27.63 -0.84
C LYS D 279 -39.35 -28.30 0.51
N GLY D 280 -39.87 -27.56 1.48
CA GLY D 280 -40.09 -28.08 2.83
C GLY D 280 -38.82 -28.27 3.62
N LYS D 281 -37.68 -27.86 3.08
CA LYS D 281 -36.44 -28.03 3.82
C LYS D 281 -36.10 -26.77 4.61
N ASP D 282 -36.36 -26.82 5.91
CA ASP D 282 -36.08 -25.71 6.82
C ASP D 282 -35.68 -26.27 8.16
N PHE D 283 -34.39 -26.59 8.31
CA PHE D 283 -33.88 -27.26 9.51
C PHE D 283 -33.28 -26.28 10.51
N HIS D 284 -33.69 -26.41 11.77
CA HIS D 284 -33.15 -25.63 12.87
C HIS D 284 -32.50 -26.56 13.91
N LEU D 285 -31.41 -27.19 13.50
CA LEU D 285 -30.78 -28.24 14.31
C LEU D 285 -29.65 -27.69 15.16
N HIS D 286 -29.27 -26.44 14.90
CA HIS D 286 -28.07 -25.83 15.48
C HIS D 286 -28.34 -24.39 15.96
N PRO D 287 -28.57 -24.22 17.27
CA PRO D 287 -28.95 -22.91 17.84
C PRO D 287 -28.06 -21.74 17.39
N GLU D 288 -26.75 -21.92 17.20
CA GLU D 288 -25.92 -20.76 16.86
C GLU D 288 -26.07 -20.35 15.39
N MET D 289 -26.76 -21.15 14.59
CA MET D 289 -26.99 -20.79 13.20
C MET D 289 -28.24 -19.95 13.00
N GLU D 290 -29.02 -19.76 14.07
CA GLU D 290 -30.25 -18.99 13.99
C GLU D 290 -29.93 -17.55 13.62
N PRO D 291 -30.58 -17.05 12.58
CA PRO D 291 -30.27 -15.67 12.16
C PRO D 291 -30.78 -14.66 13.18
N ASP D 292 -29.97 -13.64 13.45
CA ASP D 292 -30.45 -12.48 14.17
C ASP D 292 -30.99 -11.53 13.12
N PRO D 293 -32.31 -11.38 13.06
CA PRO D 293 -33.01 -10.67 11.98
C PRO D 293 -32.53 -9.23 11.81
N GLU D 294 -32.03 -8.62 12.89
CA GLU D 294 -31.58 -7.23 12.80
C GLU D 294 -30.26 -7.10 12.07
N ILE D 295 -29.48 -8.19 11.97
CA ILE D 295 -28.25 -8.14 11.17
C ILE D 295 -28.34 -9.00 9.91
N ALA D 296 -29.22 -10.01 9.93
CA ALA D 296 -29.45 -10.85 8.76
C ALA D 296 -30.28 -10.11 7.74
N LYS D 297 -31.18 -9.27 8.22
CA LYS D 297 -32.00 -8.46 7.33
C LYS D 297 -31.97 -7.02 7.83
N PRO D 298 -30.81 -6.38 7.74
CA PRO D 298 -30.56 -5.11 8.41
C PRO D 298 -31.15 -3.91 7.67
N LEU D 299 -31.41 -2.84 8.41
CA LEU D 299 -31.88 -1.58 7.82
C LEU D 299 -30.78 -0.98 6.93
N LEU D 300 -31.13 -0.46 5.76
CA LEU D 300 -30.12 0.02 4.81
C LEU D 300 -29.46 1.31 5.26
N LYS D 301 -30.26 2.32 5.60
CA LYS D 301 -29.71 3.65 5.87
C LYS D 301 -28.69 3.66 7.01
N PRO D 302 -28.93 2.88 8.09
CA PRO D 302 -27.87 2.86 9.11
C PRO D 302 -26.56 2.25 8.65
N LEU D 303 -26.58 1.45 7.58
CA LEU D 303 -25.33 0.87 7.06
C LEU D 303 -24.46 1.92 6.35
N LEU D 304 -25.09 2.97 5.83
CA LEU D 304 -24.33 4.02 5.17
C LEU D 304 -23.36 4.69 6.15
N ALA D 305 -23.68 4.69 7.44
CA ALA D 305 -22.92 5.45 8.44
C ALA D 305 -22.15 4.62 9.47
N ILE D 306 -22.17 3.30 9.36
CA ILE D 306 -21.58 2.44 10.39
C ILE D 306 -20.07 2.60 10.48
N SER D 307 -19.56 2.80 11.70
CA SER D 307 -18.11 2.85 11.92
C SER D 307 -17.47 1.46 11.80
N ASN D 308 -16.15 1.41 11.70
CA ASN D 308 -15.42 0.14 11.70
C ASN D 308 -15.67 -0.70 12.96
N ARG D 309 -15.62 -0.06 14.12
CA ARG D 309 -15.82 -0.76 15.39
C ARG D 309 -17.25 -1.28 15.48
N GLU D 310 -18.21 -0.46 15.06
CA GLU D 310 -19.61 -0.86 15.17
C GLU D 310 -19.87 -2.05 14.26
N PHE D 311 -19.28 -2.01 13.07
CA PHE D 311 -19.43 -3.11 12.11
C PHE D 311 -18.81 -4.40 12.62
N LYS D 312 -17.62 -4.35 13.21
CA LYS D 312 -17.01 -5.57 13.73
C LYS D 312 -17.90 -6.10 14.84
N GLU D 313 -18.32 -5.21 15.73
CA GLU D 313 -19.15 -5.59 16.86
C GLU D 313 -20.45 -6.25 16.43
N LYS D 314 -21.07 -5.72 15.39
CA LYS D 314 -22.41 -6.20 15.03
C LYS D 314 -22.41 -7.34 14.00
N PHE D 315 -21.50 -7.28 13.02
CA PHE D 315 -21.48 -8.25 11.92
C PHE D 315 -20.27 -9.19 11.98
N GLY D 316 -19.35 -8.94 12.92
CA GLY D 316 -18.08 -9.66 12.93
C GLY D 316 -18.13 -11.17 13.03
N HIS D 317 -19.23 -11.73 13.53
CA HIS D 317 -19.28 -13.15 13.77
C HIS D 317 -20.06 -13.89 12.68
N VAL D 318 -20.52 -13.17 11.66
CA VAL D 318 -21.18 -13.83 10.53
C VAL D 318 -20.22 -13.98 9.35
N SER D 319 -20.46 -14.96 8.48
CA SER D 319 -19.50 -15.25 7.42
C SER D 319 -19.46 -14.13 6.40
N GLY D 320 -20.56 -13.39 6.28
CA GLY D 320 -20.65 -12.30 5.33
C GLY D 320 -19.83 -11.07 5.68
N SER D 321 -19.06 -11.12 6.76
CA SER D 321 -18.25 -9.97 7.15
C SER D 321 -16.79 -10.12 6.73
N TRP D 322 -16.50 -11.22 6.04
CA TRP D 322 -15.11 -11.63 5.88
C TRP D 322 -14.35 -10.71 4.93
N ARG D 323 -15.07 -9.91 4.16
CA ARG D 323 -14.41 -8.93 3.28
C ARG D 323 -14.46 -7.53 3.87
N GLY D 324 -14.93 -7.41 5.11
CA GLY D 324 -15.07 -6.10 5.71
C GLY D 324 -16.38 -5.40 5.33
N LYS D 325 -16.53 -4.15 5.73
CA LYS D 325 -17.79 -3.44 5.53
C LYS D 325 -17.97 -2.80 4.15
N LYS D 326 -16.89 -2.65 3.38
CA LYS D 326 -16.96 -1.86 2.14
C LYS D 326 -17.91 -2.47 1.10
N PRO D 327 -17.78 -3.78 0.78
CA PRO D 327 -18.74 -4.35 -0.17
C PRO D 327 -20.19 -4.24 0.32
N ILE D 328 -20.40 -4.48 1.63
CA ILE D 328 -21.73 -4.41 2.22
C ILE D 328 -22.32 -2.99 2.09
N GLN D 329 -21.51 -1.99 2.38
CA GLN D 329 -21.96 -0.59 2.25
C GLN D 329 -22.21 -0.20 0.80
N ARG D 330 -21.36 -0.71 -0.09
CA ARG D 330 -21.58 -0.45 -1.51
C ARG D 330 -22.90 -1.08 -1.95
N ASN D 331 -23.16 -2.29 -1.48
CA ASN D 331 -24.38 -3.00 -1.85
C ASN D 331 -25.61 -2.35 -1.24
N ALA D 332 -25.47 -1.75 -0.06
CA ALA D 332 -26.57 -1.04 0.59
C ALA D 332 -26.91 0.23 -0.21
N ILE D 333 -25.89 0.89 -0.77
CA ILE D 333 -26.15 2.07 -1.60
C ILE D 333 -26.97 1.66 -2.82
N LEU D 334 -26.56 0.56 -3.46
CA LEU D 334 -27.25 0.03 -4.64
C LEU D 334 -28.68 -0.41 -4.33
N ALA D 335 -28.91 -1.00 -3.15
CA ALA D 335 -30.24 -1.45 -2.75
C ALA D 335 -31.17 -0.25 -2.56
N LEU D 336 -30.66 0.80 -1.95
CA LEU D 336 -31.42 2.04 -1.82
C LEU D 336 -31.81 2.63 -3.18
N ALA D 337 -30.89 2.55 -4.14
CA ALA D 337 -31.15 3.00 -5.51
C ALA D 337 -32.22 2.10 -6.12
N HIS D 338 -32.16 0.82 -5.79
CA HIS D 338 -33.14 -0.15 -6.26
C HIS D 338 -34.55 0.15 -5.74
N PHE D 339 -34.63 0.61 -4.50
CA PHE D 339 -35.92 0.94 -3.90
C PHE D 339 -36.34 2.36 -4.24
N LYS D 340 -35.45 3.09 -4.93
CA LYS D 340 -35.64 4.51 -5.22
C LYS D 340 -36.02 5.28 -3.97
N ASP D 341 -35.28 5.04 -2.88
CA ASP D 341 -35.57 5.66 -1.60
C ASP D 341 -35.07 7.12 -1.52
N ALA D 342 -35.98 8.07 -1.77
CA ALA D 342 -35.61 9.49 -1.83
C ALA D 342 -35.15 10.02 -0.47
N SER D 343 -35.59 9.36 0.60
CA SER D 343 -35.21 9.75 1.95
C SER D 343 -33.75 9.47 2.25
N ALA D 344 -33.10 8.66 1.41
CA ALA D 344 -31.64 8.45 1.54
C ALA D 344 -30.79 9.49 0.82
N LEU D 345 -31.40 10.32 -0.04
CA LEU D 345 -30.61 11.26 -0.86
C LEU D 345 -29.68 12.19 -0.05
N PRO D 346 -30.17 12.79 1.06
CA PRO D 346 -29.24 13.64 1.83
C PRO D 346 -28.00 12.87 2.32
N GLU D 347 -28.20 11.71 2.94
CA GLU D 347 -27.06 10.91 3.40
C GLU D 347 -26.11 10.43 2.27
N LEU D 348 -26.68 9.98 1.16
CA LEU D 348 -25.86 9.62 -0.01
C LEU D 348 -25.06 10.83 -0.49
N THR D 349 -25.68 12.02 -0.40
CA THR D 349 -25.03 13.23 -0.87
C THR D 349 -23.82 13.52 0.00
N GLU D 350 -23.97 13.31 1.30
CA GLU D 350 -22.86 13.45 2.24
C GLU D 350 -21.74 12.46 1.90
N LEU D 351 -22.12 11.21 1.64
CA LEU D 351 -21.13 10.16 1.30
C LEU D 351 -20.37 10.49 0.02
N MET D 352 -21.11 10.87 -1.02
CA MET D 352 -20.50 11.31 -2.30
C MET D 352 -19.40 12.31 -2.07
N HIS D 353 -19.62 13.22 -1.12
CA HIS D 353 -18.65 14.26 -0.81
C HIS D 353 -17.55 13.80 0.15
N LYS D 354 -17.95 13.15 1.23
CA LYS D 354 -17.11 13.01 2.41
C LYS D 354 -16.40 11.64 2.58
N ASP D 355 -16.96 10.56 2.05
CA ASP D 355 -16.34 9.26 2.30
C ASP D 355 -14.94 9.14 1.64
N PRO D 356 -13.95 8.59 2.38
CA PRO D 356 -12.57 8.53 1.89
C PRO D 356 -12.34 7.50 0.78
N ARG D 357 -13.36 6.71 0.47
CA ARG D 357 -13.21 5.62 -0.49
C ARG D 357 -13.91 5.93 -1.80
N PRO D 358 -13.14 6.00 -2.90
CA PRO D 358 -13.70 6.31 -4.22
C PRO D 358 -14.88 5.42 -4.61
N VAL D 359 -14.86 4.15 -4.24
CA VAL D 359 -15.95 3.26 -4.61
C VAL D 359 -17.25 3.70 -3.94
N ILE D 360 -17.15 4.14 -2.70
CA ILE D 360 -18.33 4.59 -1.97
C ILE D 360 -18.81 5.96 -2.51
N ARG D 361 -17.90 6.94 -2.65
CA ARG D 361 -18.26 8.23 -3.25
C ARG D 361 -18.95 8.06 -4.61
N GLY D 362 -18.35 7.24 -5.47
CA GLY D 362 -18.88 7.07 -6.81
C GLY D 362 -20.21 6.35 -6.87
N THR D 363 -20.35 5.26 -6.12
CA THR D 363 -21.59 4.50 -6.14
C THR D 363 -22.72 5.35 -5.57
N ALA D 364 -22.43 6.11 -4.53
CA ALA D 364 -23.40 7.04 -3.98
C ALA D 364 -23.87 8.06 -5.03
N ALA D 365 -22.94 8.59 -5.82
CA ALA D 365 -23.27 9.60 -6.84
C ALA D 365 -24.18 8.96 -7.89
N TRP D 366 -23.84 7.74 -8.29
CA TRP D 366 -24.66 6.98 -9.21
C TRP D 366 -26.05 6.69 -8.61
N ALA D 367 -26.09 6.40 -7.31
CA ALA D 367 -27.38 6.08 -6.66
C ALA D 367 -28.31 7.30 -6.63
N ILE D 368 -27.76 8.47 -6.33
CA ILE D 368 -28.53 9.73 -6.38
C ILE D 368 -29.18 9.92 -7.76
N GLY D 369 -28.43 9.64 -8.82
CA GLY D 369 -28.96 9.74 -10.17
C GLY D 369 -30.07 8.73 -10.46
N LYS D 370 -29.85 7.50 -9.98
CA LYS D 370 -30.76 6.38 -10.26
C LYS D 370 -32.08 6.55 -9.54
N ILE D 371 -32.02 7.13 -8.35
CA ILE D 371 -33.19 7.37 -7.50
C ILE D 371 -34.13 8.36 -8.22
N GLY D 372 -33.58 9.28 -8.98
CA GLY D 372 -34.33 10.03 -9.97
C GLY D 372 -35.01 11.32 -9.53
N ASP D 373 -34.52 11.94 -8.46
CA ASP D 373 -35.04 13.23 -8.05
C ASP D 373 -34.13 14.31 -8.63
N PRO D 374 -34.59 14.99 -9.69
CA PRO D 374 -33.70 15.89 -10.46
C PRO D 374 -33.27 17.10 -9.65
N ALA D 375 -33.87 17.33 -8.49
CA ALA D 375 -33.46 18.44 -7.64
C ALA D 375 -31.99 18.28 -7.20
N TYR D 376 -31.47 17.05 -7.22
CA TYR D 376 -30.08 16.82 -6.81
C TYR D 376 -29.10 16.98 -7.98
N ALA D 377 -29.62 17.27 -9.16
CA ALA D 377 -28.78 17.40 -10.36
C ALA D 377 -27.70 18.44 -10.17
N GLU D 378 -28.07 19.60 -9.63
CA GLU D 378 -27.10 20.68 -9.45
C GLU D 378 -25.98 20.27 -8.51
N GLU D 379 -26.30 19.60 -7.40
CA GLU D 379 -25.26 19.23 -6.46
C GLU D 379 -24.32 18.17 -7.05
N LEU D 380 -24.85 17.30 -7.91
CA LEU D 380 -23.98 16.37 -8.65
C LEU D 380 -22.98 17.18 -9.54
N GLU D 381 -23.49 18.15 -10.28
CA GLU D 381 -22.67 19.00 -11.16
C GLU D 381 -21.55 19.62 -10.37
N LYS D 382 -21.86 20.06 -9.16
CA LYS D 382 -20.88 20.72 -8.30
C LYS D 382 -19.89 19.73 -7.73
N ALA D 383 -20.37 18.53 -7.42
CA ALA D 383 -19.49 17.49 -6.91
C ALA D 383 -18.47 17.10 -7.98
N LEU D 384 -18.92 17.10 -9.23
CA LEU D 384 -18.09 16.74 -10.37
C LEU D 384 -16.85 17.62 -10.48
N GLU D 385 -17.02 18.91 -10.24
CA GLU D 385 -15.90 19.83 -10.34
C GLU D 385 -14.96 19.74 -9.13
N LYS D 386 -15.38 19.04 -8.08
CA LYS D 386 -14.55 18.97 -6.87
C LYS D 386 -13.89 17.60 -6.68
N GLU D 387 -14.48 16.58 -7.29
CA GLU D 387 -13.97 15.22 -7.18
C GLU D 387 -12.65 15.06 -7.98
N LYS D 388 -11.62 14.47 -7.36
CA LYS D 388 -10.32 14.32 -8.02
C LYS D 388 -10.03 12.89 -8.47
N ASP D 389 -10.72 11.92 -7.88
CA ASP D 389 -10.58 10.54 -8.35
C ASP D 389 -11.35 10.37 -9.65
N GLU D 390 -10.67 9.92 -10.71
CA GLU D 390 -11.27 9.84 -12.05
C GLU D 390 -12.41 8.81 -12.17
N GLU D 391 -12.33 7.73 -11.41
CA GLU D 391 -13.41 6.74 -11.45
C GLU D 391 -14.67 7.27 -10.76
N ALA D 392 -14.47 7.94 -9.64
CA ALA D 392 -15.57 8.63 -8.98
C ALA D 392 -16.16 9.68 -9.92
N LYS D 393 -15.32 10.47 -10.60
CA LYS D 393 -15.82 11.50 -11.50
C LYS D 393 -16.75 10.87 -12.52
N LEU D 394 -16.32 9.74 -13.04
CA LEU D 394 -17.09 9.01 -14.05
CA LEU D 394 -17.09 9.04 -14.05
C LEU D 394 -18.46 8.62 -13.52
N GLU D 395 -18.50 8.18 -12.27
CA GLU D 395 -19.74 7.78 -11.63
C GLU D 395 -20.68 8.98 -11.41
N ILE D 396 -20.12 10.15 -11.09
CA ILE D 396 -20.93 11.37 -10.95
C ILE D 396 -21.52 11.74 -12.31
N GLU D 397 -20.72 11.59 -13.36
CA GLU D 397 -21.18 11.86 -14.72
CA GLU D 397 -21.15 11.84 -14.74
C GLU D 397 -22.29 10.90 -15.14
N LYS D 398 -22.23 9.65 -14.66
CA LYS D 398 -23.33 8.71 -14.90
C LYS D 398 -24.58 9.14 -14.17
N GLY D 399 -24.41 9.56 -12.94
CA GLY D 399 -25.52 10.02 -12.12
C GLY D 399 -26.18 11.20 -12.80
N ILE D 400 -25.38 12.15 -13.27
CA ILE D 400 -25.90 13.33 -13.98
C ILE D 400 -26.70 12.91 -15.22
N GLU D 401 -26.12 12.03 -16.03
CA GLU D 401 -26.79 11.47 -17.20
C GLU D 401 -28.17 10.91 -16.87
N LEU D 402 -28.25 10.15 -15.77
CA LEU D 402 -29.51 9.54 -15.33
C LEU D 402 -30.57 10.56 -14.91
N LEU D 403 -30.16 11.59 -14.18
CA LEU D 403 -31.10 12.62 -13.76
C LEU D 403 -31.59 13.47 -14.93
N LYS D 404 -30.75 13.68 -15.94
CA LYS D 404 -31.13 14.49 -17.12
C LYS D 404 -31.92 13.65 -18.12
N ALA D 405 -31.74 12.33 -18.06
CA ALA D 405 -32.62 11.37 -18.74
C ALA D 405 -33.62 10.78 -17.74
FE1 SF4 G . 6.74 15.67 -9.23
FE2 SF4 G . 5.63 15.52 -11.73
FE3 SF4 G . 8.05 16.74 -11.38
FE4 SF4 G . 5.79 17.93 -10.47
S1 SF4 G . 6.30 17.50 -12.63
S2 SF4 G . 7.77 17.70 -9.34
S3 SF4 G . 4.57 16.13 -9.81
S4 SF4 G . 7.56 14.54 -11.02
FE1 SF4 H . 12.14 10.38 -1.73
FE2 SF4 H . 13.14 12.62 -2.94
FE3 SF4 H . 14.84 10.55 -2.38
FE4 SF4 H . 13.82 12.04 -0.34
S1 SF4 H . 15.20 12.77 -2.01
S2 SF4 H . 13.94 9.77 -0.44
S3 SF4 H . 11.74 12.53 -1.16
S4 SF4 H . 13.07 10.50 -3.82
CO B12 I . 17.63 20.33 1.44
N21 B12 I . 17.76 21.70 0.16
N22 B12 I . 17.48 19.08 0.00
N23 B12 I . 17.05 19.12 2.80
N24 B12 I . 17.52 21.77 2.66
C1 B12 I . 17.33 23.00 0.59
C20 B12 I . 15.82 22.96 0.67
C2 B12 I . 17.93 23.98 -0.50
C25 B12 I . 17.06 25.24 -0.70
C26 B12 I . 19.41 24.39 -0.20
C27 B12 I . 19.98 25.47 -1.15
O28 B12 I . 20.32 25.13 -2.28
N29 B12 I . 20.09 26.73 -0.72
C3 B12 I . 18.02 23.06 -1.76
C30 B12 I . 16.77 23.09 -2.66
C31 B12 I . 16.91 23.92 -3.94
C32 B12 I . 15.66 23.86 -4.78
O34 B12 I . 14.55 23.66 -4.28
N33 B12 I . 15.84 24.04 -6.09
C4 B12 I . 18.11 21.70 -1.09
C5 B12 I . 18.47 20.43 -1.80
C35 B12 I . 19.24 20.63 -3.07
C6 B12 I . 18.04 19.22 -1.28
C7 B12 I . 18.12 17.84 -1.94
C36 B12 I . 17.64 17.83 -3.41
C37 B12 I . 19.57 17.32 -1.76
C38 B12 I . 19.74 15.89 -2.30
O39 B12 I . 19.67 14.91 -1.55
N40 B12 I . 19.98 15.80 -3.60
C8 B12 I . 17.12 17.00 -1.10
C41 B12 I . 15.70 17.10 -1.67
C42 B12 I . 14.59 16.53 -0.76
C43 B12 I . 13.21 17.04 -1.11
O44 B12 I . 12.78 18.10 -0.64
N45 B12 I . 12.50 16.28 -1.92
C9 B12 I . 17.17 17.76 0.21
C10 B12 I . 16.89 17.12 1.43
C11 B12 I . 16.86 17.78 2.68
C12 B12 I . 16.54 17.11 4.00
C46 B12 I . 17.79 16.74 4.82
C47 B12 I . 15.66 15.86 3.83
C13 B12 I . 15.82 18.31 4.69
C48 B12 I . 14.31 18.48 4.43
C49 B12 I . 13.91 18.88 3.00
C50 B12 I . 12.50 19.42 2.97
O51 B12 I . 12.05 20.05 3.92
N52 B12 I . 11.79 19.17 1.87
C14 B12 I . 16.55 19.49 4.07
C15 B12 I . 16.72 20.68 4.72
C53 B12 I . 16.35 20.83 6.17
C16 B12 I . 17.12 21.92 3.90
C17 B12 I . 17.10 23.38 4.36
C54 B12 I . 18.33 23.61 5.26
C55 B12 I . 15.81 23.88 5.06
C56 B12 I . 14.55 23.24 4.44
C57 B12 I . 13.29 23.58 5.21
O58 B12 I . 13.22 24.58 5.92
N59 B12 I . 12.27 22.73 5.05
C18 B12 I . 17.21 24.09 3.00
C60 B12 I . 17.99 25.43 3.02
C61 B12 I . 17.21 26.55 3.68
O63 B12 I . 16.07 26.82 3.32
N62 B12 I . 17.82 27.19 4.67
C19 B12 I . 17.86 23.08 2.05
C1P B12 I . 10.99 22.89 5.71
C2P B12 I . 9.76 23.06 4.75
C3P B12 I . 8.51 23.05 5.57
O3 B12 I . 9.85 24.32 4.12
O4 B12 I . 12.05 25.38 3.16
O5 B12 I . 10.90 23.47 1.96
P B12 I . 10.78 24.72 2.82
O2 B12 I . 9.77 25.64 1.98
C3R B12 I . 8.61 25.27 1.25
C2R B12 I . 7.47 24.66 2.07
O7R B12 I . 7.37 25.32 3.33
C1R B12 I . 6.26 24.99 1.16
O6R B12 I . 6.64 26.10 0.35
C4R B12 I . 7.97 26.53 0.70
C5R B12 I . 8.64 27.13 -0.52
O8R B12 I . 8.83 26.15 -1.55
N1B B12 I . 5.03 25.34 1.88
C8B B12 I . 3.83 24.69 1.73
C2B B12 I . 4.77 26.47 2.61
N3B B12 I . 3.52 26.60 2.96
C9B B12 I . 2.90 25.48 2.40
C4B B12 I . 1.56 25.08 2.44
C5B B12 I . 1.17 23.90 1.83
C5M B12 I . -0.28 23.48 1.89
C6B B12 I . 2.13 23.11 1.15
C6M B12 I . 1.73 21.80 0.50
C7B B12 I . 3.46 23.50 1.11
C1 GOL J . 22.60 21.28 5.50
O1 GOL J . 22.32 22.52 6.12
C2 GOL J . 21.33 20.81 4.83
O2 GOL J . 21.32 21.32 3.52
C3 GOL J . 21.33 19.27 4.76
O3 GOL J . 22.45 18.89 3.98
P PO4 K . 31.39 30.60 -11.87
O1 PO4 K . 32.44 29.60 -12.27
O2 PO4 K . 32.01 31.92 -11.53
O3 PO4 K . 30.39 30.74 -12.99
O4 PO4 K . 30.66 30.09 -10.63
FE1 SF4 L . -18.30 -1.18 -42.99
FE2 SF4 L . -19.41 -1.23 -45.49
FE3 SF4 L . -16.99 -0.05 -45.12
FE4 SF4 L . -19.26 1.13 -44.13
S1 SF4 L . -18.76 0.78 -46.33
S2 SF4 L . -17.26 0.85 -43.04
S3 SF4 L . -20.47 -0.69 -43.54
S4 SF4 L . -17.48 -2.25 -44.84
FE1 SF4 M . -12.74 -6.37 -35.53
FE2 SF4 M . -11.75 -4.12 -36.77
FE3 SF4 M . -10.08 -6.19 -36.25
FE4 SF4 M . -11.09 -4.74 -34.15
S1 SF4 M . -9.70 -3.99 -35.81
S2 SF4 M . -10.96 -7.02 -34.28
S3 SF4 M . -13.15 -4.22 -34.93
S4 SF4 M . -11.88 -6.20 -37.64
CO B12 N . -7.26 3.53 -32.42
N21 B12 N . -7.12 4.90 -33.70
N22 B12 N . -7.32 2.26 -33.85
N23 B12 N . -7.67 2.29 -31.02
N24 B12 N . -7.26 4.97 -31.19
C1 B12 N . -7.50 6.22 -33.25
C20 B12 N . -9.02 6.25 -33.12
C2 B12 N . -6.92 7.19 -34.37
C25 B12 N . -7.83 8.42 -34.57
C26 B12 N . -5.45 7.63 -34.11
C27 B12 N . -4.90 8.68 -35.10
O28 B12 N . -4.62 8.33 -36.25
N29 B12 N . -4.77 9.93 -34.67
C3 B12 N . -6.88 6.23 -35.62
C30 B12 N . -8.17 6.33 -36.46
C31 B12 N . -8.01 7.14 -37.75
C32 B12 N . -9.27 7.13 -38.59
O34 B12 N . -10.38 6.90 -38.08
N33 B12 N . -9.11 7.37 -39.87
C4 B12 N . -6.79 4.88 -34.95
C5 B12 N . -6.41 3.62 -35.64
C35 B12 N . -5.67 3.83 -36.93
C6 B12 N . -6.81 2.39 -35.13
C7 B12 N . -6.74 1.01 -35.80
C36 B12 N . -7.22 1.00 -37.27
C37 B12 N . -5.30 0.47 -35.63
C38 B12 N . -5.19 -0.93 -36.21
O39 B12 N . -5.32 -1.93 -35.49
N40 B12 N . -4.91 -1.00 -37.50
C8 B12 N . -7.74 0.19 -34.95
C41 B12 N . -9.18 0.30 -35.49
C42 B12 N . -10.26 -0.38 -34.64
C43 B12 N . -11.63 0.23 -34.87
O44 B12 N . -11.91 1.35 -34.43
N45 B12 N . -12.48 -0.49 -35.58
C9 B12 N . -7.64 0.94 -33.65
C10 B12 N . -7.93 0.30 -32.43
C11 B12 N . -7.89 0.97 -31.22
C12 B12 N . -8.24 0.29 -29.92
C46 B12 N . -6.94 -0.14 -29.22
C47 B12 N . -9.15 -0.93 -30.13
C13 B12 N . -8.94 1.48 -29.13
C48 B12 N . -10.47 1.68 -29.30
C49 B12 N . -10.93 2.13 -30.70
C50 B12 N . -12.35 2.69 -30.77
O51 B12 N . -12.82 3.36 -29.84
N52 B12 N . -13.02 2.44 -31.88
C14 B12 N . -8.20 2.69 -29.76
C15 B12 N . -8.05 3.88 -29.12
C53 B12 N . -8.45 4.04 -27.67
C16 B12 N . -7.64 5.12 -29.94
C17 B12 N . -7.64 6.57 -29.47
C54 B12 N . -6.41 6.80 -28.58
C55 B12 N . -8.94 7.04 -28.77
C56 B12 N . -10.20 6.50 -29.43
C57 B12 N . -11.43 6.79 -28.59
O58 B12 N . -11.43 7.72 -27.78
N59 B12 N . -12.48 6.01 -28.78
C18 B12 N . -7.57 7.30 -30.81
C60 B12 N . -6.80 8.64 -30.77
C61 B12 N . -7.63 9.74 -30.13
O63 B12 N . -8.79 9.94 -30.48
N62 B12 N . -7.01 10.47 -29.21
C19 B12 N . -6.95 6.30 -31.78
C1P B12 N . -13.74 6.15 -28.06
C2P B12 N . -14.93 6.08 -29.06
C3P B12 N . -16.22 6.04 -28.28
O3 B12 N . -15.01 7.31 -29.73
O4 B12 N . -12.87 8.53 -30.61
O5 B12 N . -14.03 6.60 -31.81
P B12 N . -14.14 7.88 -30.99
O2 B12 N . -15.23 8.88 -31.66
C3R B12 N . -16.33 8.47 -32.47
C2R B12 N . -17.48 7.86 -31.67
O7R B12 N . -17.63 8.52 -30.41
C1R B12 N . -18.67 8.16 -32.58
O6R B12 N . -18.33 9.30 -33.36
C4R B12 N . -16.97 9.71 -33.09
C5R B12 N . -16.33 10.19 -34.38
O8R B12 N . -16.23 9.13 -35.33
N1B B12 N . -19.91 8.45 -31.86
C8B B12 N . -21.08 7.73 -32.02
C2B B12 N . -20.24 9.59 -31.20
N3B B12 N . -21.51 9.69 -30.90
C9B B12 N . -22.07 8.52 -31.42
C4B B12 N . -23.38 8.05 -31.38
C5B B12 N . -23.70 6.81 -31.93
C5M B12 N . -25.12 6.32 -31.86
C6B B12 N . -22.69 6.03 -32.54
C6M B12 N . -23.01 4.68 -33.14
C7B B12 N . -21.38 6.50 -32.59
C1 GOL O . -2.47 4.11 -28.12
O1 GOL O . -2.15 5.47 -28.15
C2 GOL O . -3.69 3.85 -28.98
O2 GOL O . -3.58 4.58 -30.18
C3 GOL O . -3.62 2.36 -29.31
O3 GOL O . -2.35 2.16 -29.88
P PO4 P . 6.26 13.89 -45.80
O1 PO4 P . 7.30 12.90 -46.20
O2 PO4 P . 6.89 15.22 -45.49
O3 PO4 P . 5.28 14.04 -46.94
O4 PO4 P . 5.55 13.39 -44.54
FE1 SF4 Q . -7.31 -9.69 23.18
FE2 SF4 Q . -9.68 -11.08 23.02
FE3 SF4 Q . -8.43 -10.76 25.45
FE4 SF4 Q . -7.36 -12.41 23.59
S1 SF4 Q . -9.37 -12.67 24.63
S2 SF4 Q . -6.24 -10.85 24.84
S3 SF4 Q . -7.87 -11.30 21.66
S4 SF4 Q . -9.30 -9.12 24.12
FE1 SF4 R . -2.79 -0.03 23.53
FE2 SF4 R . -2.70 -1.77 25.61
FE3 SF4 R . -3.07 0.88 26.10
FE4 SF4 R . -0.65 0.03 25.14
S1 SF4 R . -1.59 -0.50 27.14
S2 SF4 R . -1.85 1.83 24.42
S3 SF4 R . -1.29 -1.70 23.81
S4 SF4 R . -4.47 -0.48 24.95
CO B12 S . 5.35 -3.87 31.05
N21 B12 S . 4.94 -5.34 32.14
N22 B12 S . 3.48 -3.45 30.95
N23 B12 S . 5.90 -2.56 29.77
N24 B12 S . 7.12 -4.54 31.16
C1 B12 S . 5.91 -6.42 32.11
C20 B12 S . 5.83 -7.10 30.76
C2 B12 S . 5.48 -7.31 33.36
C25 B12 S . 5.80 -8.81 33.18
C26 B12 S . 6.12 -6.81 34.69
C27 B12 S . 5.89 -7.75 35.92
O28 B12 S . 4.76 -7.84 36.40
N29 B12 S . 6.94 -8.40 36.41
C3 B12 S . 3.94 -6.99 33.43
C30 B12 S . 3.05 -7.94 32.60
C31 B12 S . 2.49 -9.12 33.39
C32 B12 S . 1.59 -10.04 32.58
O34 B12 S . 1.81 -10.23 31.39
N33 B12 S . 0.61 -10.63 33.24
C4 B12 S . 3.87 -5.62 32.81
C5 B12 S . 2.71 -4.70 32.87
C35 B12 S . 1.79 -4.97 34.04
C6 B12 S . 2.49 -3.79 31.87
C7 B12 S . 1.22 -2.97 31.61
C36 B12 S . -0.11 -3.73 31.70
C37 B12 S . 1.29 -1.76 32.57
C38 B12 S . 0.13 -0.80 32.36
O39 B12 S . 0.26 0.19 31.62
N40 B12 S . -0.99 -1.07 33.00
C8 B12 S . 1.46 -2.55 30.12
C41 B12 S . 0.95 -3.63 29.15
C42 B12 S . 1.17 -3.28 27.68
C43 B12 S . 1.11 -4.50 26.79
O44 B12 S . 2.08 -5.25 26.68
N45 B12 S . -0.04 -4.71 26.15
C9 B12 S . 2.97 -2.56 30.09
C10 B12 S . 3.68 -1.73 29.20
C11 B12 S . 5.09 -1.75 29.10
C12 B12 S . 5.87 -0.86 28.15
C46 B12 S . 6.48 0.31 28.91
C47 B12 S . 5.01 -0.36 26.98
C13 B12 S . 7.02 -1.84 27.72
C48 B12 S . 6.72 -2.78 26.54
C49 B12 S . 5.85 -4.00 26.88
C50 B12 S . 5.83 -5.09 25.83
O51 B12 S . 6.87 -5.46 25.28
N52 B12 S . 4.65 -5.61 25.55
C14 B12 S . 7.11 -2.66 29.05
C15 B12 S . 8.26 -3.29 29.41
C53 B12 S . 9.53 -3.02 28.65
C16 B12 S . 8.22 -4.36 30.46
C17 B12 S . 9.35 -5.33 30.82
C54 B12 S . 10.43 -4.59 31.64
C55 B12 S . 10.01 -6.10 29.66
C56 B12 S . 9.02 -6.56 28.59
C57 B12 S . 9.72 -7.07 27.35
O58 B12 S . 10.84 -7.56 27.42
N59 B12 S . 9.02 -6.98 26.21
C18 B12 S . 8.56 -6.36 31.66
C60 B12 S . 9.37 -6.96 32.83
C61 B12 S . 10.32 -8.02 32.30
O63 B12 S . 9.93 -8.87 31.50
N62 B12 S . 11.57 -7.95 32.73
C19 B12 S . 7.28 -5.65 32.13
C1P B12 S . 9.52 -7.39 24.91
C2P B12 S . 8.62 -8.48 24.23
C3P B12 S . 9.18 -8.77 22.86
O3 B12 S . 8.74 -9.72 24.94
O4 B12 S . 8.63 -9.89 27.56
O5 B12 S . 6.60 -9.36 26.15
P B12 S . 7.90 -10.13 26.30
O2 B12 S . 7.60 -11.70 26.02
C3R B12 S . 6.65 -12.24 25.13
C2R B12 S . 6.99 -12.00 23.67
O7R B12 S . 8.39 -12.17 23.50
C1R B12 S . 6.23 -13.14 22.99
O6R B12 S . 6.12 -14.19 23.95
C4R B12 S . 6.70 -13.77 25.21
C5R B12 S . 5.95 -14.42 26.36
O8R B12 S . 4.68 -13.80 26.56
N1B B12 S . 6.90 -13.69 21.82
C8B B12 S . 6.22 -13.85 20.62
C2B B12 S . 7.95 -14.56 21.78
N3B B12 S . 8.03 -15.25 20.68
C9B B12 S . 6.94 -14.81 19.92
C4B B12 S . 6.51 -15.20 18.66
C5B B12 S . 5.37 -14.64 18.11
C5M B12 S . 4.94 -15.06 16.72
C6B B12 S . 4.63 -13.67 18.83
C6M B12 S . 3.38 -13.06 18.27
C7B B12 S . 5.08 -13.28 20.10
C1 GOL T . 9.92 -0.55 34.03
O1 GOL T . 10.83 -1.57 34.40
C2 GOL T . 8.90 -1.14 33.07
O2 GOL T . 8.12 -2.06 33.79
C3 GOL T . 7.99 0.00 32.64
O3 GOL T . 7.53 0.58 33.83
P PO4 U . 0.27 -10.25 51.12
O1 PO4 U . 1.09 -9.71 49.96
O2 PO4 U . 1.25 -10.76 52.11
O3 PO4 U . -0.65 -11.35 50.65
O4 PO4 U . -0.58 -9.15 51.73
FE1 SF4 V . -31.87 -26.90 -10.55
FE2 SF4 V . -34.21 -28.33 -10.80
FE3 SF4 V . -33.07 -28.00 -8.35
FE4 SF4 V . -31.91 -29.63 -10.15
S1 SF4 V . -33.94 -29.93 -9.19
S2 SF4 V . -30.87 -28.07 -8.87
S3 SF4 V . -32.37 -28.51 -12.10
S4 SF4 V . -33.92 -26.37 -9.68
FE1 SF4 W . -27.48 -17.18 -10.29
FE2 SF4 W . -27.34 -18.93 -8.18
FE3 SF4 W . -27.76 -16.29 -7.68
FE4 SF4 W . -25.31 -17.09 -8.61
S1 SF4 W . -26.30 -17.66 -6.62
S2 SF4 W . -26.53 -15.31 -9.37
S3 SF4 W . -25.92 -18.81 -9.98
S4 SF4 W . -29.15 -17.67 -8.82
CO B12 X . -19.29 -20.94 -2.76
N21 B12 X . -19.72 -22.47 -1.74
N22 B12 X . -21.16 -20.54 -2.87
N23 B12 X . -18.74 -19.69 -4.10
N24 B12 X . -17.53 -21.63 -2.64
C1 B12 X . -18.72 -23.52 -1.72
C20 B12 X . -18.72 -24.22 -3.06
C2 B12 X . -19.14 -24.40 -0.48
C25 B12 X . -18.77 -25.88 -0.64
C26 B12 X . -18.52 -23.86 0.85
C27 B12 X . -18.76 -24.76 2.08
O28 B12 X . -19.89 -24.83 2.55
N29 B12 X . -17.72 -25.42 2.57
C3 B12 X . -20.67 -24.11 -0.38
C30 B12 X . -21.56 -25.10 -1.13
C31 B12 X . -22.13 -26.23 -0.28
C32 B12 X . -23.00 -27.13 -1.12
O34 B12 X . -22.77 -27.29 -2.33
N33 B12 X . -24.01 -27.72 -0.50
C4 B12 X . -20.76 -22.75 -1.04
C5 B12 X . -21.93 -21.86 -0.98
C35 B12 X . -22.85 -22.16 0.17
C6 B12 X . -22.15 -20.92 -1.96
C7 B12 X . -23.41 -20.11 -2.20
C36 B12 X . -24.73 -20.90 -2.14
C37 B12 X . -23.38 -18.92 -1.21
C38 B12 X . -24.56 -17.98 -1.41
O39 B12 X . -24.42 -16.94 -2.07
N40 B12 X . -25.70 -18.30 -0.83
C8 B12 X . -23.18 -19.63 -3.66
C41 B12 X . -23.64 -20.71 -4.66
C42 B12 X . -23.48 -20.32 -6.13
C43 B12 X . -23.54 -21.51 -7.06
O44 B12 X . -22.56 -22.24 -7.21
N45 B12 X . -24.68 -21.69 -7.70
C9 B12 X . -21.66 -19.64 -3.73
C10 B12 X . -20.96 -18.81 -4.65
C11 B12 X . -19.56 -18.83 -4.77
C12 B12 X . -18.80 -17.96 -5.74
C46 B12 X . -18.21 -16.72 -5.04
C47 B12 X . -19.65 -17.51 -6.94
C13 B12 X . -17.63 -18.92 -6.11
C48 B12 X . -17.95 -19.89 -7.27
C49 B12 X . -18.84 -21.09 -6.90
C50 B12 X . -18.80 -22.13 -7.99
O51 B12 X . -17.71 -22.53 -8.44
N52 B12 X . -19.96 -22.59 -8.43
C14 B12 X . -17.54 -19.76 -4.81
C15 B12 X . -16.39 -20.40 -4.44
C53 B12 X . -15.13 -20.18 -5.24
C16 B12 X . -16.43 -21.45 -3.32
C17 B12 X . -15.30 -22.38 -2.91
C54 B12 X . -14.30 -21.57 -2.05
C55 B12 X . -14.55 -23.14 -4.03
C56 B12 X . -15.51 -23.66 -5.10
C57 B12 X . -14.74 -24.05 -6.35
O58 B12 X . -13.58 -24.43 -6.29
N59 B12 X . -15.43 -24.00 -7.49
C18 B12 X . -16.08 -23.42 -2.10
C60 B12 X . -15.24 -23.96 -0.92
C61 B12 X . -14.26 -25.00 -1.42
O63 B12 X . -14.62 -25.90 -2.18
N62 B12 X . -13.00 -24.85 -1.02
C19 B12 X . -17.38 -22.73 -1.66
C1P B12 X . -14.91 -24.45 -8.77
C2P B12 X . -15.83 -25.51 -9.48
C3P B12 X . -15.32 -25.76 -10.86
O3 B12 X . -15.73 -26.74 -8.75
O4 B12 X . -15.85 -26.91 -6.16
O5 B12 X . -17.91 -26.44 -7.54
P B12 X . -16.57 -27.17 -7.43
O2 B12 X . -16.80 -28.70 -7.80
C3R B12 X . -17.78 -29.26 -8.65
C2R B12 X . -17.49 -29.04 -10.13
O7R B12 X . -16.09 -29.16 -10.39
C1R B12 X . -18.28 -30.20 -10.76
O6R B12 X . -18.42 -31.20 -9.78
C4R B12 X . -17.78 -30.79 -8.55
C5R B12 X . -18.52 -31.38 -7.36
O8R B12 X . -19.84 -30.87 -7.22
N1B B12 X . -17.63 -30.78 -11.94
C8B B12 X . -18.24 -30.92 -13.17
C2B B12 X . -16.50 -31.57 -11.97
N3B B12 X . -16.34 -32.18 -13.11
C9B B12 X . -17.43 -31.79 -13.88
C4B B12 X . -17.77 -32.13 -15.19
C5B B12 X . -18.94 -31.61 -15.76
C5M B12 X . -19.30 -32.02 -17.16
C6B B12 X . -19.76 -30.73 -15.02
C6M B12 X . -21.00 -30.15 -15.61
C7B B12 X . -19.39 -30.39 -13.71
C1 GOL Y . -14.77 -17.56 0.47
O1 GOL Y . -13.70 -18.47 0.56
C2 GOL Y . -15.79 -18.12 -0.51
O2 GOL Y . -16.64 -19.04 0.13
C3 GOL Y . -16.61 -16.95 -1.07
O3 GOL Y . -17.34 -16.37 -0.03
P PO4 Z . -24.32 -27.33 17.34
O1 PO4 Z . -23.56 -26.81 16.12
O2 PO4 Z . -23.36 -27.79 18.38
O3 PO4 Z . -25.26 -28.43 16.88
O4 PO4 Z . -25.13 -26.21 17.93
#